data_3DMK
#
_entry.id   3DMK
#
_cell.length_a   118.460
_cell.length_b   177.610
_cell.length_c   434.050
_cell.angle_alpha   90.00
_cell.angle_beta   90.00
_cell.angle_gamma   90.00
#
_symmetry.space_group_name_H-M   'I 2 2 2'
#
loop_
_entity.id
_entity.type
_entity.pdbx_description
1 polymer 'Down Syndrome Cell Adhesion Molecule (DSCAM) isoform 1.30.30, N-terminal eight Ig domains'
2 branched 2-acetamido-2-deoxy-beta-D-glucopyranose-(1-4)-2-acetamido-2-deoxy-beta-D-glucopyranose
3 branched 2-acetamido-2-deoxy-beta-D-glucopyranose-(1-4)-2-acetamido-2-deoxy-beta-D-glucopyranose-(1-4)-2-acetamido-2-deoxy-beta-D-glucopyranose
4 non-polymer GLYCEROL
5 non-polymer 'SULFATE ION'
#
_entity_poly.entity_id   1
_entity_poly.type   'polypeptide(L)'
_entity_poly.pdbx_seq_one_letter_code
;MNMPNERLKWLMLFAAVALIACGSQTLAANPPDADQKGPVFLKEPTNRIDFSNSTGAEIECKASGNPMPEIIWIRSDGTA
VGDVPGLRQISSDGKLVFPPFRAEDYRQEVHAQVYACLARNQFGSIISRDVHVRAVVAQYYEADVNKEHVIRGNSAVIKC
LIPSFVADFVEVVSWHTDEEENYFPGAEYDGKYLVLPSGELHIREVGPEDGYKSYQCRTKHRLTGETRLSATKGRLVITE
PISSAVPKVVSLAKFDMKTYSGSSTMALLCPAQGYPVPVFRWYKFIEGTTRKQAVVLNDRVKQVSGTLIIKDAVVEDSGK
YLCVVNNSVGGESVETVLTVTAPLSAKIDPPTQTVDFGRPAVFTCQYTGNPIKTVSWMKDGKAIGHSESVLRIESVKKED
KGMYQCFVRNDRESAEASAELKLGGRFDPPVIRQAFQEETMEPGPSVFLKCVAGGNPTPEISWELDGKKIANNDRYQVGQ
YVTVNGDVVSYLNITSVHANDGGLYKCIAKSKVGVAEHSAKLNVYGLPYIRQMEKKAIVAGETLIVTCPVAGYPIDSIVW
ERDNRALPINRKQKVFPNGTLIIENVERNSDQATYTCVAKNQEGYSARGSLEVQVMVLPRIIPFAFEEGPAQVGQYLTLH
CSVPGGDLPLNIDWTLDGQAISEDLGITTSRVGRRGSVLTIEAVEASHAGNFTCHARNLAGHQQFTTPLNVYVPPRWILE
PTDKAFAQGSDAKVECKADGFPKPQVTWKKAVGDTPGEYKDLKKSDNIRVEEGTLHVDNIQKTNEGYYLCEAINGIGSGL
SAVIMISVQAHHHHHH
;
_entity_poly.pdbx_strand_id   A,B,C
#
# COMPACT_ATOMS: atom_id res chain seq x y z
N GLN A 36 -5.57 -45.61 11.23
CA GLN A 36 -6.93 -45.72 11.84
C GLN A 36 -7.42 -44.35 12.28
N LYS A 37 -6.48 -43.45 12.59
CA LYS A 37 -6.82 -42.13 13.11
C LYS A 37 -5.73 -41.08 12.82
N GLY A 38 -6.19 -39.89 12.43
CA GLY A 38 -5.30 -38.76 12.19
C GLY A 38 -4.69 -38.23 13.47
N PRO A 39 -3.60 -37.45 13.35
CA PRO A 39 -2.88 -37.00 14.55
C PRO A 39 -3.68 -36.01 15.36
N VAL A 40 -3.40 -35.96 16.67
CA VAL A 40 -4.02 -34.99 17.57
C VAL A 40 -3.03 -34.64 18.69
N PHE A 41 -2.93 -33.35 19.00
CA PHE A 41 -1.97 -32.88 19.99
C PHE A 41 -2.40 -33.26 21.40
N LEU A 42 -1.55 -34.00 22.10
CA LEU A 42 -1.84 -34.33 23.50
C LEU A 42 -1.11 -33.37 24.43
N LYS A 43 -0.01 -32.79 23.97
CA LYS A 43 0.77 -31.85 24.77
C LYS A 43 1.60 -30.90 23.89
N GLU A 44 1.17 -29.64 23.85
CA GLU A 44 1.90 -28.59 23.11
C GLU A 44 2.81 -27.84 24.07
N PRO A 45 3.81 -27.13 23.53
CA PRO A 45 4.60 -26.22 24.37
C PRO A 45 3.84 -24.93 24.66
N THR A 46 4.30 -24.20 25.67
CA THR A 46 3.67 -22.91 26.04
C THR A 46 3.98 -21.83 24.99
N ASN A 47 3.21 -20.75 25.03
CA ASN A 47 3.41 -19.62 24.13
C ASN A 47 4.75 -18.93 24.35
N ARG A 48 5.16 -18.86 25.62
CA ARG A 48 6.40 -18.19 26.00
C ARG A 48 7.34 -19.16 26.69
N ILE A 49 8.57 -19.25 26.18
CA ILE A 49 9.64 -19.92 26.89
C ILE A 49 10.85 -19.00 26.99
N ASP A 50 11.02 -18.44 28.18
CA ASP A 50 12.14 -17.55 28.47
C ASP A 50 13.12 -18.31 29.34
N PHE A 51 14.42 -18.16 29.08
CA PHE A 51 15.43 -18.80 29.95
C PHE A 51 16.83 -18.17 29.83
N SER A 52 17.65 -18.43 30.85
CA SER A 52 19.00 -17.86 30.94
C SER A 52 20.05 -18.81 30.38
N ASN A 53 21.13 -18.24 29.86
CA ASN A 53 22.20 -19.00 29.20
C ASN A 53 22.89 -20.02 30.11
N SER A 54 22.84 -19.79 31.43
CA SER A 54 23.38 -20.73 32.41
C SER A 54 22.35 -21.79 32.83
N THR A 55 21.06 -21.51 32.62
CA THR A 55 19.99 -22.43 33.05
C THR A 55 19.66 -23.43 31.96
N GLY A 56 19.53 -22.93 30.72
CA GLY A 56 19.11 -23.77 29.60
C GLY A 56 17.62 -24.05 29.64
N ALA A 57 17.11 -24.66 28.57
CA ALA A 57 15.68 -24.96 28.49
C ALA A 57 15.37 -26.10 27.52
N GLU A 58 14.29 -26.82 27.79
CA GLU A 58 13.78 -27.87 26.90
C GLU A 58 12.27 -27.69 26.68
N ILE A 59 11.82 -27.92 25.45
CA ILE A 59 10.39 -27.87 25.14
C ILE A 59 9.93 -29.19 24.49
N GLU A 60 9.01 -29.86 25.19
CA GLU A 60 8.56 -31.18 24.83
C GLU A 60 7.23 -31.07 24.08
N CYS A 61 7.14 -31.66 22.89
CA CYS A 61 5.88 -31.68 22.15
C CYS A 61 5.41 -33.12 21.91
N LYS A 62 4.35 -33.53 22.60
CA LYS A 62 3.84 -34.89 22.51
C LYS A 62 2.52 -34.94 21.72
N ALA A 63 2.51 -35.78 20.68
CA ALA A 63 1.35 -35.93 19.79
C ALA A 63 0.89 -37.38 19.72
N SER A 64 -0.42 -37.57 19.68
CA SER A 64 -1.04 -38.90 19.55
C SER A 64 -1.61 -39.12 18.16
N GLY A 65 -1.67 -40.37 17.73
CA GLY A 65 -2.25 -40.70 16.42
C GLY A 65 -2.23 -42.18 16.06
N ASN A 66 -2.64 -42.48 14.83
CA ASN A 66 -2.65 -43.85 14.31
C ASN A 66 -2.71 -43.84 12.77
N PRO A 67 -1.56 -44.10 12.10
CA PRO A 67 -0.27 -44.51 12.64
C PRO A 67 0.39 -43.49 13.55
N MET A 68 1.32 -43.98 14.38
CA MET A 68 2.08 -43.16 15.31
C MET A 68 2.84 -42.09 14.53
N PRO A 69 2.47 -40.81 14.75
CA PRO A 69 3.04 -39.74 13.94
C PRO A 69 4.47 -39.38 14.35
N GLU A 70 5.24 -38.90 13.39
CA GLU A 70 6.55 -38.32 13.66
C GLU A 70 6.37 -36.87 14.09
N ILE A 71 7.32 -36.35 14.86
CA ILE A 71 7.26 -35.00 15.38
C ILE A 71 8.44 -34.19 14.82
N ILE A 72 8.18 -33.42 13.77
CA ILE A 72 9.18 -32.52 13.20
C ILE A 72 8.94 -31.10 13.69
N TRP A 73 10.00 -30.42 14.09
CA TRP A 73 9.89 -29.05 14.57
C TRP A 73 10.07 -28.07 13.41
N ILE A 74 9.18 -27.08 13.31
CA ILE A 74 9.24 -26.09 12.24
C ILE A 74 9.57 -24.67 12.70
N ARG A 75 9.98 -23.85 11.72
CA ARG A 75 10.42 -22.48 11.94
C ARG A 75 9.33 -21.50 11.46
N SER A 76 9.47 -20.24 11.87
CA SER A 76 8.54 -19.16 11.52
C SER A 76 8.00 -19.19 10.08
N ASP A 77 8.90 -19.31 9.11
CA ASP A 77 8.53 -19.25 7.69
C ASP A 77 7.79 -20.49 7.17
N GLY A 78 7.97 -21.63 7.84
CA GLY A 78 7.38 -22.89 7.39
C GLY A 78 8.38 -24.00 7.16
N THR A 79 9.67 -23.65 7.05
CA THR A 79 10.72 -24.65 6.89
C THR A 79 10.93 -25.43 8.20
N ALA A 80 11.31 -26.69 8.08
CA ALA A 80 11.58 -27.53 9.25
C ALA A 80 12.93 -27.15 9.87
N VAL A 81 12.95 -26.92 11.18
CA VAL A 81 14.16 -26.47 11.87
C VAL A 81 15.19 -27.58 11.97
N GLY A 82 16.46 -27.20 11.75
CA GLY A 82 17.58 -28.14 11.83
C GLY A 82 18.29 -28.06 13.17
N ASP A 83 19.42 -28.75 13.26
CA ASP A 83 20.21 -28.81 14.50
C ASP A 83 21.38 -27.84 14.46
N VAL A 84 21.86 -27.47 15.66
CA VAL A 84 23.06 -26.65 15.83
C VAL A 84 23.84 -27.16 17.05
N PRO A 85 24.88 -27.98 16.81
CA PRO A 85 25.64 -28.62 17.90
C PRO A 85 26.08 -27.65 19.00
N GLY A 86 25.49 -27.82 20.18
CA GLY A 86 25.81 -26.98 21.33
C GLY A 86 24.69 -26.03 21.70
N LEU A 87 24.03 -25.44 20.69
CA LEU A 87 23.02 -24.41 20.94
C LEU A 87 21.59 -24.94 20.89
N ARG A 88 21.27 -25.68 19.81
CA ARG A 88 19.92 -26.23 19.62
C ARG A 88 20.02 -27.65 19.10
N GLN A 89 19.30 -28.57 19.75
CA GLN A 89 19.32 -29.98 19.37
C GLN A 89 17.91 -30.55 19.35
N ILE A 90 17.59 -31.29 18.29
CA ILE A 90 16.32 -32.00 18.18
C ILE A 90 16.50 -33.42 18.70
N SER A 91 15.85 -33.72 19.83
CA SER A 91 16.00 -35.03 20.49
C SER A 91 14.79 -35.93 20.27
N SER A 92 14.76 -37.05 20.98
CA SER A 92 13.67 -38.02 20.89
C SER A 92 12.38 -37.49 21.54
N ASP A 93 11.29 -38.23 21.34
CA ASP A 93 9.97 -37.90 21.92
C ASP A 93 9.50 -36.49 21.54
N GLY A 94 9.96 -35.98 20.40
CA GLY A 94 9.67 -34.60 19.98
C GLY A 94 10.14 -33.53 20.95
N LYS A 95 11.24 -33.81 21.65
CA LYS A 95 11.80 -32.86 22.60
C LYS A 95 12.82 -31.97 21.90
N LEU A 96 12.51 -30.68 21.78
CA LEU A 96 13.45 -29.70 21.24
C LEU A 96 14.24 -29.10 22.40
N VAL A 97 15.55 -29.32 22.40
CA VAL A 97 16.40 -28.96 23.52
C VAL A 97 17.30 -27.77 23.20
N PHE A 98 17.33 -26.79 24.11
CA PHE A 98 18.25 -25.66 24.06
C PHE A 98 19.16 -25.76 25.28
N PRO A 99 20.32 -26.44 25.14
CA PRO A 99 21.18 -26.62 26.31
C PRO A 99 21.86 -25.34 26.77
N PRO A 100 22.50 -25.37 27.96
CA PRO A 100 23.24 -24.23 28.49
C PRO A 100 24.37 -23.79 27.55
N PHE A 101 24.72 -22.51 27.59
CA PHE A 101 25.75 -21.97 26.70
C PHE A 101 26.37 -20.67 27.22
N ARG A 102 27.44 -20.25 26.56
CA ARG A 102 28.22 -19.07 26.97
C ARG A 102 27.80 -17.88 26.13
N ALA A 103 28.06 -16.68 26.64
CA ALA A 103 27.65 -15.43 25.97
C ALA A 103 28.09 -15.41 24.51
N GLU A 104 29.38 -15.68 24.28
CA GLU A 104 29.94 -15.76 22.93
C GLU A 104 29.16 -16.72 22.01
N ASP A 105 28.62 -17.79 22.59
CA ASP A 105 27.87 -18.79 21.83
C ASP A 105 26.44 -18.35 21.47
N TYR A 106 25.94 -17.28 22.08
CA TYR A 106 24.57 -16.81 21.80
C TYR A 106 24.40 -16.42 20.34
N ARG A 107 23.31 -16.89 19.73
CA ARG A 107 23.02 -16.57 18.33
C ARG A 107 21.53 -16.34 18.11
N GLN A 108 21.20 -15.14 17.65
CA GLN A 108 19.82 -14.68 17.46
C GLN A 108 18.97 -15.72 16.74
N GLU A 109 19.48 -16.20 15.61
CA GLU A 109 18.79 -17.21 14.80
C GLU A 109 18.20 -18.35 15.63
N VAL A 110 18.92 -18.76 16.68
CA VAL A 110 18.52 -19.91 17.50
C VAL A 110 17.88 -19.50 18.82
N HIS A 111 18.52 -18.57 19.53
CA HIS A 111 18.12 -18.22 20.90
C HIS A 111 17.10 -17.07 21.02
N ALA A 112 16.62 -16.55 19.89
CA ALA A 112 15.57 -15.51 19.89
C ALA A 112 14.67 -15.70 18.68
N GLN A 113 13.91 -16.81 18.69
CA GLN A 113 13.27 -17.32 17.47
C GLN A 113 11.85 -17.83 17.70
N VAL A 114 11.06 -17.82 16.62
CA VAL A 114 9.69 -18.30 16.64
C VAL A 114 9.61 -19.74 16.12
N TYR A 115 9.57 -20.68 17.07
CA TYR A 115 9.50 -22.10 16.74
C TYR A 115 8.06 -22.61 16.80
N ALA A 116 7.84 -23.80 16.24
CA ALA A 116 6.53 -24.44 16.29
C ALA A 116 6.67 -25.94 16.07
N CYS A 117 5.93 -26.73 16.86
CA CYS A 117 5.96 -28.18 16.74
C CYS A 117 4.99 -28.66 15.68
N LEU A 118 5.44 -29.54 14.79
CA LEU A 118 4.59 -30.12 13.75
C LEU A 118 4.55 -31.65 13.88
N ALA A 119 3.40 -32.16 14.33
CA ALA A 119 3.19 -33.60 14.43
C ALA A 119 2.43 -34.07 13.20
N ARG A 120 2.83 -35.21 12.65
CA ARG A 120 2.29 -35.67 11.37
C ARG A 120 2.44 -37.18 11.18
N ASN A 121 1.40 -37.79 10.61
CA ASN A 121 1.49 -39.18 10.13
C ASN A 121 1.06 -39.24 8.67
N GLN A 122 1.22 -40.41 8.06
CA GLN A 122 0.84 -40.64 6.67
C GLN A 122 -0.64 -40.28 6.38
N PHE A 123 -1.45 -40.22 7.42
CA PHE A 123 -2.86 -39.85 7.28
C PHE A 123 -3.04 -38.34 7.15
N GLY A 124 -2.19 -37.57 7.84
CA GLY A 124 -2.31 -36.11 7.84
C GLY A 124 -1.32 -35.37 8.72
N SER A 125 -1.44 -34.04 8.75
CA SER A 125 -0.47 -33.16 9.41
C SER A 125 -1.14 -32.13 10.32
N ILE A 126 -0.47 -31.79 11.43
CA ILE A 126 -0.92 -30.70 12.31
C ILE A 126 0.25 -29.94 12.92
N ILE A 127 0.23 -28.62 12.76
CA ILE A 127 1.25 -27.74 13.34
C ILE A 127 0.70 -27.05 14.59
N SER A 128 1.49 -27.06 15.65
CA SER A 128 1.08 -26.56 16.96
C SER A 128 0.93 -25.05 16.95
N ARG A 129 0.50 -24.51 18.09
CA ARG A 129 0.55 -23.07 18.29
C ARG A 129 1.98 -22.58 18.22
N ASP A 130 2.14 -21.27 18.10
CA ASP A 130 3.47 -20.66 18.04
C ASP A 130 4.14 -20.76 19.41
N VAL A 131 5.42 -21.14 19.39
CA VAL A 131 6.25 -21.18 20.59
C VAL A 131 7.35 -20.13 20.46
N HIS A 132 7.27 -19.07 21.27
CA HIS A 132 8.29 -18.04 21.29
C HIS A 132 9.43 -18.49 22.19
N VAL A 133 10.60 -18.75 21.60
CA VAL A 133 11.78 -19.07 22.39
C VAL A 133 12.65 -17.83 22.54
N ARG A 134 12.87 -17.45 23.80
CA ARG A 134 13.67 -16.27 24.15
C ARG A 134 14.73 -16.65 25.19
N ALA A 135 15.88 -17.04 24.69
CA ALA A 135 17.04 -17.24 25.54
C ALA A 135 17.62 -15.85 25.77
N VAL A 136 17.91 -15.53 27.03
CA VAL A 136 18.52 -14.24 27.37
C VAL A 136 19.76 -14.48 28.23
N VAL A 137 20.91 -14.01 27.75
CA VAL A 137 22.16 -14.24 28.48
C VAL A 137 22.16 -13.43 29.77
N ALA A 138 22.47 -14.11 30.88
CA ALA A 138 22.47 -13.46 32.20
C ALA A 138 23.41 -12.26 32.20
N GLN A 139 22.84 -11.08 31.98
CA GLN A 139 23.61 -9.85 31.86
C GLN A 139 23.39 -8.99 33.10
N TYR A 140 24.31 -8.06 33.35
CA TYR A 140 24.23 -7.19 34.52
C TYR A 140 23.25 -6.04 34.33
N TYR A 141 22.56 -5.69 35.42
CA TYR A 141 21.64 -4.55 35.46
C TYR A 141 21.65 -3.90 36.85
N GLU A 142 21.45 -2.59 36.89
CA GLU A 142 21.33 -1.88 38.16
C GLU A 142 20.14 -0.94 38.17
N ALA A 143 19.24 -1.15 39.14
CA ALA A 143 18.05 -0.33 39.29
C ALA A 143 18.42 1.00 39.93
N ASP A 144 17.73 2.06 39.53
CA ASP A 144 17.95 3.38 40.11
C ASP A 144 16.71 3.87 40.83
N VAL A 145 16.90 4.71 41.85
CA VAL A 145 15.79 5.45 42.47
C VAL A 145 16.23 6.89 42.64
N ASN A 146 15.58 7.79 41.91
CA ASN A 146 15.99 9.20 41.87
C ASN A 146 15.15 10.10 42.78
N LYS A 147 15.61 11.35 42.94
CA LYS A 147 14.93 12.34 43.76
C LYS A 147 13.50 12.55 43.26
N GLU A 148 12.55 12.59 44.18
CA GLU A 148 11.17 12.90 43.83
C GLU A 148 10.73 14.17 44.55
N HIS A 149 10.25 15.15 43.78
CA HIS A 149 9.87 16.45 44.34
C HIS A 149 8.37 16.49 44.62
N VAL A 150 8.00 16.93 45.82
CA VAL A 150 6.60 17.01 46.21
C VAL A 150 6.27 18.33 46.89
N ILE A 151 5.07 18.83 46.63
CA ILE A 151 4.57 20.01 47.32
C ILE A 151 3.90 19.55 48.61
N ARG A 152 4.52 19.91 49.73
CA ARG A 152 4.07 19.51 51.05
C ARG A 152 2.56 19.40 51.09
N GLY A 153 2.06 18.19 51.33
CA GLY A 153 0.62 17.97 51.39
C GLY A 153 0.14 16.95 50.37
N ASN A 154 0.64 17.07 49.15
CA ASN A 154 0.27 16.13 48.09
C ASN A 154 0.82 14.73 48.40
N SER A 155 0.30 13.73 47.70
CA SER A 155 0.78 12.35 47.86
C SER A 155 1.89 12.05 46.85
N ALA A 156 2.85 11.22 47.27
CA ALA A 156 4.04 10.91 46.47
C ALA A 156 4.02 9.50 45.91
N VAL A 157 4.69 9.31 44.77
CA VAL A 157 4.91 8.00 44.17
C VAL A 157 6.39 7.84 43.81
N ILE A 158 7.12 7.14 44.67
CA ILE A 158 8.54 6.90 44.46
C ILE A 158 8.69 5.73 43.50
N LYS A 159 9.27 6.01 42.33
CA LYS A 159 9.35 5.03 41.25
C LYS A 159 10.74 4.37 41.25
N CYS A 160 10.75 3.06 41.04
CA CYS A 160 11.98 2.28 40.95
C CYS A 160 12.34 2.06 39.49
N LEU A 161 13.26 2.88 38.98
CA LEU A 161 13.62 2.85 37.57
C LEU A 161 14.46 1.64 37.22
N ILE A 162 13.88 0.77 36.39
CA ILE A 162 14.59 -0.39 35.86
C ILE A 162 14.93 -0.12 34.39
N PRO A 163 16.13 -0.51 33.94
CA PRO A 163 16.49 -0.40 32.53
C PRO A 163 15.45 -1.07 31.63
N SER A 164 14.85 -0.28 30.76
CA SER A 164 13.78 -0.73 29.88
C SER A 164 14.12 -2.05 29.18
N PHE A 165 15.36 -2.16 28.72
CA PHE A 165 15.79 -3.35 27.97
C PHE A 165 15.86 -4.64 28.80
N VAL A 166 15.80 -4.54 30.13
CA VAL A 166 15.67 -5.72 30.99
C VAL A 166 14.33 -5.78 31.75
N ALA A 167 13.49 -4.77 31.58
CA ALA A 167 12.16 -4.75 32.21
C ALA A 167 11.48 -6.12 32.20
N ASP A 168 11.34 -6.71 31.02
CA ASP A 168 10.62 -7.98 30.84
C ASP A 168 11.01 -9.06 31.86
N PHE A 169 12.23 -8.99 32.36
CA PHE A 169 12.74 -10.03 33.24
C PHE A 169 13.05 -9.54 34.65
N VAL A 170 12.78 -8.28 34.94
CA VAL A 170 13.09 -7.72 36.25
C VAL A 170 11.88 -7.02 36.82
N GLU A 171 11.54 -7.30 38.07
CA GLU A 171 10.42 -6.59 38.73
C GLU A 171 10.72 -6.23 40.18
N VAL A 172 9.94 -5.30 40.72
CA VAL A 172 10.14 -4.82 42.08
C VAL A 172 9.63 -5.85 43.08
N VAL A 173 10.38 -6.03 44.16
CA VAL A 173 10.05 -7.03 45.19
C VAL A 173 9.68 -6.36 46.50
N SER A 174 10.53 -5.46 46.97
CA SER A 174 10.29 -4.77 48.23
C SER A 174 11.08 -3.45 48.31
N TRP A 175 10.56 -2.50 49.08
CA TRP A 175 11.23 -1.21 49.28
C TRP A 175 11.89 -1.17 50.65
N HIS A 176 13.00 -0.43 50.74
CA HIS A 176 13.75 -0.33 51.97
C HIS A 176 14.17 1.12 52.22
N THR A 177 14.04 1.56 53.47
CA THR A 177 14.40 2.93 53.88
C THR A 177 15.70 2.93 54.66
N ASP A 178 16.40 4.05 54.66
CA ASP A 178 17.66 4.16 55.42
C ASP A 178 17.47 4.04 56.94
N GLU A 179 16.26 4.30 57.42
CA GLU A 179 15.91 4.06 58.83
C GLU A 179 15.69 2.57 59.13
N GLU A 180 15.90 1.71 58.11
CA GLU A 180 15.69 0.27 58.22
C GLU A 180 14.22 -0.08 58.48
N GLU A 181 13.36 0.37 57.57
CA GLU A 181 11.97 -0.07 57.50
C GLU A 181 11.80 -0.72 56.14
N ASN A 182 11.07 -1.82 56.08
CA ASN A 182 10.90 -2.58 54.84
C ASN A 182 9.44 -2.67 54.41
N TYR A 183 9.10 -2.00 53.31
CA TYR A 183 7.72 -2.01 52.81
C TYR A 183 7.58 -3.02 51.67
N PHE A 184 6.82 -4.09 51.93
CA PHE A 184 6.53 -5.13 50.94
C PHE A 184 5.21 -4.85 50.24
N PRO A 185 4.87 -5.66 49.22
CA PRO A 185 3.52 -5.54 48.64
C PRO A 185 2.46 -6.19 49.54
N GLY A 186 1.23 -5.72 49.41
CA GLY A 186 0.13 -6.18 50.26
C GLY A 186 -0.67 -4.99 50.74
N ALA A 187 -1.24 -5.10 51.94
CA ALA A 187 -2.04 -4.01 52.52
C ALA A 187 -1.17 -2.79 52.86
N GLU A 188 -1.81 -1.71 53.28
CA GLU A 188 -1.12 -0.45 53.56
C GLU A 188 -0.46 -0.46 54.94
N TYR A 189 0.77 0.06 55.00
CA TYR A 189 1.47 0.22 56.27
C TYR A 189 1.07 1.55 56.91
N ASP A 190 0.88 1.53 58.22
CA ASP A 190 0.63 2.74 59.01
C ASP A 190 -0.35 3.71 58.35
N GLY A 191 -1.26 3.18 57.53
CA GLY A 191 -2.19 3.98 56.73
C GLY A 191 -1.54 5.10 55.91
N LYS A 192 -0.30 4.89 55.48
CA LYS A 192 0.44 5.92 54.76
C LYS A 192 1.24 5.37 53.60
N TYR A 193 2.15 4.43 53.89
CA TYR A 193 3.04 3.84 52.89
C TYR A 193 2.37 2.63 52.26
N LEU A 194 2.41 2.56 50.93
CA LEU A 194 1.81 1.44 50.20
C LEU A 194 2.61 1.13 48.96
N VAL A 195 3.00 -0.13 48.81
CA VAL A 195 3.67 -0.58 47.61
C VAL A 195 2.61 -0.93 46.56
N LEU A 196 2.56 -0.15 45.48
CA LEU A 196 1.61 -0.40 44.40
C LEU A 196 1.96 -1.68 43.64
N PRO A 197 0.96 -2.34 43.06
CA PRO A 197 1.16 -3.58 42.28
C PRO A 197 2.24 -3.44 41.22
N SER A 198 2.27 -2.30 40.55
CA SER A 198 3.23 -2.01 39.48
C SER A 198 4.64 -1.68 39.99
N GLY A 199 4.87 -1.81 41.30
CA GLY A 199 6.23 -1.74 41.85
C GLY A 199 6.58 -0.45 42.58
N GLU A 200 5.85 0.62 42.30
CA GLU A 200 6.14 1.92 42.92
C GLU A 200 5.87 1.89 44.43
N LEU A 201 6.48 2.85 45.13
CA LEU A 201 6.16 3.08 46.55
C LEU A 201 5.29 4.33 46.66
N HIS A 202 4.04 4.13 47.09
CA HIS A 202 3.06 5.21 47.16
C HIS A 202 2.99 5.76 48.57
N ILE A 203 3.53 6.96 48.74
CA ILE A 203 3.52 7.63 50.03
C ILE A 203 2.32 8.57 50.09
N ARG A 204 1.39 8.27 50.99
CA ARG A 204 0.17 9.04 51.12
C ARG A 204 0.44 10.32 51.91
N GLU A 205 -0.03 11.45 51.39
CA GLU A 205 0.02 12.72 52.12
C GLU A 205 1.41 13.01 52.70
N VAL A 206 2.31 13.48 51.82
CA VAL A 206 3.70 13.71 52.20
C VAL A 206 3.85 14.93 53.08
N GLY A 207 4.55 14.76 54.20
CA GLY A 207 4.85 15.85 55.12
C GLY A 207 6.33 15.88 55.49
N PRO A 208 6.82 17.01 56.01
CA PRO A 208 8.22 17.21 56.38
C PRO A 208 8.89 15.98 56.99
N GLU A 209 8.19 15.33 57.92
CA GLU A 209 8.68 14.13 58.62
C GLU A 209 9.09 12.97 57.69
N ASP A 210 9.00 13.17 56.37
CA ASP A 210 9.32 12.13 55.39
C ASP A 210 10.34 12.51 54.32
N GLY A 211 10.88 13.73 54.41
CA GLY A 211 11.99 14.16 53.53
C GLY A 211 13.32 13.71 54.08
N TYR A 212 13.25 13.08 55.25
CA TYR A 212 14.38 12.55 55.99
C TYR A 212 14.83 11.21 55.42
N LYS A 213 13.85 10.32 55.23
CA LYS A 213 14.09 8.94 54.81
C LYS A 213 14.54 8.87 53.35
N SER A 214 15.58 8.06 53.13
CA SER A 214 16.05 7.77 51.79
C SER A 214 15.49 6.42 51.40
N TYR A 215 14.71 6.37 50.32
CA TYR A 215 14.07 5.15 49.88
C TYR A 215 14.86 4.51 48.74
N GLN A 216 14.94 3.17 48.76
CA GLN A 216 15.56 2.43 47.67
C GLN A 216 14.90 1.07 47.44
N CYS A 217 14.79 0.68 46.18
CA CYS A 217 14.02 -0.52 45.80
C CYS A 217 14.93 -1.74 45.68
N ARG A 218 14.31 -2.90 45.84
CA ARG A 218 14.96 -4.20 45.73
C ARG A 218 14.27 -4.96 44.60
N THR A 219 15.02 -5.28 43.55
CA THR A 219 14.47 -5.92 42.36
C THR A 219 14.84 -7.40 42.32
N LYS A 220 14.00 -8.21 41.66
CA LYS A 220 14.35 -9.61 41.37
C LYS A 220 14.31 -9.88 39.88
N HIS A 221 15.36 -10.56 39.41
CA HIS A 221 15.44 -11.02 38.03
C HIS A 221 14.78 -12.38 37.94
N ARG A 222 13.68 -12.47 37.19
CA ARG A 222 12.87 -13.69 37.14
C ARG A 222 13.49 -14.83 36.33
N LEU A 223 14.65 -14.62 35.71
CA LEU A 223 15.35 -15.73 35.03
C LEU A 223 16.59 -16.15 35.82
N THR A 224 17.41 -15.18 36.25
CA THR A 224 18.64 -15.51 36.99
C THR A 224 18.33 -15.86 38.46
N GLY A 225 17.27 -15.26 39.00
CA GLY A 225 16.86 -15.54 40.38
C GLY A 225 17.61 -14.75 41.44
N GLU A 226 18.25 -13.65 41.03
CA GLU A 226 18.96 -12.79 41.96
C GLU A 226 18.11 -11.59 42.30
N THR A 227 18.10 -11.22 43.58
CA THR A 227 17.46 -9.99 44.03
C THR A 227 18.55 -8.99 44.41
N ARG A 228 18.54 -7.83 43.77
CA ARG A 228 19.55 -6.82 44.00
C ARG A 228 18.90 -5.48 44.32
N LEU A 229 19.57 -4.72 45.21
CA LEU A 229 19.13 -3.37 45.57
C LEU A 229 19.51 -2.36 44.50
N SER A 230 18.79 -1.25 44.49
CA SER A 230 19.09 -0.15 43.59
C SER A 230 20.45 0.46 43.89
N ALA A 231 21.18 0.82 42.84
CA ALA A 231 22.49 1.45 42.99
C ALA A 231 22.39 2.90 43.46
N THR A 232 21.21 3.51 43.29
CA THR A 232 20.98 4.90 43.70
C THR A 232 19.74 5.00 44.59
N LYS A 233 19.93 5.65 45.75
CA LYS A 233 18.84 5.88 46.71
C LYS A 233 18.10 7.16 46.40
N GLY A 234 16.78 7.09 46.32
CA GLY A 234 15.96 8.28 46.10
C GLY A 234 15.58 8.92 47.41
N ARG A 235 15.05 10.14 47.33
CA ARG A 235 14.52 10.84 48.49
C ARG A 235 13.40 11.78 48.07
N LEU A 236 12.63 12.22 49.06
CA LEU A 236 11.52 13.15 48.83
C LEU A 236 11.94 14.59 49.11
N VAL A 237 12.10 15.37 48.05
CA VAL A 237 12.31 16.80 48.21
C VAL A 237 10.96 17.45 48.46
N ILE A 238 10.69 17.79 49.72
CA ILE A 238 9.43 18.42 50.10
C ILE A 238 9.57 19.93 50.06
N THR A 239 8.75 20.58 49.25
CA THR A 239 8.75 22.04 49.16
C THR A 239 7.49 22.61 49.77
N GLU A 240 7.64 23.71 50.49
CA GLU A 240 6.54 24.24 51.29
C GLU A 240 5.79 25.31 50.52
N PRO A 241 4.46 25.19 50.47
CA PRO A 241 3.59 25.89 49.55
C PRO A 241 3.37 27.35 49.93
N ILE A 242 3.57 28.25 48.98
CA ILE A 242 3.28 29.66 49.17
C ILE A 242 2.32 30.13 48.10
N SER A 243 2.77 30.04 46.84
CA SER A 243 1.93 30.42 45.71
C SER A 243 0.91 29.32 45.44
N SER A 244 -0.31 29.71 45.09
CA SER A 244 -1.38 28.75 44.79
C SER A 244 -1.15 28.16 43.40
N ALA A 245 -0.62 26.95 43.37
CA ALA A 245 -0.25 26.28 42.13
C ALA A 245 -1.38 25.43 41.56
N VAL A 246 -1.70 25.65 40.29
CA VAL A 246 -2.73 24.87 39.60
C VAL A 246 -2.27 23.42 39.52
N PRO A 247 -3.21 22.47 39.67
CA PRO A 247 -2.82 21.07 39.53
C PRO A 247 -2.24 20.78 38.15
N LYS A 248 -1.05 20.19 38.13
CA LYS A 248 -0.37 19.89 36.88
C LYS A 248 0.04 18.43 36.81
N VAL A 249 -0.07 17.89 35.59
CA VAL A 249 0.37 16.54 35.25
C VAL A 249 1.57 16.62 34.32
N VAL A 250 2.28 15.52 34.17
CA VAL A 250 3.55 15.51 33.45
C VAL A 250 3.36 15.40 31.92
N SER A 251 2.65 16.37 31.34
CA SER A 251 2.39 16.43 29.90
C SER A 251 2.08 15.06 29.27
N LEU A 252 3.12 14.35 28.84
CA LEU A 252 3.01 13.02 28.22
C LEU A 252 2.20 12.05 29.11
N ALA A 253 2.45 12.11 30.41
CA ALA A 253 1.76 11.27 31.39
C ALA A 253 0.26 11.53 31.47
N LYS A 254 -0.26 12.42 30.63
CA LYS A 254 -1.69 12.66 30.54
C LYS A 254 -2.45 11.51 29.86
N PHE A 255 -1.76 10.71 29.03
CA PHE A 255 -2.45 9.59 28.36
C PHE A 255 -1.60 8.31 28.19
N ASP A 256 -2.21 7.16 28.50
CA ASP A 256 -1.53 5.87 28.54
C ASP A 256 -2.49 4.69 28.33
N MET A 257 -1.97 3.62 27.70
CA MET A 257 -2.70 2.36 27.51
C MET A 257 -1.99 1.23 28.27
N LYS A 258 -2.74 0.49 29.08
CA LYS A 258 -2.18 -0.64 29.82
C LYS A 258 -2.91 -1.94 29.47
N THR A 259 -2.16 -3.04 29.50
CA THR A 259 -2.70 -4.36 29.24
C THR A 259 -2.32 -5.25 30.40
N TYR A 260 -3.24 -5.44 31.34
CA TYR A 260 -2.98 -6.23 32.53
C TYR A 260 -3.42 -7.68 32.33
N SER A 261 -2.71 -8.60 32.98
CA SER A 261 -3.07 -10.01 32.96
C SER A 261 -4.35 -10.24 33.77
N GLY A 262 -5.07 -11.31 33.44
CA GLY A 262 -6.34 -11.61 34.08
C GLY A 262 -6.23 -11.86 35.58
N SER A 263 -7.28 -11.51 36.31
CA SER A 263 -7.40 -11.75 37.75
C SER A 263 -6.15 -11.39 38.55
N SER A 264 -5.63 -10.20 38.28
CA SER A 264 -4.53 -9.65 39.03
C SER A 264 -5.01 -8.36 39.72
N THR A 265 -4.09 -7.65 40.35
CA THR A 265 -4.38 -6.36 40.98
C THR A 265 -3.82 -5.24 40.10
N MET A 266 -4.72 -4.44 39.52
CA MET A 266 -4.33 -3.39 38.58
C MET A 266 -4.19 -2.05 39.31
N ALA A 267 -3.22 -1.26 38.86
CA ALA A 267 -2.87 0.00 39.54
C ALA A 267 -2.94 1.18 38.59
N LEU A 268 -4.04 1.92 38.65
CA LEU A 268 -4.19 3.11 37.82
C LEU A 268 -3.76 4.35 38.61
N LEU A 269 -2.82 5.12 38.04
CA LEU A 269 -2.27 6.32 38.67
C LEU A 269 -2.79 7.59 38.02
N CYS A 270 -2.74 8.69 38.76
CA CYS A 270 -3.23 9.99 38.29
C CYS A 270 -2.23 11.10 38.67
N PRO A 271 -1.00 11.03 38.15
CA PRO A 271 0.07 11.91 38.61
C PRO A 271 -0.32 13.37 38.52
N ALA A 272 -0.61 13.98 39.65
CA ALA A 272 -1.01 15.38 39.68
C ALA A 272 -0.63 16.03 40.99
N GLN A 273 0.23 17.04 40.93
CA GLN A 273 0.54 17.82 42.11
C GLN A 273 -0.19 19.15 42.01
N GLY A 274 -0.19 19.91 43.11
CA GLY A 274 -0.75 21.25 43.10
C GLY A 274 -1.03 21.75 44.50
N TYR A 275 -1.34 23.03 44.61
CA TYR A 275 -1.71 23.62 45.90
C TYR A 275 -2.77 24.69 45.71
N PRO A 276 -3.82 24.68 46.55
CA PRO A 276 -4.06 23.74 47.65
C PRO A 276 -4.19 22.29 47.21
N VAL A 277 -4.04 21.38 48.16
CA VAL A 277 -4.04 19.95 47.91
C VAL A 277 -5.30 19.54 47.15
N PRO A 278 -5.14 19.01 45.93
CA PRO A 278 -6.28 18.75 45.05
C PRO A 278 -7.07 17.50 45.42
N VAL A 279 -8.20 17.29 44.75
CA VAL A 279 -9.05 16.13 44.97
C VAL A 279 -9.23 15.33 43.68
N PHE A 280 -9.15 14.01 43.79
CA PHE A 280 -9.16 13.10 42.64
C PHE A 280 -10.45 12.33 42.52
N ARG A 281 -11.09 12.43 41.36
CA ARG A 281 -12.33 11.71 41.06
C ARG A 281 -12.07 10.79 39.88
N TRP A 282 -12.54 9.53 39.95
CA TRP A 282 -12.35 8.58 38.85
C TRP A 282 -13.67 8.26 38.16
N TYR A 283 -13.61 8.17 36.82
CA TYR A 283 -14.76 7.85 35.99
C TYR A 283 -14.36 6.79 34.98
N LYS A 284 -15.33 5.97 34.57
CA LYS A 284 -15.15 5.02 33.49
C LYS A 284 -16.10 5.38 32.37
N PHE A 285 -15.58 5.49 31.15
CA PHE A 285 -16.43 5.79 30.00
C PHE A 285 -17.30 4.58 29.65
N ILE A 286 -18.50 4.84 29.13
CA ILE A 286 -19.40 3.77 28.69
C ILE A 286 -18.96 3.27 27.33
N GLU A 287 -18.80 1.95 27.21
CA GLU A 287 -18.28 1.30 26.00
C GLU A 287 -18.41 2.13 24.72
N GLY A 288 -17.31 2.78 24.32
CA GLY A 288 -17.23 3.46 23.02
C GLY A 288 -17.78 4.87 22.96
N THR A 289 -18.71 5.21 23.86
CA THR A 289 -19.42 6.48 23.80
C THR A 289 -18.66 7.60 24.51
N THR A 290 -19.20 8.82 24.40
CA THR A 290 -18.66 10.00 25.09
C THR A 290 -19.24 10.18 26.50
N ARG A 291 -20.15 9.28 26.88
CA ARG A 291 -20.79 9.32 28.20
C ARG A 291 -19.89 8.61 29.20
N LYS A 292 -19.84 9.11 30.43
CA LYS A 292 -19.02 8.52 31.49
C LYS A 292 -19.80 8.28 32.77
N GLN A 293 -19.50 7.18 33.45
CA GLN A 293 -20.06 6.88 34.77
C GLN A 293 -18.98 7.04 35.82
N ALA A 294 -19.38 7.46 37.01
CA ALA A 294 -18.45 7.59 38.13
C ALA A 294 -18.06 6.21 38.61
N VAL A 295 -16.79 6.02 38.95
CA VAL A 295 -16.30 4.72 39.38
C VAL A 295 -16.87 4.38 40.76
N VAL A 296 -17.30 3.13 40.93
CA VAL A 296 -17.94 2.68 42.17
C VAL A 296 -16.91 2.06 43.12
N LEU A 297 -16.63 2.76 44.21
CA LEU A 297 -15.69 2.28 45.23
C LEU A 297 -16.37 1.25 46.12
N ASN A 298 -15.60 0.23 46.52
CA ASN A 298 -16.12 -0.86 47.35
C ASN A 298 -14.98 -1.67 48.00
N ASP A 299 -15.15 -2.99 48.09
CA ASP A 299 -14.10 -3.87 48.60
C ASP A 299 -13.14 -4.33 47.50
N ARG A 300 -13.66 -4.60 46.31
CA ARG A 300 -12.82 -5.06 45.19
C ARG A 300 -12.03 -3.93 44.56
N VAL A 301 -12.68 -2.80 44.30
CA VAL A 301 -12.03 -1.62 43.75
C VAL A 301 -11.96 -0.53 44.83
N LYS A 302 -10.74 -0.06 45.10
CA LYS A 302 -10.52 0.96 46.13
C LYS A 302 -9.68 2.12 45.57
N GLN A 303 -9.80 3.29 46.19
CA GLN A 303 -9.03 4.46 45.79
C GLN A 303 -8.12 4.92 46.92
N VAL A 304 -6.81 4.77 46.71
CA VAL A 304 -5.81 5.30 47.64
C VAL A 304 -5.35 6.65 47.13
N SER A 305 -5.79 7.72 47.80
CA SER A 305 -5.48 9.09 47.40
C SER A 305 -5.96 9.34 45.96
N GLY A 306 -5.04 9.56 45.03
CA GLY A 306 -5.39 9.72 43.62
C GLY A 306 -5.27 8.45 42.78
N THR A 307 -4.58 7.45 43.32
CA THR A 307 -4.37 6.20 42.62
C THR A 307 -5.52 5.24 42.85
N LEU A 308 -6.09 4.73 41.75
CA LEU A 308 -7.15 3.74 41.82
C LEU A 308 -6.53 2.35 41.76
N ILE A 309 -6.85 1.52 42.74
CA ILE A 309 -6.41 0.12 42.78
C ILE A 309 -7.63 -0.76 42.52
N ILE A 310 -7.49 -1.67 41.56
CA ILE A 310 -8.56 -2.61 41.22
C ILE A 310 -8.09 -4.03 41.50
N LYS A 311 -8.70 -4.69 42.47
CA LYS A 311 -8.31 -6.06 42.80
C LYS A 311 -9.08 -7.06 41.94
N ASP A 312 -8.50 -8.26 41.79
CA ASP A 312 -9.16 -9.39 41.12
C ASP A 312 -9.76 -9.00 39.77
N ALA A 313 -8.89 -8.67 38.83
CA ALA A 313 -9.31 -8.12 37.54
C ALA A 313 -10.14 -9.10 36.71
N VAL A 314 -11.10 -8.56 35.98
CA VAL A 314 -11.87 -9.33 35.01
C VAL A 314 -11.96 -8.57 33.71
N VAL A 315 -12.31 -9.26 32.63
CA VAL A 315 -12.38 -8.65 31.31
C VAL A 315 -13.37 -7.48 31.29
N GLU A 316 -14.44 -7.61 32.06
CA GLU A 316 -15.44 -6.56 32.21
C GLU A 316 -14.84 -5.24 32.71
N ASP A 317 -13.71 -5.32 33.42
CA ASP A 317 -13.02 -4.12 33.89
C ASP A 317 -12.26 -3.39 32.79
N SER A 318 -12.18 -3.99 31.60
CA SER A 318 -11.54 -3.34 30.47
C SER A 318 -12.32 -2.09 30.03
N GLY A 319 -11.60 -1.08 29.55
CA GLY A 319 -12.23 0.14 29.05
C GLY A 319 -11.36 1.39 29.13
N LYS A 320 -11.96 2.54 28.88
CA LYS A 320 -11.28 3.82 28.95
C LYS A 320 -11.63 4.50 30.28
N TYR A 321 -10.63 4.63 31.15
CA TYR A 321 -10.80 5.24 32.46
C TYR A 321 -10.30 6.68 32.47
N LEU A 322 -11.07 7.56 33.09
CA LEU A 322 -10.72 8.98 33.18
C LEU A 322 -10.62 9.42 34.64
N CYS A 323 -9.46 9.99 35.00
CA CYS A 323 -9.28 10.60 36.31
C CYS A 323 -9.30 12.12 36.18
N VAL A 324 -10.15 12.75 36.98
CA VAL A 324 -10.26 14.19 37.03
C VAL A 324 -9.65 14.66 38.35
N VAL A 325 -8.82 15.70 38.28
CA VAL A 325 -8.18 16.26 39.47
C VAL A 325 -8.48 17.76 39.57
N ASN A 326 -9.26 18.15 40.58
CA ASN A 326 -9.66 19.55 40.78
C ASN A 326 -9.05 20.15 42.04
N ASN A 327 -8.93 21.47 42.08
CA ASN A 327 -8.73 22.20 43.34
C ASN A 327 -9.28 23.62 43.21
N SER A 328 -9.11 24.44 44.24
CA SER A 328 -9.68 25.79 44.24
C SER A 328 -9.22 26.69 43.10
N VAL A 329 -8.04 26.42 42.54
CA VAL A 329 -7.50 27.23 41.43
C VAL A 329 -7.93 26.68 40.08
N GLY A 330 -7.67 25.40 39.83
CA GLY A 330 -7.96 24.80 38.52
C GLY A 330 -8.21 23.32 38.53
N GLY A 331 -8.30 22.73 37.33
CA GLY A 331 -8.56 21.30 37.15
C GLY A 331 -7.85 20.69 35.96
N GLU A 332 -7.25 19.52 36.17
CA GLU A 332 -6.54 18.78 35.11
C GLU A 332 -7.10 17.38 35.04
N SER A 333 -6.85 16.67 33.93
CA SER A 333 -7.39 15.31 33.76
C SER A 333 -6.45 14.37 32.99
N VAL A 334 -6.44 13.10 33.41
CA VAL A 334 -5.66 12.06 32.72
C VAL A 334 -6.54 10.87 32.37
N GLU A 335 -6.14 10.09 31.36
CA GLU A 335 -6.93 8.93 30.91
C GLU A 335 -6.09 7.66 30.86
N THR A 336 -6.77 6.51 30.89
CA THR A 336 -6.10 5.21 30.81
C THR A 336 -6.92 4.21 29.98
N VAL A 337 -6.32 3.65 28.93
CA VAL A 337 -6.97 2.60 28.15
C VAL A 337 -6.58 1.25 28.74
N LEU A 338 -7.47 0.70 29.57
CA LEU A 338 -7.17 -0.50 30.33
C LEU A 338 -7.75 -1.74 29.63
N THR A 339 -6.92 -2.75 29.45
CA THR A 339 -7.34 -4.02 28.82
C THR A 339 -6.91 -5.24 29.65
N VAL A 340 -7.88 -5.95 30.21
CA VAL A 340 -7.61 -7.12 31.05
C VAL A 340 -7.66 -8.36 30.17
N THR A 341 -6.67 -9.24 30.33
CA THR A 341 -6.53 -10.40 29.45
C THR A 341 -7.36 -11.60 29.89
N ALA A 342 -7.40 -12.62 29.03
CA ALA A 342 -8.06 -13.88 29.33
C ALA A 342 -7.46 -14.97 28.44
N PRO A 343 -6.93 -16.05 29.05
CA PRO A 343 -6.22 -17.09 28.29
C PRO A 343 -6.98 -17.60 27.07
N LEU A 344 -6.29 -17.71 25.94
CA LEU A 344 -6.89 -18.23 24.71
C LEU A 344 -6.95 -19.75 24.76
N SER A 345 -8.08 -20.31 24.33
CA SER A 345 -8.25 -21.76 24.27
C SER A 345 -9.28 -22.11 23.19
N ALA A 346 -8.93 -23.06 22.32
CA ALA A 346 -9.78 -23.41 21.17
C ALA A 346 -10.23 -24.88 21.22
N LYS A 347 -11.31 -25.16 20.49
CA LYS A 347 -11.89 -26.51 20.42
C LYS A 347 -12.78 -26.59 19.18
N ILE A 348 -12.55 -27.59 18.34
CA ILE A 348 -13.36 -27.78 17.12
C ILE A 348 -14.42 -28.84 17.34
N ASP A 349 -15.65 -28.53 16.93
CA ASP A 349 -16.75 -29.48 16.99
C ASP A 349 -17.16 -29.83 15.55
N PRO A 350 -17.08 -31.12 15.18
CA PRO A 350 -16.65 -32.30 15.95
C PRO A 350 -15.15 -32.60 15.79
N PRO A 351 -14.59 -33.43 16.70
CA PRO A 351 -13.16 -33.79 16.62
C PRO A 351 -12.81 -34.63 15.37
N THR A 352 -13.73 -35.50 14.96
CA THR A 352 -13.56 -36.27 13.74
C THR A 352 -14.93 -36.61 13.16
N GLN A 353 -15.05 -36.56 11.83
CA GLN A 353 -16.31 -36.91 11.19
C GLN A 353 -16.09 -37.57 9.84
N THR A 354 -17.02 -38.45 9.48
CA THR A 354 -16.95 -39.21 8.23
C THR A 354 -18.11 -38.80 7.33
N VAL A 355 -17.80 -38.15 6.20
CA VAL A 355 -18.83 -37.65 5.29
C VAL A 355 -18.77 -38.30 3.92
N ASP A 356 -19.93 -38.55 3.33
CA ASP A 356 -20.02 -39.22 2.03
C ASP A 356 -19.76 -38.24 0.89
N PHE A 357 -19.19 -38.75 -0.19
CA PHE A 357 -18.79 -37.93 -1.33
C PHE A 357 -19.97 -37.09 -1.81
N GLY A 358 -19.71 -35.83 -2.11
CA GLY A 358 -20.73 -34.90 -2.58
C GLY A 358 -21.46 -34.15 -1.48
N ARG A 359 -21.46 -34.72 -0.27
CA ARG A 359 -22.21 -34.14 0.85
C ARG A 359 -21.39 -33.08 1.59
N PRO A 360 -22.06 -32.17 2.32
CA PRO A 360 -21.34 -31.09 2.99
C PRO A 360 -20.70 -31.52 4.31
N ALA A 361 -19.58 -30.89 4.66
CA ALA A 361 -18.89 -31.15 5.92
C ALA A 361 -18.75 -29.85 6.70
N VAL A 362 -19.16 -29.88 7.98
CA VAL A 362 -19.20 -28.68 8.81
C VAL A 362 -18.20 -28.77 9.96
N PHE A 363 -17.35 -27.76 10.10
CA PHE A 363 -16.49 -27.62 11.27
C PHE A 363 -16.86 -26.34 12.00
N THR A 364 -17.03 -26.43 13.31
CA THR A 364 -17.33 -25.27 14.14
C THR A 364 -16.19 -25.02 15.12
N CYS A 365 -15.58 -23.84 15.06
CA CYS A 365 -14.52 -23.49 16.03
C CYS A 365 -15.11 -22.79 17.25
N GLN A 366 -15.01 -23.45 18.41
CA GLN A 366 -15.40 -22.87 19.69
C GLN A 366 -14.14 -22.38 20.40
N TYR A 367 -14.12 -21.11 20.79
CA TYR A 367 -12.94 -20.52 21.43
C TYR A 367 -13.30 -19.62 22.62
N THR A 368 -12.37 -19.53 23.56
CA THR A 368 -12.48 -18.64 24.71
C THR A 368 -11.19 -17.87 24.88
N GLY A 369 -11.29 -16.68 25.48
CA GLY A 369 -10.12 -15.83 25.72
C GLY A 369 -10.31 -14.41 25.24
N ASN A 370 -9.51 -13.50 25.78
CA ASN A 370 -9.62 -12.08 25.45
C ASN A 370 -8.25 -11.40 25.51
N PRO A 371 -7.94 -10.54 24.53
CA PRO A 371 -8.72 -10.26 23.33
C PRO A 371 -8.36 -11.23 22.21
N ILE A 372 -9.23 -11.33 21.22
CA ILE A 372 -9.00 -12.15 20.03
C ILE A 372 -8.77 -11.22 18.85
N LYS A 373 -7.61 -11.34 18.21
CA LYS A 373 -7.27 -10.45 17.10
C LYS A 373 -7.53 -11.11 15.77
N THR A 374 -7.34 -12.42 15.71
CA THR A 374 -7.40 -13.16 14.45
C THR A 374 -7.84 -14.62 14.64
N VAL A 375 -9.04 -14.93 14.17
CA VAL A 375 -9.53 -16.30 14.09
C VAL A 375 -9.37 -16.77 12.66
N SER A 376 -8.45 -17.71 12.44
CA SER A 376 -8.10 -18.16 11.09
C SER A 376 -8.05 -19.68 10.99
N TRP A 377 -8.47 -20.22 9.85
CA TRP A 377 -8.50 -21.66 9.64
C TRP A 377 -7.25 -22.16 8.91
N MET A 378 -7.06 -23.48 8.91
CA MET A 378 -5.88 -24.12 8.33
C MET A 378 -6.19 -25.57 7.95
N LYS A 379 -5.40 -26.13 7.04
CA LYS A 379 -5.63 -27.51 6.57
C LYS A 379 -4.31 -28.25 6.34
N ASP A 380 -4.13 -29.38 7.02
CA ASP A 380 -2.92 -30.20 6.90
C ASP A 380 -1.64 -29.37 6.73
N GLY A 381 -1.43 -28.43 7.65
CA GLY A 381 -0.23 -27.59 7.64
C GLY A 381 -0.43 -26.27 6.93
N LYS A 382 -0.75 -26.32 5.64
CA LYS A 382 -0.94 -25.10 4.85
C LYS A 382 -2.29 -24.45 5.16
N ALA A 383 -2.30 -23.11 5.17
CA ALA A 383 -3.48 -22.35 5.54
C ALA A 383 -4.51 -22.28 4.41
N ILE A 384 -5.75 -21.97 4.77
CA ILE A 384 -6.83 -21.71 3.81
C ILE A 384 -7.28 -20.26 3.96
N GLY A 385 -8.20 -19.83 3.09
CA GLY A 385 -8.68 -18.45 3.07
C GLY A 385 -9.72 -18.08 4.13
N HIS A 386 -10.31 -19.10 4.74
CA HIS A 386 -11.42 -18.90 5.69
C HIS A 386 -10.93 -18.31 7.03
N SER A 387 -11.55 -17.21 7.43
CA SER A 387 -11.20 -16.51 8.67
C SER A 387 -12.43 -16.27 9.56
N GLU A 388 -13.41 -17.16 9.45
CA GLU A 388 -14.62 -17.11 10.28
C GLU A 388 -14.75 -18.42 11.07
N SER A 389 -15.44 -18.34 12.21
CA SER A 389 -15.55 -19.48 13.14
C SER A 389 -15.94 -20.81 12.49
N VAL A 390 -17.02 -20.76 11.70
CA VAL A 390 -17.59 -21.96 11.10
C VAL A 390 -17.05 -22.20 9.68
N LEU A 391 -16.25 -23.24 9.52
CA LEU A 391 -15.74 -23.66 8.22
C LEU A 391 -16.73 -24.65 7.61
N ARG A 392 -17.17 -24.38 6.38
CA ARG A 392 -18.21 -25.17 5.73
C ARG A 392 -17.78 -25.63 4.33
N ILE A 393 -17.56 -26.94 4.19
CA ILE A 393 -17.37 -27.54 2.87
C ILE A 393 -18.75 -27.84 2.30
N GLU A 394 -19.05 -27.25 1.14
CA GLU A 394 -20.37 -27.39 0.52
C GLU A 394 -20.58 -28.76 -0.13
N SER A 395 -19.51 -29.32 -0.71
CA SER A 395 -19.58 -30.63 -1.36
C SER A 395 -18.23 -31.34 -1.29
N VAL A 396 -18.13 -32.33 -0.41
CA VAL A 396 -16.86 -33.02 -0.15
C VAL A 396 -16.42 -33.89 -1.33
N LYS A 397 -15.10 -33.96 -1.55
CA LYS A 397 -14.51 -34.90 -2.50
C LYS A 397 -13.15 -35.38 -1.99
N LYS A 398 -12.59 -36.38 -2.66
CA LYS A 398 -11.37 -37.08 -2.20
C LYS A 398 -10.34 -36.16 -1.52
N GLU A 399 -9.91 -35.12 -2.23
CA GLU A 399 -8.87 -34.20 -1.74
C GLU A 399 -9.22 -33.45 -0.45
N ASP A 400 -10.49 -33.46 -0.06
CA ASP A 400 -10.93 -32.86 1.21
C ASP A 400 -10.62 -33.74 2.44
N LYS A 401 -10.15 -34.97 2.24
CA LYS A 401 -9.80 -35.81 3.39
C LYS A 401 -8.64 -35.20 4.18
N GLY A 402 -8.58 -35.49 5.48
CA GLY A 402 -7.46 -35.04 6.31
C GLY A 402 -7.83 -34.04 7.40
N MET A 403 -6.80 -33.36 7.91
CA MET A 403 -6.94 -32.56 9.14
C MET A 403 -7.22 -31.09 8.84
N TYR A 404 -8.16 -30.52 9.59
CA TYR A 404 -8.52 -29.10 9.48
C TYR A 404 -8.32 -28.40 10.81
N GLN A 405 -7.27 -27.58 10.92
CA GLN A 405 -6.97 -26.87 12.18
C GLN A 405 -7.64 -25.51 12.23
N CYS A 406 -8.00 -25.08 13.45
CA CYS A 406 -8.51 -23.73 13.70
C CYS A 406 -7.59 -22.98 14.68
N PHE A 407 -7.17 -21.79 14.28
CA PHE A 407 -6.28 -20.95 15.07
C PHE A 407 -7.02 -19.73 15.60
N VAL A 408 -6.80 -19.42 16.87
CA VAL A 408 -7.26 -18.16 17.48
C VAL A 408 -6.08 -17.48 18.14
N ARG A 409 -5.62 -16.38 17.54
CA ARG A 409 -4.41 -15.71 18.00
C ARG A 409 -4.55 -14.20 18.17
N ASN A 410 -3.64 -13.64 18.97
CA ASN A 410 -3.56 -12.20 19.20
C ASN A 410 -2.10 -11.74 19.26
N ASP A 411 -1.81 -10.66 19.97
CA ASP A 411 -0.45 -10.13 20.04
C ASP A 411 0.49 -10.99 20.87
N ARG A 412 0.00 -11.47 22.01
CA ARG A 412 0.85 -12.18 22.99
C ARG A 412 0.56 -13.69 23.10
N GLU A 413 -0.54 -14.14 22.50
CA GLU A 413 -0.97 -15.53 22.64
C GLU A 413 -1.48 -16.12 21.32
N SER A 414 -1.57 -17.45 21.29
CA SER A 414 -2.07 -18.19 20.15
C SER A 414 -2.60 -19.56 20.58
N ALA A 415 -3.90 -19.78 20.40
CA ALA A 415 -4.55 -21.04 20.77
C ALA A 415 -4.95 -21.79 19.51
N GLU A 416 -4.70 -23.11 19.50
CA GLU A 416 -5.03 -23.94 18.35
C GLU A 416 -6.04 -25.01 18.71
N ALA A 417 -6.79 -25.47 17.71
CA ALA A 417 -7.73 -26.57 17.86
C ALA A 417 -7.72 -27.42 16.60
N SER A 418 -7.75 -28.73 16.76
CA SER A 418 -7.61 -29.67 15.64
C SER A 418 -8.90 -30.46 15.36
N ALA A 419 -8.99 -31.01 14.14
CA ALA A 419 -10.13 -31.80 13.72
C ALA A 419 -9.82 -32.62 12.46
N GLU A 420 -10.55 -33.71 12.24
CA GLU A 420 -10.31 -34.59 11.09
C GLU A 420 -11.56 -34.84 10.24
N LEU A 421 -11.32 -35.01 8.94
CA LEU A 421 -12.35 -35.41 7.98
C LEU A 421 -11.99 -36.75 7.35
N LYS A 422 -12.81 -37.75 7.62
CA LYS A 422 -12.72 -39.06 6.96
C LYS A 422 -13.72 -39.11 5.79
N LEU A 423 -13.37 -39.83 4.73
CA LEU A 423 -14.19 -39.87 3.51
C LEU A 423 -15.39 -40.80 3.63
N GLY A 424 -16.31 -40.46 4.53
CA GLY A 424 -17.62 -41.12 4.64
C GLY A 424 -17.47 -42.63 4.68
N GLY A 425 -17.92 -43.28 3.61
CA GLY A 425 -17.49 -44.65 3.38
C GLY A 425 -18.18 -45.69 4.24
N ARG A 426 -17.83 -46.95 3.97
CA ARG A 426 -18.75 -48.07 4.20
C ARG A 426 -20.08 -47.66 3.56
N PHE A 427 -19.97 -46.84 2.53
CA PHE A 427 -21.10 -46.20 1.86
C PHE A 427 -20.58 -45.81 0.47
N ASP A 428 -20.08 -46.82 -0.24
CA ASP A 428 -19.23 -46.62 -1.42
C ASP A 428 -19.95 -45.98 -2.62
N PRO A 429 -19.30 -44.97 -3.26
CA PRO A 429 -19.91 -44.18 -4.32
C PRO A 429 -19.93 -44.91 -5.67
N PRO A 430 -20.65 -44.35 -6.66
CA PRO A 430 -20.77 -45.01 -7.97
C PRO A 430 -19.46 -45.04 -8.76
N VAL A 431 -19.14 -46.20 -9.31
CA VAL A 431 -17.98 -46.39 -10.17
C VAL A 431 -18.38 -47.22 -11.39
N ILE A 432 -17.70 -47.01 -12.51
CA ILE A 432 -18.05 -47.69 -13.76
C ILE A 432 -17.01 -48.75 -14.14
N ARG A 433 -17.44 -50.00 -14.20
CA ARG A 433 -16.52 -51.13 -14.40
C ARG A 433 -16.34 -51.45 -15.90
N GLN A 434 -17.22 -52.30 -16.43
CA GLN A 434 -17.19 -52.67 -17.85
C GLN A 434 -17.90 -51.56 -18.62
N ALA A 435 -17.12 -50.68 -19.25
CA ALA A 435 -17.66 -49.53 -19.95
C ALA A 435 -17.21 -49.56 -21.41
N PHE A 436 -18.08 -49.07 -22.30
CA PHE A 436 -17.77 -49.03 -23.73
C PHE A 436 -16.59 -48.08 -24.02
N GLN A 437 -15.84 -48.39 -25.08
CA GLN A 437 -14.65 -47.62 -25.44
C GLN A 437 -14.81 -47.00 -26.83
N GLU A 438 -13.87 -46.15 -27.23
CA GLU A 438 -13.96 -45.42 -28.51
C GLU A 438 -14.09 -46.37 -29.70
N GLU A 439 -14.84 -45.94 -30.70
CA GLU A 439 -15.04 -46.72 -31.91
C GLU A 439 -15.30 -45.84 -33.13
N THR A 440 -14.99 -46.36 -34.31
CA THR A 440 -15.33 -45.72 -35.57
C THR A 440 -15.91 -46.77 -36.50
N MET A 441 -16.84 -46.35 -37.35
CA MET A 441 -17.52 -47.29 -38.25
C MET A 441 -18.24 -46.56 -39.38
N GLU A 442 -18.71 -47.36 -40.33
CA GLU A 442 -19.56 -46.86 -41.41
C GLU A 442 -21.01 -47.17 -41.06
N PRO A 443 -21.96 -46.36 -41.58
CA PRO A 443 -23.34 -46.50 -41.13
C PRO A 443 -23.95 -47.80 -41.61
N GLY A 444 -24.99 -48.24 -40.91
CA GLY A 444 -25.66 -49.51 -41.24
C GLY A 444 -25.82 -50.43 -40.05
N PRO A 445 -24.70 -50.98 -39.55
CA PRO A 445 -24.77 -52.00 -38.51
C PRO A 445 -25.38 -51.52 -37.21
N SER A 446 -25.83 -52.49 -36.41
CA SER A 446 -26.40 -52.22 -35.11
C SER A 446 -25.25 -52.00 -34.15
N VAL A 447 -25.39 -51.00 -33.27
CA VAL A 447 -24.34 -50.69 -32.29
C VAL A 447 -24.87 -50.93 -30.89
N PHE A 448 -24.03 -51.53 -30.05
CA PHE A 448 -24.42 -51.89 -28.69
C PHE A 448 -23.41 -51.37 -27.68
N LEU A 449 -23.73 -50.22 -27.07
CA LEU A 449 -22.89 -49.63 -26.03
C LEU A 449 -23.33 -50.15 -24.67
N LYS A 450 -22.36 -50.53 -23.83
CA LYS A 450 -22.66 -51.03 -22.49
C LYS A 450 -21.91 -50.23 -21.42
N CYS A 451 -22.68 -49.77 -20.42
CA CYS A 451 -22.10 -49.22 -19.19
C CYS A 451 -22.59 -50.05 -18.01
N VAL A 452 -21.68 -50.86 -17.47
CA VAL A 452 -21.94 -51.60 -16.24
C VAL A 452 -21.31 -50.82 -15.08
N ALA A 453 -22.18 -50.20 -14.28
CA ALA A 453 -21.75 -49.39 -13.17
C ALA A 453 -22.07 -50.10 -11.85
N GLY A 454 -21.17 -49.98 -10.89
CA GLY A 454 -21.37 -50.52 -9.55
C GLY A 454 -21.36 -49.40 -8.52
N GLY A 455 -21.75 -49.75 -7.29
CA GLY A 455 -21.76 -48.79 -6.20
C GLY A 455 -22.75 -49.16 -5.11
N ASN A 456 -22.74 -48.38 -4.03
CA ASN A 456 -23.61 -48.62 -2.88
C ASN A 456 -24.17 -47.28 -2.35
N PRO A 457 -25.45 -46.99 -2.61
CA PRO A 457 -26.46 -47.85 -3.24
C PRO A 457 -26.24 -48.04 -4.74
N THR A 458 -27.05 -48.93 -5.31
CA THR A 458 -26.99 -49.21 -6.74
C THR A 458 -27.49 -47.99 -7.53
N PRO A 459 -26.63 -47.43 -8.40
CA PRO A 459 -26.97 -46.17 -9.07
C PRO A 459 -27.90 -46.35 -10.28
N GLU A 460 -28.44 -45.24 -10.77
CA GLU A 460 -29.15 -45.21 -12.04
C GLU A 460 -28.18 -44.77 -13.12
N ILE A 461 -28.23 -45.40 -14.28
CA ILE A 461 -27.38 -45.03 -15.41
C ILE A 461 -28.20 -44.36 -16.50
N SER A 462 -27.90 -43.08 -16.75
CA SER A 462 -28.53 -42.33 -17.83
C SER A 462 -27.54 -42.15 -18.97
N TRP A 463 -28.04 -42.10 -20.20
CA TRP A 463 -27.18 -41.93 -21.36
C TRP A 463 -27.28 -40.52 -21.94
N GLU A 464 -26.14 -40.01 -22.39
CA GLU A 464 -26.06 -38.68 -23.01
C GLU A 464 -25.28 -38.73 -24.31
N LEU A 465 -25.69 -37.90 -25.26
CA LEU A 465 -24.97 -37.69 -26.52
C LEU A 465 -24.71 -36.20 -26.73
N ASP A 466 -23.44 -35.81 -26.70
CA ASP A 466 -23.04 -34.41 -26.88
C ASP A 466 -23.82 -33.43 -26.00
N GLY A 467 -24.12 -33.85 -24.76
CA GLY A 467 -24.86 -33.01 -23.83
C GLY A 467 -26.37 -33.17 -23.86
N LYS A 468 -26.89 -33.81 -24.91
CA LYS A 468 -28.33 -34.08 -25.01
C LYS A 468 -28.64 -35.47 -24.46
N LYS A 469 -29.63 -35.56 -23.58
CA LYS A 469 -30.10 -36.83 -23.07
C LYS A 469 -31.02 -37.46 -24.11
N ILE A 470 -30.68 -38.66 -24.56
CA ILE A 470 -31.53 -39.40 -25.49
C ILE A 470 -32.14 -40.61 -24.80
N ALA A 471 -33.40 -40.89 -25.12
CA ALA A 471 -34.15 -41.97 -24.48
C ALA A 471 -34.55 -42.99 -25.55
N ASN A 472 -35.66 -43.69 -25.33
CA ASN A 472 -36.22 -44.58 -26.35
C ASN A 472 -36.85 -43.76 -27.48
N ASN A 473 -35.99 -43.01 -28.17
CA ASN A 473 -36.39 -42.15 -29.28
C ASN A 473 -35.90 -42.72 -30.60
N ASP A 474 -36.70 -42.56 -31.66
CA ASP A 474 -36.32 -43.01 -32.99
C ASP A 474 -35.98 -44.52 -32.96
N ARG A 475 -34.73 -44.88 -33.23
CA ARG A 475 -34.29 -46.29 -33.21
C ARG A 475 -33.18 -46.48 -32.18
N TYR A 476 -33.13 -45.56 -31.21
CA TYR A 476 -32.33 -45.76 -30.00
C TYR A 476 -33.20 -46.52 -29.02
N GLN A 477 -32.67 -47.62 -28.50
CA GLN A 477 -33.30 -48.35 -27.43
C GLN A 477 -32.33 -48.28 -26.25
N VAL A 478 -32.84 -47.94 -25.07
CA VAL A 478 -31.99 -47.81 -23.89
C VAL A 478 -32.55 -48.66 -22.76
N GLY A 479 -31.69 -49.53 -22.21
CA GLY A 479 -32.10 -50.46 -21.15
C GLY A 479 -31.22 -50.38 -19.92
N GLN A 480 -31.71 -50.99 -18.84
CA GLN A 480 -31.01 -51.00 -17.57
C GLN A 480 -31.61 -52.06 -16.63
N TYR A 481 -30.81 -53.08 -16.28
CA TYR A 481 -31.19 -54.04 -15.23
C TYR A 481 -30.12 -54.10 -14.15
N VAL A 482 -30.37 -54.88 -13.11
CA VAL A 482 -29.44 -55.04 -12.00
C VAL A 482 -28.99 -56.49 -11.85
N THR A 483 -27.68 -56.69 -11.75
CA THR A 483 -27.11 -58.02 -11.61
C THR A 483 -27.29 -58.57 -10.20
N VAL A 484 -27.17 -59.89 -10.07
CA VAL A 484 -27.27 -60.59 -8.79
C VAL A 484 -26.34 -59.99 -7.73
N ASN A 485 -25.17 -59.53 -8.17
CA ASN A 485 -24.16 -58.97 -7.29
C ASN A 485 -24.47 -57.53 -6.84
N GLY A 486 -25.40 -56.87 -7.54
CA GLY A 486 -25.83 -55.51 -7.19
C GLY A 486 -25.23 -54.41 -8.04
N ASP A 487 -24.76 -54.77 -9.23
CA ASP A 487 -24.25 -53.79 -10.19
C ASP A 487 -25.32 -53.52 -11.24
N VAL A 488 -25.38 -52.27 -11.72
CA VAL A 488 -26.32 -51.90 -12.77
C VAL A 488 -25.69 -52.11 -14.13
N VAL A 489 -26.35 -52.90 -14.96
CA VAL A 489 -25.95 -53.12 -16.34
C VAL A 489 -26.90 -52.34 -17.23
N SER A 490 -26.42 -51.22 -17.78
CA SER A 490 -27.22 -50.41 -18.69
C SER A 490 -26.70 -50.51 -20.10
N TYR A 491 -27.60 -50.81 -21.03
CA TYR A 491 -27.26 -50.92 -22.43
C TYR A 491 -27.86 -49.74 -23.21
N LEU A 492 -27.13 -49.30 -24.23
CA LEU A 492 -27.65 -48.37 -25.22
C LEU A 492 -27.51 -49.03 -26.59
N ASN A 493 -28.62 -49.54 -27.11
CA ASN A 493 -28.66 -50.20 -28.41
C ASN A 493 -29.17 -49.23 -29.46
N ILE A 494 -28.38 -49.04 -30.50
CA ILE A 494 -28.78 -48.23 -31.64
C ILE A 494 -29.04 -49.20 -32.79
N THR A 495 -30.28 -49.20 -33.30
CA THR A 495 -30.76 -50.22 -34.24
C THR A 495 -29.90 -50.34 -35.50
N SER A 496 -29.61 -49.20 -36.11
CA SER A 496 -28.82 -49.16 -37.34
C SER A 496 -28.13 -47.80 -37.42
N VAL A 497 -26.94 -47.71 -36.82
CA VAL A 497 -26.24 -46.42 -36.69
C VAL A 497 -26.27 -45.67 -38.02
N HIS A 498 -26.77 -44.44 -37.98
CA HIS A 498 -26.95 -43.64 -39.17
C HIS A 498 -25.79 -42.68 -39.39
N ALA A 499 -25.67 -42.22 -40.62
CA ALA A 499 -24.67 -41.24 -41.05
C ALA A 499 -24.21 -40.31 -39.93
N ASN A 500 -25.17 -39.75 -39.19
CA ASN A 500 -24.86 -38.71 -38.22
C ASN A 500 -25.42 -38.99 -36.83
N ASP A 501 -25.41 -40.26 -36.42
CA ASP A 501 -25.62 -40.60 -35.01
C ASP A 501 -24.30 -40.39 -34.25
N GLY A 502 -23.19 -40.42 -34.98
CA GLY A 502 -21.87 -40.31 -34.38
C GLY A 502 -21.65 -39.01 -33.64
N GLY A 503 -20.80 -39.08 -32.63
CA GLY A 503 -20.47 -37.93 -31.79
C GLY A 503 -19.78 -38.40 -30.52
N LEU A 504 -19.99 -37.66 -29.44
CA LEU A 504 -19.45 -38.02 -28.15
C LEU A 504 -20.57 -38.58 -27.28
N TYR A 505 -20.57 -39.90 -27.10
CA TYR A 505 -21.54 -40.56 -26.23
C TYR A 505 -20.95 -40.65 -24.83
N LYS A 506 -21.78 -40.47 -23.82
CA LYS A 506 -21.34 -40.73 -22.45
C LYS A 506 -22.47 -41.30 -21.61
N CYS A 507 -22.11 -42.23 -20.73
CA CYS A 507 -23.05 -42.73 -19.74
C CYS A 507 -22.77 -42.03 -18.42
N ILE A 508 -23.83 -41.73 -17.68
CA ILE A 508 -23.74 -41.07 -16.38
C ILE A 508 -24.30 -42.00 -15.32
N ALA A 509 -23.40 -42.53 -14.49
CA ALA A 509 -23.78 -43.37 -13.36
C ALA A 509 -24.05 -42.44 -12.18
N LYS A 510 -25.31 -42.10 -11.98
CA LYS A 510 -25.72 -41.17 -10.94
C LYS A 510 -26.32 -41.92 -9.75
N SER A 511 -25.83 -41.61 -8.56
CA SER A 511 -26.40 -42.12 -7.32
C SER A 511 -26.74 -40.95 -6.40
N LYS A 512 -27.73 -41.15 -5.54
CA LYS A 512 -28.07 -40.15 -4.54
C LYS A 512 -26.99 -40.02 -3.45
N VAL A 513 -25.88 -40.75 -3.62
CA VAL A 513 -24.71 -40.59 -2.76
C VAL A 513 -23.51 -39.99 -3.53
N GLY A 514 -23.77 -39.46 -4.73
CA GLY A 514 -22.71 -38.93 -5.58
C GLY A 514 -22.84 -39.43 -7.01
N VAL A 515 -21.99 -38.91 -7.90
CA VAL A 515 -22.10 -39.22 -9.33
C VAL A 515 -20.75 -39.66 -9.90
N ALA A 516 -20.80 -40.38 -11.01
CA ALA A 516 -19.59 -40.76 -11.75
C ALA A 516 -19.95 -41.08 -13.20
N GLU A 517 -19.23 -40.47 -14.13
CA GLU A 517 -19.57 -40.57 -15.55
C GLU A 517 -18.42 -41.13 -16.40
N HIS A 518 -18.77 -41.66 -17.57
CA HIS A 518 -17.80 -42.15 -18.53
C HIS A 518 -18.17 -41.76 -19.96
N SER A 519 -17.28 -41.02 -20.61
CA SER A 519 -17.48 -40.55 -21.99
C SER A 519 -16.67 -41.40 -22.95
N ALA A 520 -17.10 -41.40 -24.22
CA ALA A 520 -16.37 -42.09 -25.28
C ALA A 520 -16.89 -41.67 -26.64
N LYS A 521 -16.03 -41.80 -27.66
CA LYS A 521 -16.33 -41.28 -28.98
C LYS A 521 -16.83 -42.37 -29.94
N LEU A 522 -17.93 -42.09 -30.62
CA LEU A 522 -18.43 -42.96 -31.68
C LEU A 522 -18.39 -42.19 -32.99
N ASN A 523 -17.60 -42.69 -33.94
CA ASN A 523 -17.43 -42.02 -35.24
C ASN A 523 -18.19 -42.76 -36.32
N VAL A 524 -19.00 -42.03 -37.08
CA VAL A 524 -19.76 -42.62 -38.19
C VAL A 524 -19.29 -41.99 -39.50
N TYR A 525 -19.07 -42.82 -40.52
CA TYR A 525 -18.70 -42.31 -41.84
C TYR A 525 -19.85 -41.49 -42.44
N GLY A 526 -19.50 -40.38 -43.07
CA GLY A 526 -20.50 -39.48 -43.65
C GLY A 526 -19.98 -38.06 -43.80
N LEU A 527 -20.76 -37.23 -44.48
CA LEU A 527 -20.40 -35.83 -44.69
C LEU A 527 -20.56 -35.04 -43.41
N PRO A 528 -19.84 -33.92 -43.29
CA PRO A 528 -19.93 -33.14 -42.06
C PRO A 528 -21.37 -32.71 -41.82
N TYR A 529 -21.80 -32.80 -40.57
CA TYR A 529 -23.18 -32.48 -40.22
C TYR A 529 -23.24 -32.05 -38.77
N ILE A 530 -23.63 -30.80 -38.55
CA ILE A 530 -23.70 -30.25 -37.20
C ILE A 530 -25.14 -30.29 -36.72
N ARG A 531 -25.33 -30.68 -35.46
CA ARG A 531 -26.66 -30.84 -34.91
C ARG A 531 -27.29 -29.49 -34.58
N GLN A 532 -28.53 -29.53 -34.12
CA GLN A 532 -29.18 -28.34 -33.59
C GLN A 532 -28.67 -28.04 -32.19
N MET A 533 -28.68 -26.76 -31.85
CA MET A 533 -28.24 -26.29 -30.55
C MET A 533 -29.31 -25.35 -30.01
N GLU A 534 -30.01 -25.78 -28.96
CA GLU A 534 -31.05 -24.95 -28.34
C GLU A 534 -30.40 -23.77 -27.64
N LYS A 535 -31.10 -22.64 -27.63
CA LYS A 535 -30.54 -21.39 -27.09
C LYS A 535 -29.90 -21.61 -25.72
N LYS A 536 -28.65 -21.17 -25.58
CA LYS A 536 -27.92 -21.31 -24.33
C LYS A 536 -28.16 -20.06 -23.47
N ALA A 537 -28.95 -20.24 -22.41
CA ALA A 537 -29.29 -19.14 -21.51
C ALA A 537 -28.30 -19.08 -20.35
N ILE A 538 -27.43 -18.08 -20.38
CA ILE A 538 -26.40 -17.90 -19.36
C ILE A 538 -26.61 -16.57 -18.63
N VAL A 539 -26.19 -16.53 -17.36
CA VAL A 539 -26.33 -15.33 -16.54
C VAL A 539 -24.99 -14.65 -16.27
N ALA A 540 -25.05 -13.35 -16.04
CA ALA A 540 -23.88 -12.50 -15.88
C ALA A 540 -22.73 -13.17 -15.13
N GLY A 541 -21.55 -13.15 -15.74
CA GLY A 541 -20.33 -13.59 -15.10
C GLY A 541 -20.11 -15.09 -15.06
N GLU A 542 -21.14 -15.87 -15.41
CA GLU A 542 -20.97 -17.32 -15.50
C GLU A 542 -20.08 -17.67 -16.69
N THR A 543 -19.51 -18.86 -16.62
CA THR A 543 -18.64 -19.37 -17.67
C THR A 543 -19.43 -20.27 -18.60
N LEU A 544 -19.58 -19.82 -19.84
CA LEU A 544 -20.28 -20.58 -20.87
C LEU A 544 -19.30 -21.57 -21.49
N ILE A 545 -19.60 -22.87 -21.36
CA ILE A 545 -18.82 -23.91 -22.02
C ILE A 545 -19.74 -24.64 -22.98
N VAL A 546 -19.37 -24.66 -24.25
CA VAL A 546 -20.22 -25.24 -25.29
C VAL A 546 -19.38 -25.99 -26.32
N THR A 547 -19.86 -27.16 -26.74
CA THR A 547 -19.14 -27.99 -27.71
C THR A 547 -19.94 -28.15 -29.00
N CYS A 548 -19.33 -27.78 -30.12
CA CYS A 548 -19.99 -27.84 -31.43
C CYS A 548 -20.25 -29.28 -31.88
N PRO A 549 -21.51 -29.74 -31.75
CA PRO A 549 -21.82 -31.15 -31.95
C PRO A 549 -21.79 -31.53 -33.43
N VAL A 550 -20.62 -31.96 -33.88
CA VAL A 550 -20.42 -32.41 -35.26
C VAL A 550 -20.75 -33.89 -35.41
N ALA A 551 -20.98 -34.29 -36.65
CA ALA A 551 -21.23 -35.69 -36.99
C ALA A 551 -20.65 -35.96 -38.37
N GLY A 552 -20.25 -37.21 -38.59
CA GLY A 552 -19.42 -37.59 -39.74
C GLY A 552 -17.98 -37.65 -39.28
N TYR A 553 -17.24 -38.66 -39.73
CA TYR A 553 -15.88 -38.91 -39.20
C TYR A 553 -14.67 -38.35 -39.99
N PRO A 554 -14.77 -38.21 -41.32
CA PRO A 554 -13.60 -37.65 -41.98
C PRO A 554 -13.42 -36.14 -41.69
N ILE A 555 -14.08 -35.66 -40.63
CA ILE A 555 -14.10 -34.25 -40.26
C ILE A 555 -12.69 -33.70 -39.99
N ASP A 556 -12.38 -32.56 -40.61
CA ASP A 556 -11.02 -32.02 -40.60
C ASP A 556 -10.91 -30.86 -39.64
N SER A 557 -11.82 -29.89 -39.80
CA SER A 557 -11.70 -28.59 -39.15
C SER A 557 -13.02 -28.11 -38.53
N ILE A 558 -13.04 -27.97 -37.21
CA ILE A 558 -14.18 -27.42 -36.48
C ILE A 558 -13.78 -26.05 -35.92
N VAL A 559 -14.26 -24.99 -36.56
CA VAL A 559 -13.92 -23.62 -36.16
C VAL A 559 -15.17 -22.84 -35.75
N TRP A 560 -15.08 -22.13 -34.64
CA TRP A 560 -16.16 -21.27 -34.15
C TRP A 560 -16.03 -19.86 -34.71
N GLU A 561 -17.15 -19.29 -35.15
CA GLU A 561 -17.18 -17.95 -35.72
C GLU A 561 -18.28 -17.10 -35.10
N ARG A 562 -17.98 -15.82 -34.92
CA ARG A 562 -18.98 -14.82 -34.54
C ARG A 562 -19.04 -13.78 -35.66
N ASP A 563 -20.22 -13.59 -36.25
CA ASP A 563 -20.42 -12.63 -37.34
C ASP A 563 -19.31 -12.70 -38.40
N ASN A 564 -18.89 -13.92 -38.73
CA ASN A 564 -17.87 -14.21 -39.75
C ASN A 564 -16.43 -14.16 -39.25
N ARG A 565 -16.17 -13.41 -38.17
CA ARG A 565 -14.84 -13.38 -37.56
C ARG A 565 -14.63 -14.62 -36.71
N ALA A 566 -13.36 -15.04 -36.58
CA ALA A 566 -13.01 -16.18 -35.74
C ALA A 566 -13.33 -15.85 -34.29
N LEU A 567 -13.87 -16.83 -33.56
CA LEU A 567 -14.46 -16.56 -32.24
C LEU A 567 -13.51 -15.96 -31.20
N PRO A 568 -12.32 -16.55 -31.02
CA PRO A 568 -11.44 -15.98 -30.00
C PRO A 568 -10.89 -14.61 -30.41
N ILE A 569 -11.56 -13.54 -29.96
CA ILE A 569 -11.07 -12.17 -30.21
C ILE A 569 -11.10 -11.25 -28.98
N ASN A 570 -11.22 -11.85 -27.79
CA ASN A 570 -11.22 -11.09 -26.54
C ASN A 570 -10.92 -11.95 -25.32
N ARG A 571 -10.59 -11.29 -24.21
CA ARG A 571 -10.11 -11.95 -22.99
C ARG A 571 -11.10 -12.97 -22.39
N LYS A 572 -12.37 -12.83 -22.72
CA LYS A 572 -13.40 -13.76 -22.24
C LYS A 572 -13.38 -15.08 -23.01
N GLN A 573 -13.07 -15.03 -24.30
CA GLN A 573 -13.27 -16.15 -25.22
C GLN A 573 -12.06 -17.06 -25.38
N LYS A 574 -12.29 -18.37 -25.24
CA LYS A 574 -11.30 -19.39 -25.58
C LYS A 574 -11.95 -20.44 -26.47
N VAL A 575 -11.17 -20.97 -27.41
CA VAL A 575 -11.66 -21.97 -28.36
C VAL A 575 -10.58 -23.02 -28.61
N PHE A 576 -11.01 -24.28 -28.75
CA PHE A 576 -10.07 -25.40 -28.91
C PHE A 576 -10.35 -26.19 -30.19
N PRO A 577 -9.29 -26.79 -30.78
CA PRO A 577 -9.43 -27.54 -32.03
C PRO A 577 -10.34 -28.76 -31.95
N ASN A 578 -10.65 -29.20 -30.72
CA ASN A 578 -11.62 -30.25 -30.49
C ASN A 578 -13.06 -29.82 -30.81
N GLY A 579 -13.27 -28.52 -30.99
CA GLY A 579 -14.56 -27.98 -31.39
C GLY A 579 -15.37 -27.40 -30.25
N THR A 580 -14.73 -27.23 -29.09
CA THR A 580 -15.40 -26.67 -27.94
C THR A 580 -14.97 -25.21 -27.72
N LEU A 581 -15.99 -24.39 -27.47
CA LEU A 581 -15.84 -22.97 -27.15
C LEU A 581 -16.08 -22.78 -25.66
N ILE A 582 -15.44 -21.77 -25.08
CA ILE A 582 -15.63 -21.47 -23.67
C ILE A 582 -15.39 -19.98 -23.37
N ILE A 583 -16.45 -19.30 -22.91
CA ILE A 583 -16.40 -17.90 -22.51
C ILE A 583 -16.35 -17.82 -20.98
N GLU A 584 -15.42 -17.03 -20.44
CA GLU A 584 -15.18 -16.98 -19.00
C GLU A 584 -16.21 -16.15 -18.23
N ASN A 585 -16.17 -14.83 -18.43
CA ASN A 585 -17.05 -13.91 -17.72
C ASN A 585 -18.12 -13.39 -18.68
N VAL A 586 -19.31 -13.98 -18.63
CA VAL A 586 -20.38 -13.59 -19.54
C VAL A 586 -20.96 -12.21 -19.20
N GLU A 587 -21.12 -11.37 -20.23
CA GLU A 587 -21.72 -10.04 -20.08
C GLU A 587 -22.55 -9.71 -21.31
N ARG A 588 -23.66 -9.00 -21.10
CA ARG A 588 -24.75 -8.94 -22.09
C ARG A 588 -24.36 -8.34 -23.44
N ASN A 589 -24.28 -7.01 -23.54
CA ASN A 589 -23.93 -6.37 -24.82
C ASN A 589 -22.56 -6.80 -25.37
N SER A 590 -21.71 -7.35 -24.50
CA SER A 590 -20.42 -7.91 -24.92
C SER A 590 -20.55 -9.22 -25.71
N ASP A 591 -21.21 -10.22 -25.12
CA ASP A 591 -21.26 -11.58 -25.71
C ASP A 591 -22.65 -12.22 -25.87
N GLN A 592 -23.72 -11.49 -25.56
CA GLN A 592 -25.07 -11.95 -25.91
C GLN A 592 -25.22 -11.87 -27.42
N ALA A 593 -25.38 -13.01 -28.08
CA ALA A 593 -25.45 -13.04 -29.53
C ALA A 593 -25.77 -14.43 -30.06
N THR A 594 -25.83 -14.54 -31.40
CA THR A 594 -25.95 -15.84 -32.07
C THR A 594 -24.60 -16.24 -32.65
N TYR A 595 -23.96 -17.21 -31.99
CA TYR A 595 -22.65 -17.71 -32.41
C TYR A 595 -22.85 -18.78 -33.47
N THR A 596 -21.80 -19.06 -34.24
CA THR A 596 -21.84 -20.12 -35.24
C THR A 596 -20.61 -21.01 -35.16
N CYS A 597 -20.79 -22.30 -35.41
CA CYS A 597 -19.65 -23.21 -35.54
C CYS A 597 -19.71 -23.90 -36.90
N VAL A 598 -18.57 -23.86 -37.60
CA VAL A 598 -18.45 -24.46 -38.91
C VAL A 598 -17.58 -25.70 -38.79
N ALA A 599 -18.07 -26.81 -39.34
CA ALA A 599 -17.29 -28.05 -39.38
C ALA A 599 -17.16 -28.47 -40.82
N LYS A 600 -15.92 -28.65 -41.29
CA LYS A 600 -15.67 -29.08 -42.66
C LYS A 600 -14.59 -30.16 -42.73
N ASN A 601 -14.81 -31.12 -43.62
CA ASN A 601 -13.86 -32.19 -43.82
C ASN A 601 -12.82 -31.78 -44.85
N GLN A 602 -11.78 -32.60 -44.99
CA GLN A 602 -10.83 -32.41 -46.08
C GLN A 602 -11.59 -32.39 -47.39
N GLU A 603 -11.09 -31.61 -48.34
CA GLU A 603 -11.68 -31.45 -49.68
C GLU A 603 -13.17 -31.07 -49.67
N GLY A 604 -13.45 -29.81 -49.35
CA GLY A 604 -14.73 -29.18 -49.69
C GLY A 604 -15.83 -29.19 -48.65
N TYR A 605 -16.42 -30.36 -48.43
CA TYR A 605 -17.70 -30.47 -47.71
C TYR A 605 -17.66 -29.80 -46.33
N SER A 606 -18.72 -29.07 -46.02
CA SER A 606 -18.84 -28.33 -44.77
C SER A 606 -20.26 -28.34 -44.23
N ALA A 607 -20.40 -27.98 -42.96
CA ALA A 607 -21.70 -27.87 -42.30
C ALA A 607 -21.68 -26.74 -41.28
N ARG A 608 -22.82 -26.08 -41.12
CA ARG A 608 -22.94 -24.91 -40.25
C ARG A 608 -23.89 -25.15 -39.09
N GLY A 609 -23.52 -24.67 -37.91
CA GLY A 609 -24.36 -24.72 -36.72
C GLY A 609 -24.49 -23.35 -36.09
N SER A 610 -25.71 -23.00 -35.67
CA SER A 610 -26.00 -21.68 -35.09
C SER A 610 -26.47 -21.82 -33.64
N LEU A 611 -25.65 -21.32 -32.72
CA LEU A 611 -25.97 -21.27 -31.29
C LEU A 611 -26.50 -19.89 -30.94
N GLU A 612 -27.52 -19.84 -30.09
CA GLU A 612 -28.09 -18.58 -29.63
C GLU A 612 -27.74 -18.36 -28.15
N VAL A 613 -26.62 -17.68 -27.93
CA VAL A 613 -26.16 -17.34 -26.59
C VAL A 613 -26.97 -16.16 -26.07
N GLN A 614 -27.90 -16.45 -25.15
CA GLN A 614 -28.67 -15.42 -24.48
C GLN A 614 -28.01 -15.15 -23.13
N VAL A 615 -27.73 -13.87 -22.87
CA VAL A 615 -27.07 -13.45 -21.64
C VAL A 615 -28.01 -12.52 -20.87
N MET A 616 -28.74 -13.07 -19.91
CA MET A 616 -29.72 -12.29 -19.15
C MET A 616 -29.00 -11.45 -18.09
N VAL A 617 -29.58 -10.31 -17.72
CA VAL A 617 -28.91 -9.40 -16.78
C VAL A 617 -29.35 -9.73 -15.36
N LEU A 618 -28.38 -10.11 -14.54
CA LEU A 618 -28.62 -10.52 -13.16
C LEU A 618 -28.87 -9.27 -12.31
N PRO A 619 -29.91 -9.29 -11.45
CA PRO A 619 -30.34 -8.08 -10.73
C PRO A 619 -29.30 -7.52 -9.79
N ARG A 620 -29.14 -6.20 -9.80
CA ARG A 620 -28.19 -5.53 -8.91
C ARG A 620 -28.93 -4.77 -7.81
N ILE A 621 -28.89 -5.31 -6.59
CA ILE A 621 -29.58 -4.71 -5.46
C ILE A 621 -28.72 -3.60 -4.85
N ILE A 622 -29.33 -2.44 -4.61
CA ILE A 622 -28.62 -1.29 -4.03
C ILE A 622 -28.76 -1.32 -2.49
N PRO A 623 -27.65 -1.08 -1.76
CA PRO A 623 -27.67 -1.20 -0.30
C PRO A 623 -28.67 -0.28 0.43
N PHE A 624 -28.89 -0.57 1.72
CA PHE A 624 -29.86 0.16 2.54
C PHE A 624 -29.18 1.03 3.58
N ALA A 625 -30.01 1.78 4.31
CA ALA A 625 -29.56 2.57 5.44
C ALA A 625 -30.74 2.86 6.37
N PHE A 626 -30.79 2.17 7.51
CA PHE A 626 -31.73 2.53 8.57
C PHE A 626 -31.29 3.85 9.19
N GLU A 627 -32.24 4.57 9.78
CA GLU A 627 -31.88 5.81 10.48
C GLU A 627 -30.91 5.49 11.61
N GLU A 628 -29.73 6.11 11.57
CA GLU A 628 -28.68 5.83 12.55
C GLU A 628 -28.99 6.48 13.89
N GLY A 629 -29.83 5.81 14.68
CA GLY A 629 -30.24 6.27 16.01
C GLY A 629 -29.47 5.64 17.17
N PRO A 630 -29.60 4.32 17.37
CA PRO A 630 -30.53 3.40 16.68
C PRO A 630 -31.98 3.60 17.10
N ALA A 631 -32.86 2.75 16.57
CA ALA A 631 -34.30 2.88 16.78
C ALA A 631 -34.68 2.59 18.22
N GLN A 632 -35.50 3.47 18.79
CA GLN A 632 -36.00 3.33 20.14
C GLN A 632 -37.44 2.78 20.10
N VAL A 633 -37.79 1.95 21.08
CA VAL A 633 -39.14 1.34 21.13
C VAL A 633 -40.22 2.40 20.95
N GLY A 634 -41.16 2.13 20.05
CA GLY A 634 -42.17 3.12 19.66
C GLY A 634 -41.60 4.08 18.64
N GLN A 635 -41.25 3.56 17.47
CA GLN A 635 -40.60 4.32 16.40
C GLN A 635 -41.27 4.09 15.04
N TYR A 636 -40.82 4.86 14.05
CA TYR A 636 -41.26 4.72 12.66
C TYR A 636 -40.04 4.51 11.75
N LEU A 637 -39.84 3.28 11.32
CA LEU A 637 -38.68 2.89 10.51
C LEU A 637 -39.06 2.56 9.07
N THR A 638 -38.34 3.16 8.13
CA THR A 638 -38.62 2.99 6.70
C THR A 638 -37.36 2.51 5.97
N LEU A 639 -37.46 1.32 5.40
CA LEU A 639 -36.36 0.67 4.70
C LEU A 639 -36.71 0.56 3.22
N HIS A 640 -35.74 0.83 2.34
CA HIS A 640 -36.00 0.94 0.90
C HIS A 640 -35.11 0.01 0.06
N CYS A 641 -35.74 -0.99 -0.58
CA CYS A 641 -35.02 -1.94 -1.44
C CYS A 641 -35.21 -1.59 -2.92
N SER A 642 -34.17 -1.04 -3.52
CA SER A 642 -34.17 -0.67 -4.95
C SER A 642 -33.20 -1.54 -5.74
N VAL A 643 -33.66 -1.98 -6.92
CA VAL A 643 -32.90 -2.93 -7.74
C VAL A 643 -33.21 -2.71 -9.23
N PRO A 644 -32.21 -2.22 -10.00
CA PRO A 644 -32.26 -2.36 -11.46
C PRO A 644 -31.61 -3.66 -11.96
N GLY A 645 -32.10 -4.20 -13.07
CA GLY A 645 -31.57 -5.44 -13.62
C GLY A 645 -32.47 -6.08 -14.68
N GLY A 646 -32.67 -7.38 -14.57
CA GLY A 646 -33.50 -8.12 -15.53
C GLY A 646 -34.89 -7.50 -15.65
N ASP A 647 -35.13 -6.83 -16.77
CA ASP A 647 -36.45 -6.25 -17.12
C ASP A 647 -37.59 -7.24 -16.87
N LEU A 648 -38.81 -6.74 -16.74
CA LEU A 648 -40.03 -7.57 -16.64
C LEU A 648 -40.13 -8.37 -15.32
N PRO A 649 -39.76 -9.67 -15.28
CA PRO A 649 -40.03 -10.38 -14.03
C PRO A 649 -39.16 -9.91 -12.87
N LEU A 650 -39.80 -9.52 -11.77
CA LEU A 650 -39.09 -9.08 -10.57
C LEU A 650 -39.85 -9.51 -9.31
N ASN A 651 -39.39 -10.58 -8.67
CA ASN A 651 -40.02 -11.08 -7.46
C ASN A 651 -39.24 -10.61 -6.23
N ILE A 652 -39.78 -9.60 -5.54
CA ILE A 652 -39.13 -9.04 -4.36
C ILE A 652 -39.87 -9.46 -3.09
N ASP A 653 -39.14 -10.12 -2.19
CA ASP A 653 -39.68 -10.52 -0.88
C ASP A 653 -38.82 -9.99 0.24
N TRP A 654 -39.40 -9.95 1.44
CA TRP A 654 -38.67 -9.55 2.64
C TRP A 654 -38.59 -10.74 3.59
N THR A 655 -37.46 -10.87 4.26
CA THR A 655 -37.22 -12.00 5.15
C THR A 655 -36.58 -11.54 6.46
N LEU A 656 -37.16 -12.01 7.58
CA LEU A 656 -36.57 -11.81 8.90
C LEU A 656 -36.00 -13.15 9.35
N ASP A 657 -34.80 -13.14 9.93
CA ASP A 657 -34.11 -14.39 10.28
C ASP A 657 -35.05 -15.57 10.56
N GLY A 658 -35.16 -16.47 9.58
CA GLY A 658 -35.92 -17.73 9.74
C GLY A 658 -37.22 -17.81 8.97
N GLN A 659 -37.91 -16.69 8.81
CA GLN A 659 -39.26 -16.66 8.22
C GLN A 659 -39.48 -15.38 7.42
N ALA A 660 -40.71 -15.20 6.91
CA ALA A 660 -41.07 -14.02 6.13
C ALA A 660 -42.41 -13.43 6.56
N ILE A 661 -42.35 -12.25 7.19
CA ILE A 661 -43.51 -11.40 7.52
C ILE A 661 -44.89 -12.07 7.55
N SER A 662 -45.42 -12.29 8.75
CA SER A 662 -46.84 -12.53 8.93
C SER A 662 -47.44 -11.17 9.30
N GLU A 663 -48.30 -10.64 8.44
CA GLU A 663 -48.82 -9.27 8.56
C GLU A 663 -49.35 -8.94 9.95
N ASP A 664 -49.97 -9.91 10.62
CA ASP A 664 -50.44 -9.77 12.01
C ASP A 664 -49.42 -9.10 12.91
N LEU A 665 -48.14 -9.42 12.71
CA LEU A 665 -47.05 -8.86 13.52
C LEU A 665 -46.99 -7.33 13.51
N GLY A 666 -47.41 -6.72 12.40
CA GLY A 666 -47.42 -5.26 12.27
C GLY A 666 -46.20 -4.74 11.55
N ILE A 667 -46.07 -5.14 10.29
CA ILE A 667 -44.99 -4.67 9.40
C ILE A 667 -45.56 -4.47 8.00
N THR A 668 -45.51 -3.23 7.49
CA THR A 668 -46.15 -2.89 6.22
C THR A 668 -45.16 -2.96 5.07
N THR A 669 -45.31 -3.99 4.24
CA THR A 669 -44.49 -4.18 3.06
C THR A 669 -45.20 -3.62 1.82
N SER A 670 -44.58 -2.62 1.20
CA SER A 670 -45.13 -2.03 -0.04
C SER A 670 -44.13 -2.12 -1.18
N ARG A 671 -44.65 -2.01 -2.40
CA ARG A 671 -43.83 -1.97 -3.60
C ARG A 671 -43.76 -0.55 -4.14
N VAL A 672 -42.84 -0.32 -5.08
CA VAL A 672 -42.72 0.95 -5.79
C VAL A 672 -42.90 0.71 -7.29
N GLY A 673 -43.58 1.64 -7.95
CA GLY A 673 -43.99 1.52 -9.36
C GLY A 673 -43.25 0.51 -10.23
N ARG A 674 -41.99 0.82 -10.54
CA ARG A 674 -41.18 0.00 -11.45
C ARG A 674 -40.48 -1.16 -10.71
N ARG A 675 -41.28 -1.96 -10.02
CA ARG A 675 -40.82 -3.04 -9.12
C ARG A 675 -39.68 -2.65 -8.17
N GLY A 676 -39.89 -1.56 -7.43
CA GLY A 676 -39.05 -1.22 -6.28
C GLY A 676 -39.78 -1.68 -5.03
N SER A 677 -39.19 -1.44 -3.85
CA SER A 677 -39.82 -1.86 -2.61
C SER A 677 -39.53 -0.92 -1.44
N VAL A 678 -40.54 -0.75 -0.57
CA VAL A 678 -40.39 0.02 0.66
C VAL A 678 -41.02 -0.72 1.84
N LEU A 679 -40.18 -1.14 2.77
CA LEU A 679 -40.63 -1.78 4.00
C LEU A 679 -40.82 -0.70 5.05
N THR A 680 -42.07 -0.46 5.43
CA THR A 680 -42.40 0.50 6.46
C THR A 680 -42.78 -0.23 7.74
N ILE A 681 -42.21 0.21 8.86
CA ILE A 681 -42.57 -0.29 10.19
C ILE A 681 -42.91 0.88 11.11
N GLU A 682 -44.19 1.23 11.18
CA GLU A 682 -44.64 2.18 12.20
C GLU A 682 -44.84 1.40 13.49
N ALA A 683 -44.66 2.08 14.62
CA ALA A 683 -44.80 1.46 15.94
C ALA A 683 -43.81 0.30 16.11
N VAL A 684 -42.52 0.63 16.09
CA VAL A 684 -41.46 -0.35 16.32
C VAL A 684 -41.61 -1.02 17.68
N GLU A 685 -41.48 -2.35 17.69
CA GLU A 685 -41.56 -3.16 18.91
C GLU A 685 -40.32 -4.04 19.06
N ALA A 686 -40.12 -4.56 20.27
CA ALA A 686 -38.98 -5.44 20.56
C ALA A 686 -38.95 -6.65 19.63
N SER A 687 -40.13 -7.17 19.33
CA SER A 687 -40.31 -8.29 18.39
C SER A 687 -39.73 -7.99 17.01
N HIS A 688 -39.68 -6.71 16.65
CA HIS A 688 -39.12 -6.29 15.35
C HIS A 688 -37.58 -6.29 15.33
N ALA A 689 -36.95 -6.56 16.47
CA ALA A 689 -35.48 -6.59 16.56
C ALA A 689 -34.91 -7.84 15.90
N GLY A 690 -33.79 -7.68 15.20
CA GLY A 690 -33.09 -8.80 14.60
C GLY A 690 -32.53 -8.53 13.22
N ASN A 691 -32.24 -9.63 12.50
CA ASN A 691 -31.64 -9.55 11.17
C ASN A 691 -32.69 -9.46 10.07
N PHE A 692 -32.69 -8.32 9.36
CA PHE A 692 -33.61 -8.06 8.26
C PHE A 692 -32.91 -8.23 6.91
N THR A 693 -33.62 -8.79 5.92
CA THR A 693 -33.02 -9.07 4.61
C THR A 693 -34.03 -8.93 3.47
N CYS A 694 -33.66 -8.11 2.48
CA CYS A 694 -34.42 -8.02 1.23
C CYS A 694 -33.95 -9.13 0.29
N HIS A 695 -34.82 -10.12 0.08
CA HIS A 695 -34.53 -11.24 -0.81
C HIS A 695 -35.28 -11.02 -2.13
N ALA A 696 -34.56 -10.63 -3.18
CA ALA A 696 -35.16 -10.27 -4.46
C ALA A 696 -34.57 -11.09 -5.61
N ARG A 697 -35.41 -11.82 -6.33
CA ARG A 697 -34.94 -12.65 -7.44
C ARG A 697 -35.60 -12.30 -8.77
N ASN A 698 -34.86 -12.57 -9.85
CA ASN A 698 -35.26 -12.21 -11.21
C ASN A 698 -34.85 -13.31 -12.17
N LEU A 699 -35.77 -13.67 -13.07
CA LEU A 699 -35.53 -14.69 -14.10
C LEU A 699 -34.04 -14.93 -14.37
N ALA A 700 -33.56 -16.10 -13.97
CA ALA A 700 -32.16 -16.49 -14.13
C ALA A 700 -31.23 -15.79 -13.13
N GLY A 701 -31.69 -15.67 -11.89
CA GLY A 701 -30.86 -15.09 -10.83
C GLY A 701 -31.60 -14.73 -9.55
N HIS A 702 -30.85 -14.62 -8.46
CA HIS A 702 -31.41 -14.31 -7.14
C HIS A 702 -30.39 -13.56 -6.29
N GLN A 703 -30.71 -12.31 -5.94
CA GLN A 703 -29.81 -11.48 -5.14
C GLN A 703 -30.51 -10.89 -3.91
N GLN A 704 -29.73 -10.60 -2.88
CA GLN A 704 -30.29 -10.14 -1.61
C GLN A 704 -29.34 -9.25 -0.83
N PHE A 705 -29.91 -8.47 0.10
CA PHE A 705 -29.10 -7.65 1.02
C PHE A 705 -29.67 -7.61 2.43
N THR A 706 -28.77 -7.67 3.42
CA THR A 706 -29.12 -7.78 4.82
C THR A 706 -28.72 -6.52 5.57
N THR A 707 -29.59 -6.08 6.48
CA THR A 707 -29.30 -4.97 7.39
C THR A 707 -29.72 -5.35 8.81
N PRO A 708 -28.91 -4.98 9.82
CA PRO A 708 -29.29 -5.27 11.20
C PRO A 708 -30.29 -4.25 11.76
N LEU A 709 -31.21 -4.72 12.61
CA LEU A 709 -32.19 -3.86 13.27
C LEU A 709 -32.16 -4.06 14.79
N ASN A 710 -31.54 -3.17 15.51
CA ASN A 710 -31.51 -3.17 16.98
C ASN A 710 -32.60 -2.28 17.56
N VAL A 711 -33.40 -2.83 18.48
CA VAL A 711 -34.51 -2.08 19.10
C VAL A 711 -34.24 -1.78 20.57
N TYR A 712 -33.70 -0.59 20.84
CA TYR A 712 -33.43 -0.17 22.21
C TYR A 712 -34.66 0.48 22.84
N VAL A 713 -34.59 0.73 24.15
CA VAL A 713 -35.71 1.26 24.93
C VAL A 713 -35.21 2.35 25.86
N PRO A 714 -35.96 3.49 25.99
CA PRO A 714 -35.47 4.64 26.75
C PRO A 714 -35.64 4.42 28.24
N PRO A 715 -35.12 5.35 29.06
CA PRO A 715 -35.37 5.24 30.48
C PRO A 715 -36.83 5.52 30.84
N ARG A 716 -37.40 4.65 31.66
CA ARG A 716 -38.70 4.88 32.29
C ARG A 716 -38.45 4.79 33.79
N TRP A 717 -39.19 5.57 34.58
CA TRP A 717 -39.05 5.52 36.03
C TRP A 717 -39.75 4.32 36.62
N ILE A 718 -39.18 3.74 37.67
CA ILE A 718 -39.91 2.76 38.50
C ILE A 718 -39.98 3.23 39.94
N LEU A 719 -39.24 4.30 40.24
CA LEU A 719 -39.38 5.01 41.51
C LEU A 719 -38.73 6.39 41.36
N GLU A 720 -39.51 7.36 40.92
CA GLU A 720 -39.02 8.73 40.89
C GLU A 720 -39.42 9.40 42.20
N PRO A 721 -38.48 10.14 42.81
CA PRO A 721 -38.38 10.42 44.24
C PRO A 721 -39.54 11.15 44.90
N THR A 722 -39.60 11.03 46.22
CA THR A 722 -40.66 11.57 47.04
C THR A 722 -40.15 12.75 47.89
N ASP A 723 -40.67 13.94 47.60
CA ASP A 723 -40.39 15.15 48.36
C ASP A 723 -40.31 14.84 49.86
N LYS A 724 -39.20 15.19 50.52
CA LYS A 724 -38.96 14.69 51.87
C LYS A 724 -38.27 15.70 52.81
N ALA A 725 -38.60 15.61 54.09
CA ALA A 725 -37.92 16.34 55.15
C ALA A 725 -37.51 15.39 56.28
N PHE A 726 -36.21 15.26 56.51
CA PHE A 726 -35.69 14.36 57.55
C PHE A 726 -35.53 15.08 58.88
N ALA A 727 -35.21 14.31 59.92
CA ALA A 727 -34.91 14.87 61.24
C ALA A 727 -33.41 15.17 61.37
N GLN A 728 -33.07 16.14 62.22
CA GLN A 728 -31.68 16.60 62.37
C GLN A 728 -30.70 15.46 62.56
N GLY A 729 -29.71 15.38 61.68
CA GLY A 729 -28.66 14.35 61.76
C GLY A 729 -29.14 12.92 61.54
N SER A 730 -30.29 12.74 60.91
CA SER A 730 -30.73 11.41 60.53
C SER A 730 -30.03 11.03 59.24
N ASP A 731 -29.86 9.73 59.01
CA ASP A 731 -29.24 9.24 57.78
C ASP A 731 -30.26 9.29 56.65
N ALA A 732 -30.02 10.17 55.68
CA ALA A 732 -30.96 10.42 54.59
C ALA A 732 -30.83 9.39 53.47
N LYS A 733 -31.85 8.54 53.34
CA LYS A 733 -31.91 7.49 52.31
C LYS A 733 -33.05 7.78 51.35
N VAL A 734 -32.75 8.44 50.24
CA VAL A 734 -33.78 8.74 49.22
C VAL A 734 -33.47 8.03 47.89
N GLU A 735 -34.37 7.13 47.51
CA GLU A 735 -34.14 6.21 46.38
C GLU A 735 -34.73 6.72 45.05
N CYS A 736 -33.85 6.91 44.07
CA CYS A 736 -34.21 7.25 42.69
C CYS A 736 -33.86 6.02 41.84
N LYS A 737 -34.79 5.54 41.04
CA LYS A 737 -34.54 4.31 40.27
C LYS A 737 -35.42 4.16 39.02
N ALA A 738 -34.76 3.91 37.90
CA ALA A 738 -35.43 3.77 36.60
C ALA A 738 -35.11 2.41 35.98
N ASP A 739 -35.80 2.13 34.87
CA ASP A 739 -35.64 0.88 34.13
C ASP A 739 -35.73 1.19 32.62
N GLY A 740 -34.69 0.83 31.89
CA GLY A 740 -34.61 1.05 30.45
C GLY A 740 -33.46 0.27 29.84
N PHE A 741 -33.47 0.16 28.51
CA PHE A 741 -32.48 -0.64 27.79
C PHE A 741 -31.73 0.24 26.80
N PRO A 742 -30.41 0.44 27.00
CA PRO A 742 -29.55 -0.17 28.02
C PRO A 742 -29.81 0.39 29.41
N LYS A 743 -29.44 -0.39 30.43
CA LYS A 743 -29.57 0.03 31.82
C LYS A 743 -29.13 1.49 31.94
N PRO A 744 -29.96 2.32 32.57
CA PRO A 744 -29.59 3.71 32.72
C PRO A 744 -28.66 3.91 33.91
N GLN A 745 -27.99 5.06 33.93
CA GLN A 745 -27.24 5.48 35.12
C GLN A 745 -28.01 6.60 35.82
N VAL A 746 -28.04 6.50 37.16
CA VAL A 746 -28.80 7.41 37.99
C VAL A 746 -27.88 8.46 38.61
N THR A 747 -27.85 9.62 37.99
CA THR A 747 -27.10 10.74 38.51
C THR A 747 -27.91 11.41 39.61
N TRP A 748 -27.23 12.17 40.46
CA TRP A 748 -27.87 13.19 41.29
C TRP A 748 -27.22 14.54 41.08
N LYS A 749 -27.86 15.60 41.55
CA LYS A 749 -27.22 16.91 41.65
C LYS A 749 -27.91 17.72 42.75
N LYS A 750 -27.35 18.89 43.09
CA LYS A 750 -27.91 19.76 44.12
C LYS A 750 -27.97 21.23 43.68
N ALA A 751 -28.99 21.93 44.16
CA ALA A 751 -29.06 23.37 44.05
C ALA A 751 -28.97 23.96 45.46
N VAL A 752 -27.88 24.69 45.74
CA VAL A 752 -27.51 25.04 47.11
C VAL A 752 -28.46 26.00 47.84
N GLY A 753 -28.68 27.18 47.26
CA GLY A 753 -29.32 28.28 48.00
C GLY A 753 -30.84 28.29 48.06
N ASP A 754 -31.46 27.16 48.38
CA ASP A 754 -32.93 27.05 48.48
C ASP A 754 -33.63 27.60 47.23
N THR A 755 -33.14 27.20 46.07
CA THR A 755 -33.64 27.72 44.80
C THR A 755 -33.18 26.83 43.65
N PRO A 756 -34.09 26.49 42.72
CA PRO A 756 -33.70 25.62 41.64
C PRO A 756 -33.08 26.41 40.50
N GLY A 757 -31.99 25.92 39.93
CA GLY A 757 -31.38 26.57 38.77
C GLY A 757 -29.90 26.28 38.60
N GLU A 758 -29.18 26.23 39.71
CA GLU A 758 -27.76 25.93 39.67
C GLU A 758 -27.52 24.44 39.33
N TYR A 759 -28.41 23.56 39.82
CA TYR A 759 -28.25 22.10 39.69
C TYR A 759 -26.80 21.64 39.36
N LYS A 760 -25.98 21.50 40.40
CA LYS A 760 -24.55 21.20 40.26
C LYS A 760 -24.20 19.92 41.02
N ASP A 761 -23.04 19.34 40.71
CA ASP A 761 -22.56 18.12 41.37
C ASP A 761 -22.55 18.22 42.90
N LEU A 762 -22.64 17.06 43.55
CA LEU A 762 -22.73 17.01 45.01
C LEU A 762 -21.39 17.34 45.65
N LYS A 763 -21.42 17.53 46.97
CA LYS A 763 -20.27 17.95 47.74
C LYS A 763 -19.43 16.75 48.18
N LYS A 764 -18.24 16.62 47.60
CA LYS A 764 -17.40 15.44 47.78
C LYS A 764 -17.02 15.21 49.25
N SER A 765 -17.74 14.28 49.89
CA SER A 765 -17.52 13.95 51.28
C SER A 765 -18.22 12.63 51.64
N ASP A 766 -17.64 11.89 52.59
CA ASP A 766 -18.24 10.63 53.07
C ASP A 766 -19.66 10.85 53.63
N ASN A 767 -19.92 12.09 54.07
CA ASN A 767 -21.26 12.52 54.44
C ASN A 767 -22.28 12.20 53.32
N ILE A 768 -21.92 12.54 52.08
CA ILE A 768 -22.83 12.39 50.94
C ILE A 768 -22.30 11.38 49.91
N ARG A 769 -23.03 10.27 49.74
CA ARG A 769 -22.67 9.23 48.77
C ARG A 769 -23.81 8.96 47.81
N VAL A 770 -23.47 8.39 46.65
CA VAL A 770 -24.47 7.90 45.70
C VAL A 770 -24.21 6.43 45.42
N GLU A 771 -25.24 5.60 45.59
CA GLU A 771 -25.10 4.16 45.37
C GLU A 771 -26.44 3.52 45.01
N GLU A 772 -26.42 2.64 44.00
CA GLU A 772 -27.63 2.01 43.46
C GLU A 772 -28.62 3.03 42.91
N GLY A 773 -28.12 4.23 42.59
CA GLY A 773 -28.98 5.37 42.30
C GLY A 773 -29.59 6.02 43.53
N THR A 774 -29.45 5.40 44.70
CA THR A 774 -29.97 5.97 45.93
C THR A 774 -29.07 7.10 46.38
N LEU A 775 -29.69 8.22 46.76
CA LEU A 775 -28.96 9.28 47.44
C LEU A 775 -28.83 8.86 48.89
N HIS A 776 -27.60 8.56 49.30
CA HIS A 776 -27.29 8.15 50.65
C HIS A 776 -26.51 9.29 51.29
N VAL A 777 -27.22 10.20 51.95
CA VAL A 777 -26.57 11.30 52.67
C VAL A 777 -26.69 11.05 54.17
N ASP A 778 -25.63 10.47 54.74
CA ASP A 778 -25.59 10.13 56.16
C ASP A 778 -25.57 11.40 57.02
N ASN A 779 -26.13 11.30 58.22
CA ASN A 779 -26.15 12.41 59.18
C ASN A 779 -26.48 13.74 58.48
N ILE A 780 -27.77 13.99 58.27
CA ILE A 780 -28.19 15.18 57.53
C ILE A 780 -27.92 16.46 58.31
N GLN A 781 -27.27 17.40 57.65
CA GLN A 781 -26.91 18.68 58.24
C GLN A 781 -28.03 19.66 57.97
N LYS A 782 -28.17 20.65 58.85
CA LYS A 782 -29.22 21.66 58.75
C LYS A 782 -28.99 22.61 57.57
N THR A 783 -27.76 22.63 57.06
CA THR A 783 -27.42 23.36 55.84
C THR A 783 -27.78 22.55 54.59
N ASN A 784 -28.12 21.26 54.76
CA ASN A 784 -28.44 20.38 53.61
C ASN A 784 -29.88 20.49 53.11
N GLU A 785 -30.63 21.47 53.63
CA GLU A 785 -31.91 21.84 53.05
C GLU A 785 -31.76 22.13 51.55
N GLY A 786 -32.87 22.05 50.80
CA GLY A 786 -32.89 22.51 49.41
C GLY A 786 -33.27 21.43 48.41
N TYR A 787 -33.08 21.74 47.13
CA TYR A 787 -33.54 20.86 46.05
C TYR A 787 -32.42 20.03 45.45
N TYR A 788 -32.62 18.72 45.45
CA TYR A 788 -31.72 17.78 44.77
C TYR A 788 -32.42 17.18 43.56
N LEU A 789 -31.63 16.88 42.53
CA LEU A 789 -32.18 16.53 41.23
C LEU A 789 -31.53 15.27 40.71
N CYS A 790 -32.30 14.19 40.60
CA CYS A 790 -31.75 12.93 40.04
C CYS A 790 -32.09 12.82 38.55
N GLU A 791 -31.09 12.49 37.73
CA GLU A 791 -31.34 12.30 36.30
C GLU A 791 -31.08 10.86 35.96
N ALA A 792 -31.97 10.28 35.15
CA ALA A 792 -31.82 8.93 34.63
C ALA A 792 -31.42 9.01 33.16
N ILE A 793 -30.27 8.43 32.82
CA ILE A 793 -29.79 8.47 31.44
C ILE A 793 -29.17 7.15 30.97
N ASN A 794 -29.50 6.75 29.74
CA ASN A 794 -28.73 5.74 29.02
C ASN A 794 -28.25 6.24 27.66
N GLY A 795 -28.78 7.38 27.22
CA GLY A 795 -28.35 8.00 25.96
C GLY A 795 -29.16 7.56 24.76
N ILE A 796 -30.34 6.99 25.01
CA ILE A 796 -31.19 6.49 23.94
C ILE A 796 -32.04 7.64 23.40
N GLY A 797 -32.71 8.34 24.31
CA GLY A 797 -33.34 9.61 23.99
C GLY A 797 -32.70 10.67 24.86
N SER A 798 -33.32 11.83 24.93
CA SER A 798 -32.91 12.84 25.91
C SER A 798 -33.13 12.24 27.30
N GLY A 799 -32.57 12.88 28.32
CA GLY A 799 -32.59 12.32 29.67
C GLY A 799 -33.93 12.35 30.39
N LEU A 800 -34.07 11.47 31.38
CA LEU A 800 -35.12 11.57 32.37
C LEU A 800 -34.58 12.42 33.51
N SER A 801 -35.46 13.23 34.10
CA SER A 801 -35.08 14.17 35.15
C SER A 801 -36.13 14.27 36.21
N ALA A 802 -35.69 14.45 37.45
CA ALA A 802 -36.61 14.58 38.56
C ALA A 802 -36.05 15.51 39.63
N VAL A 803 -36.92 16.41 40.10
CA VAL A 803 -36.58 17.41 41.10
C VAL A 803 -37.19 17.00 42.43
N ILE A 804 -36.56 17.39 43.52
CA ILE A 804 -37.02 17.03 44.86
C ILE A 804 -36.48 18.01 45.89
N MET A 805 -37.23 18.23 46.99
CA MET A 805 -36.75 19.07 48.10
C MET A 805 -36.54 18.22 49.34
N ILE A 806 -35.31 18.21 49.84
CA ILE A 806 -34.95 17.52 51.07
C ILE A 806 -34.71 18.57 52.13
N SER A 807 -35.44 18.47 53.24
CA SER A 807 -35.40 19.48 54.31
C SER A 807 -35.04 18.89 55.67
N VAL A 808 -34.94 19.76 56.68
CA VAL A 808 -34.54 19.36 58.04
C VAL A 808 -35.61 19.74 59.08
N GLN A 809 -35.73 18.91 60.11
CA GLN A 809 -36.65 19.15 61.23
C GLN A 809 -35.96 18.91 62.57
N ALA A 810 -36.35 19.69 63.58
CA ALA A 810 -35.78 19.58 64.92
C ALA A 810 -36.68 20.19 66.00
N GLN B 36 -21.95 61.19 21.89
CA GLN B 36 -21.81 61.20 20.40
C GLN B 36 -21.39 59.82 19.91
N LYS B 37 -20.70 59.05 20.75
CA LYS B 37 -20.17 57.74 20.35
C LYS B 37 -19.99 56.79 21.53
N GLY B 38 -20.37 55.53 21.33
CA GLY B 38 -20.20 54.50 22.34
C GLY B 38 -18.74 54.15 22.53
N PRO B 39 -18.41 53.50 23.65
CA PRO B 39 -17.02 53.21 23.99
C PRO B 39 -16.38 52.20 23.03
N VAL B 40 -15.06 52.29 22.88
CA VAL B 40 -14.30 51.34 22.07
C VAL B 40 -12.90 51.16 22.66
N PHE B 41 -12.43 49.92 22.74
CA PHE B 41 -11.15 49.64 23.39
C PHE B 41 -10.03 50.09 22.51
N LEU B 42 -9.17 50.98 23.01
CA LEU B 42 -7.96 51.37 22.28
C LEU B 42 -6.76 50.55 22.71
N LYS B 43 -6.79 50.06 23.95
CA LYS B 43 -5.67 49.28 24.48
C LYS B 43 -6.14 48.35 25.60
N GLU B 44 -6.17 47.06 25.32
CA GLU B 44 -6.51 46.05 26.32
C GLU B 44 -5.24 45.46 26.93
N PRO B 45 -5.37 44.81 28.10
CA PRO B 45 -4.22 44.07 28.64
C PRO B 45 -4.04 42.73 27.93
N THR B 46 -2.87 42.13 28.09
CA THR B 46 -2.57 40.84 27.48
C THR B 46 -3.34 39.71 28.17
N ASN B 47 -3.43 38.56 27.51
CA ASN B 47 -4.09 37.39 28.09
C ASN B 47 -3.38 36.87 29.33
N ARG B 48 -2.05 36.94 29.31
CA ARG B 48 -1.22 36.44 30.39
C ARG B 48 -0.37 37.54 30.98
N ILE B 49 -0.49 37.73 32.30
CA ILE B 49 0.45 38.56 33.05
C ILE B 49 1.01 37.78 34.23
N ASP B 50 2.25 37.33 34.06
CA ASP B 50 2.98 36.58 35.09
C ASP B 50 4.03 37.50 35.67
N PHE B 51 4.21 37.48 36.98
CA PHE B 51 5.27 38.28 37.61
C PHE B 51 5.67 37.82 39.01
N SER B 52 6.86 38.22 39.43
CA SER B 52 7.42 37.81 40.71
C SER B 52 7.12 38.83 41.81
N ASN B 53 7.03 38.32 43.04
CA ASN B 53 6.68 39.13 44.19
C ASN B 53 7.64 40.29 44.49
N SER B 54 8.89 40.17 44.02
CA SER B 54 9.89 41.24 44.14
C SER B 54 9.85 42.21 42.95
N THR B 55 9.27 41.79 41.83
CA THR B 55 9.23 42.61 40.63
C THR B 55 7.99 43.48 40.58
N GLY B 56 6.84 42.87 40.90
CA GLY B 56 5.56 43.57 40.81
C GLY B 56 5.09 43.69 39.37
N ALA B 57 3.85 44.16 39.18
CA ALA B 57 3.30 44.30 37.83
C ALA B 57 2.15 45.31 37.76
N GLU B 58 2.00 45.95 36.61
CA GLU B 58 0.89 46.85 36.35
C GLU B 58 0.23 46.51 35.02
N ILE B 59 -1.11 46.60 34.96
CA ILE B 59 -1.85 46.37 33.72
C ILE B 59 -2.74 47.56 33.41
N GLU B 60 -2.45 48.19 32.28
CA GLU B 60 -3.09 49.44 31.86
C GLU B 60 -4.20 49.15 30.86
N CYS B 61 -5.41 49.63 31.12
CA CYS B 61 -6.51 49.46 30.17
C CYS B 61 -7.05 50.79 29.70
N LYS B 62 -6.77 51.15 28.45
CA LYS B 62 -7.18 52.44 27.91
C LYS B 62 -8.34 52.28 26.93
N ALA B 63 -9.41 53.03 27.18
CA ALA B 63 -10.61 52.99 26.35
C ALA B 63 -11.00 54.39 25.84
N SER B 64 -11.47 54.44 24.59
CA SER B 64 -11.91 55.67 23.96
C SER B 64 -13.43 55.71 23.85
N GLY B 65 -13.99 56.92 23.82
CA GLY B 65 -15.44 57.08 23.69
C GLY B 65 -15.93 58.52 23.71
N ASN B 66 -17.26 58.68 23.72
CA ASN B 66 -17.91 59.99 23.79
C ASN B 66 -19.37 59.84 24.23
N PRO B 67 -19.67 60.16 25.50
CA PRO B 67 -18.82 60.77 26.52
C PRO B 67 -17.64 59.89 26.93
N MET B 68 -16.63 60.54 27.49
CA MET B 68 -15.42 59.87 27.97
C MET B 68 -15.79 58.82 29.01
N PRO B 69 -15.57 57.55 28.69
CA PRO B 69 -16.01 56.48 29.57
C PRO B 69 -15.13 56.29 30.80
N GLU B 70 -15.74 55.82 31.88
CA GLU B 70 -15.01 55.41 33.07
C GLU B 70 -14.51 53.99 32.86
N ILE B 71 -13.43 53.64 33.56
CA ILE B 71 -12.81 52.33 33.44
C ILE B 71 -12.87 51.59 34.77
N ILE B 72 -13.86 50.72 34.93
CA ILE B 72 -13.98 49.91 36.14
C ILE B 72 -13.47 48.51 35.86
N TRP B 73 -12.66 47.98 36.76
CA TRP B 73 -12.09 46.64 36.60
C TRP B 73 -13.00 45.58 37.23
N ILE B 74 -13.26 44.50 36.50
CA ILE B 74 -14.16 43.45 36.97
C ILE B 74 -13.47 42.10 37.23
N ARG B 75 -14.17 41.27 37.97
CA ARG B 75 -13.67 39.98 38.42
C ARG B 75 -14.35 38.86 37.63
N SER B 76 -13.79 37.65 37.73
CA SER B 76 -14.32 36.45 37.05
C SER B 76 -15.84 36.31 37.01
N ASP B 77 -16.49 36.46 38.16
CA ASP B 77 -17.94 36.23 38.28
C ASP B 77 -18.79 37.34 37.65
N GLY B 78 -18.23 38.53 37.52
CA GLY B 78 -18.97 39.70 37.01
C GLY B 78 -18.99 40.89 37.96
N THR B 79 -18.63 40.66 39.22
CA THR B 79 -18.56 41.75 40.20
C THR B 79 -17.36 42.65 39.91
N ALA B 80 -17.48 43.93 40.22
CA ALA B 80 -16.38 44.89 40.02
C ALA B 80 -15.35 44.71 41.13
N VAL B 81 -14.08 44.58 40.73
CA VAL B 81 -13.00 44.32 41.68
C VAL B 81 -12.70 45.54 42.55
N GLY B 82 -12.47 45.28 43.83
CA GLY B 82 -12.14 46.34 44.80
C GLY B 82 -10.65 46.44 45.03
N ASP B 83 -10.27 47.24 46.02
CA ASP B 83 -8.87 47.47 46.36
C ASP B 83 -8.42 46.63 47.55
N VAL B 84 -7.12 46.43 47.65
CA VAL B 84 -6.49 45.76 48.77
C VAL B 84 -5.15 46.45 49.07
N PRO B 85 -5.13 47.34 50.09
CA PRO B 85 -3.94 48.15 50.40
C PRO B 85 -2.67 47.33 50.54
N GLY B 86 -1.76 47.51 49.58
CA GLY B 86 -0.48 46.80 49.57
C GLY B 86 -0.37 45.77 48.46
N LEU B 87 -1.46 45.04 48.21
CA LEU B 87 -1.45 43.93 47.26
C LEU B 87 -2.00 44.31 45.89
N ARG B 88 -3.19 44.92 45.88
CA ARG B 88 -3.85 45.30 44.63
C ARG B 88 -4.47 46.69 44.78
N GLN B 89 -4.19 47.56 43.82
CA GLN B 89 -4.69 48.93 43.86
C GLN B 89 -5.22 49.35 42.49
N ILE B 90 -6.41 49.98 42.49
CA ILE B 90 -6.98 50.53 41.27
C ILE B 90 -6.58 51.99 41.17
N SER B 91 -5.76 52.31 40.16
CA SER B 91 -5.23 53.66 40.00
C SER B 91 -5.92 54.41 38.86
N SER B 92 -5.38 55.59 38.53
CA SER B 92 -5.93 56.44 37.45
C SER B 92 -5.66 55.84 36.07
N ASP B 93 -6.28 56.43 35.05
CA ASP B 93 -6.11 56.02 33.65
C ASP B 93 -6.45 54.54 33.42
N GLY B 94 -7.33 53.99 34.26
CA GLY B 94 -7.67 52.56 34.23
C GLY B 94 -6.49 51.62 34.43
N LYS B 95 -5.51 52.06 35.23
CA LYS B 95 -4.34 51.25 35.52
C LYS B 95 -4.57 50.42 36.78
N LEU B 96 -4.64 49.10 36.60
CA LEU B 96 -4.74 48.18 37.74
C LEU B 96 -3.33 47.78 38.14
N VAL B 97 -2.95 48.12 39.37
CA VAL B 97 -1.58 47.95 39.85
C VAL B 97 -1.47 46.84 40.89
N PHE B 98 -0.49 45.96 40.69
CA PHE B 98 -0.14 44.93 41.66
C PHE B 98 1.29 45.20 42.14
N PRO B 99 1.44 45.99 43.22
CA PRO B 99 2.79 46.37 43.62
C PRO B 99 3.59 45.20 44.20
N PRO B 100 4.91 45.39 44.43
CA PRO B 100 5.76 44.38 45.03
C PRO B 100 5.29 43.98 46.43
N PHE B 101 5.58 42.76 46.84
CA PHE B 101 5.12 42.26 48.15
C PHE B 101 5.95 41.10 48.66
N ARG B 102 5.71 40.73 49.92
CA ARG B 102 6.47 39.68 50.60
C ARG B 102 5.67 38.37 50.58
N ALA B 103 6.37 37.26 50.74
CA ALA B 103 5.75 35.94 50.66
C ALA B 103 4.51 35.85 51.54
N GLU B 104 4.67 36.22 52.81
CA GLU B 104 3.57 36.25 53.78
C GLU B 104 2.36 37.04 53.27
N ASP B 105 2.61 38.09 52.49
CA ASP B 105 1.55 38.95 51.95
C ASP B 105 0.80 38.34 50.75
N TYR B 106 1.33 37.27 50.16
CA TYR B 106 0.70 36.63 48.99
C TYR B 106 -0.70 36.13 49.33
N ARG B 107 -1.66 36.44 48.46
CA ARG B 107 -3.04 35.98 48.67
C ARG B 107 -3.71 35.58 47.35
N GLN B 108 -4.09 34.31 47.28
CA GLN B 108 -4.66 33.69 46.08
C GLN B 108 -5.72 34.56 45.44
N GLU B 109 -6.68 35.01 46.26
CA GLU B 109 -7.77 35.87 45.80
C GLU B 109 -7.31 37.00 44.90
N VAL B 110 -6.13 37.57 45.19
CA VAL B 110 -5.61 38.72 44.45
C VAL B 110 -4.52 38.36 43.45
N HIS B 111 -3.54 37.58 43.89
CA HIS B 111 -2.34 37.30 43.10
C HIS B 111 -2.43 36.05 42.17
N ALA B 112 -3.59 35.40 42.13
CA ALA B 112 -3.80 34.26 41.23
C ALA B 112 -5.26 34.27 40.75
N GLN B 113 -5.60 35.27 39.96
CA GLN B 113 -7.00 35.60 39.72
C GLN B 113 -7.30 35.97 38.25
N VAL B 114 -8.56 35.81 37.86
CA VAL B 114 -9.02 36.15 36.52
C VAL B 114 -9.69 37.52 36.52
N TYR B 115 -8.92 38.52 36.11
CA TYR B 115 -9.41 39.89 36.04
C TYR B 115 -9.87 40.24 34.63
N ALA B 116 -10.57 41.37 34.51
CA ALA B 116 -11.01 41.87 33.21
C ALA B 116 -11.35 43.36 33.30
N CYS B 117 -10.93 44.13 32.30
CA CYS B 117 -11.18 45.56 32.28
C CYS B 117 -12.55 45.83 31.66
N LEU B 118 -13.34 46.69 32.30
CA LEU B 118 -14.66 47.10 31.80
C LEU B 118 -14.71 48.61 31.59
N ALA B 119 -14.72 49.04 30.34
CA ALA B 119 -14.84 50.45 30.00
C ALA B 119 -16.29 50.73 29.65
N ARG B 120 -16.80 51.87 30.11
CA ARG B 120 -18.23 52.16 29.97
C ARG B 120 -18.53 53.64 30.08
N ASN B 121 -19.47 54.10 29.25
CA ASN B 121 -20.05 55.43 29.39
C ASN B 121 -21.56 55.34 29.45
N GLN B 122 -22.21 56.48 29.72
CA GLN B 122 -23.66 56.54 29.77
C GLN B 122 -24.36 56.00 28.51
N PHE B 123 -23.63 55.95 27.40
CA PHE B 123 -24.17 55.42 26.15
C PHE B 123 -24.18 53.90 26.14
N GLY B 124 -23.18 53.29 26.78
CA GLY B 124 -23.05 51.83 26.77
C GLY B 124 -21.84 51.27 27.49
N SER B 125 -21.70 49.94 27.44
CA SER B 125 -20.67 49.22 28.21
C SER B 125 -19.91 48.20 27.35
N ILE B 126 -18.63 48.02 27.65
CA ILE B 126 -17.82 46.97 27.02
C ILE B 126 -16.79 46.38 27.98
N ILE B 127 -16.80 45.06 28.11
CA ILE B 127 -15.83 44.35 28.94
C ILE B 127 -14.76 43.68 28.08
N SER B 128 -13.51 43.86 28.49
CA SER B 128 -12.35 43.44 27.70
C SER B 128 -12.23 41.93 27.69
N ARG B 129 -11.24 41.43 26.96
CA ARG B 129 -10.88 40.03 27.03
C ARG B 129 -10.41 39.69 28.43
N ASP B 130 -10.33 38.40 28.72
CA ASP B 130 -9.93 37.93 30.04
C ASP B 130 -8.44 38.22 30.22
N VAL B 131 -8.09 38.73 31.40
CA VAL B 131 -6.69 38.94 31.79
C VAL B 131 -6.36 37.99 32.94
N HIS B 132 -5.49 37.01 32.68
CA HIS B 132 -5.06 36.09 33.73
C HIS B 132 -3.90 36.72 34.49
N VAL B 133 -4.12 37.05 35.75
CA VAL B 133 -3.04 37.55 36.59
C VAL B 133 -2.49 36.43 37.44
N ARG B 134 -1.19 36.19 37.27
CA ARG B 134 -0.48 35.14 37.99
C ARG B 134 0.79 35.70 38.62
N ALA B 135 0.65 36.17 39.85
CA ALA B 135 1.79 36.55 40.66
C ALA B 135 2.34 35.27 41.27
N VAL B 136 3.65 35.07 41.15
CA VAL B 136 4.33 33.90 41.69
C VAL B 136 5.51 34.33 42.56
N VAL B 137 5.47 33.95 43.83
CA VAL B 137 6.51 34.38 44.76
C VAL B 137 7.82 33.67 44.41
N ALA B 138 8.89 34.46 44.29
CA ALA B 138 10.19 33.94 43.93
C ALA B 138 10.61 32.84 44.90
N GLN B 139 10.36 31.59 44.51
CA GLN B 139 10.63 30.43 45.35
C GLN B 139 11.82 29.65 44.81
N TYR B 140 12.45 28.86 45.66
CA TYR B 140 13.63 28.08 45.26
C TYR B 140 13.25 26.84 44.45
N TYR B 141 14.12 26.50 43.50
CA TYR B 141 13.98 25.27 42.71
C TYR B 141 15.37 24.75 42.33
N GLU B 142 15.49 23.42 42.21
CA GLU B 142 16.73 22.81 41.73
C GLU B 142 16.45 21.77 40.66
N ALA B 143 17.07 21.95 39.49
CA ALA B 143 16.91 21.02 38.39
C ALA B 143 17.78 19.78 38.62
N ASP B 144 17.30 18.63 38.18
CA ASP B 144 18.06 17.38 38.31
C ASP B 144 18.39 16.81 36.93
N VAL B 145 19.50 16.09 36.84
CA VAL B 145 19.83 15.30 35.65
C VAL B 145 20.30 13.94 36.11
N ASN B 146 19.51 12.91 35.81
CA ASN B 146 19.76 11.56 36.32
C ASN B 146 20.47 10.65 35.31
N LYS B 147 20.89 9.48 35.78
CA LYS B 147 21.56 8.48 34.93
C LYS B 147 20.67 8.08 33.77
N GLU B 148 21.23 8.02 32.57
CA GLU B 148 20.49 7.54 31.41
C GLU B 148 21.15 6.29 30.84
N HIS B 149 20.39 5.21 30.71
CA HIS B 149 20.95 3.94 30.26
C HIS B 149 20.76 3.75 28.77
N VAL B 150 21.81 3.38 28.06
CA VAL B 150 21.75 3.18 26.62
C VAL B 150 22.42 1.89 26.20
N ILE B 151 21.85 1.24 25.17
CA ILE B 151 22.48 0.07 24.56
C ILE B 151 23.44 0.54 23.47
N ARG B 152 24.73 0.35 23.73
CA ARG B 152 25.78 0.81 22.84
C ARG B 152 25.33 0.77 21.39
N GLY B 153 25.26 1.94 20.76
CA GLY B 153 24.84 2.02 19.37
C GLY B 153 23.62 2.89 19.18
N ASN B 154 22.63 2.73 20.05
CA ASN B 154 21.42 3.54 19.97
C ASN B 154 21.73 5.00 20.30
N SER B 155 20.79 5.89 19.97
CA SER B 155 20.94 7.31 20.26
C SER B 155 20.31 7.66 21.60
N ALA B 156 20.91 8.63 22.29
CA ALA B 156 20.51 9.01 23.65
C ALA B 156 19.80 10.35 23.70
N VAL B 157 18.94 10.51 24.70
CA VAL B 157 18.30 11.79 25.01
C VAL B 157 18.41 12.07 26.50
N ILE B 158 19.37 12.92 26.87
CA ILE B 158 19.58 13.27 28.27
C ILE B 158 18.60 14.36 28.64
N LYS B 159 17.73 14.06 29.59
CA LYS B 159 16.63 14.95 29.93
C LYS B 159 16.98 15.74 31.18
N CYS B 160 16.63 17.03 31.17
CA CYS B 160 16.85 17.92 32.31
C CYS B 160 15.56 18.05 33.10
N LEU B 161 15.46 17.30 34.20
CA LEU B 161 14.24 17.25 34.99
C LEU B 161 14.06 18.51 35.81
N ILE B 162 13.00 19.25 35.49
CA ILE B 162 12.58 20.44 36.23
C ILE B 162 11.35 20.10 37.04
N PRO B 163 11.28 20.56 38.29
CA PRO B 163 10.07 20.37 39.07
C PRO B 163 8.82 20.85 38.33
N SER B 164 7.89 19.92 38.12
CA SER B 164 6.66 20.21 37.37
C SER B 164 5.99 21.50 37.82
N PHE B 165 5.92 21.70 39.13
CA PHE B 165 5.21 22.85 39.69
C PHE B 165 5.87 24.21 39.39
N VAL B 166 7.12 24.21 38.91
CA VAL B 166 7.77 25.44 38.43
C VAL B 166 8.06 25.43 36.92
N ALA B 167 7.73 24.33 36.26
CA ALA B 167 7.90 24.22 34.80
C ALA B 167 7.53 25.49 34.05
N ASP B 168 6.32 25.97 34.27
CA ASP B 168 5.78 27.14 33.55
C ASP B 168 6.72 28.35 33.54
N PHE B 169 7.61 28.45 34.53
CA PHE B 169 8.50 29.59 34.65
C PHE B 169 9.98 29.25 34.53
N VAL B 170 10.29 27.98 34.25
CA VAL B 170 11.69 27.55 34.16
C VAL B 170 11.93 26.76 32.89
N GLU B 171 12.97 27.12 32.14
CA GLU B 171 13.30 26.35 30.92
C GLU B 171 14.81 26.14 30.77
N VAL B 172 15.17 25.20 29.90
CA VAL B 172 16.57 24.85 29.68
C VAL B 172 17.24 25.91 28.81
N VAL B 173 18.47 26.25 29.15
CA VAL B 173 19.22 27.28 28.43
C VAL B 173 20.41 26.69 27.72
N SER B 174 21.22 25.91 28.43
CA SER B 174 22.41 25.31 27.84
C SER B 174 22.86 24.09 28.65
N TRP B 175 23.55 23.16 27.98
CA TRP B 175 24.09 21.97 28.65
C TRP B 175 25.60 22.13 28.85
N HIS B 176 26.10 21.49 29.91
CA HIS B 176 27.52 21.57 30.23
C HIS B 176 28.04 20.19 30.66
N THR B 177 29.23 19.85 30.15
CA THR B 177 29.88 18.57 30.44
C THR B 177 31.03 18.76 31.40
N ASP B 178 31.38 17.72 32.16
CA ASP B 178 32.49 17.82 33.11
C ASP B 178 33.85 18.06 32.42
N GLU B 179 33.95 17.69 31.15
CA GLU B 179 35.14 18.01 30.35
C GLU B 179 35.18 19.49 29.92
N GLU B 180 34.21 20.27 30.40
CA GLU B 180 34.07 21.70 30.06
C GLU B 180 33.84 21.92 28.57
N GLU B 181 32.76 21.31 28.09
CA GLU B 181 32.21 21.58 26.77
C GLU B 181 30.79 22.10 27.01
N ASN B 182 30.38 23.11 26.26
CA ASN B 182 29.07 23.73 26.45
C ASN B 182 28.20 23.63 25.21
N TYR B 183 27.13 22.85 25.28
CA TYR B 183 26.22 22.68 24.14
C TYR B 183 24.98 23.57 24.30
N PHE B 184 24.87 24.56 23.42
CA PHE B 184 23.74 25.49 23.42
C PHE B 184 22.68 25.00 22.41
N PRO B 185 21.53 25.70 22.33
CA PRO B 185 20.58 25.39 21.27
C PRO B 185 21.02 26.00 19.96
N GLY B 186 20.57 25.39 18.85
CA GLY B 186 20.98 25.80 17.52
C GLY B 186 21.32 24.58 16.68
N ALA B 187 22.25 24.74 15.75
CA ALA B 187 22.65 23.62 14.90
C ALA B 187 23.37 22.53 15.70
N GLU B 188 23.68 21.42 15.02
CA GLU B 188 24.32 20.27 15.68
C GLU B 188 25.82 20.47 15.84
N TYR B 189 26.34 20.09 17.01
CA TYR B 189 27.77 20.10 17.27
C TYR B 189 28.38 18.81 16.76
N ASP B 190 29.57 18.92 16.16
CA ASP B 190 30.36 17.75 15.77
C ASP B 190 29.52 16.64 15.12
N GLY B 191 28.39 17.01 14.52
CA GLY B 191 27.45 16.05 13.96
C GLY B 191 26.99 14.95 14.91
N LYS B 192 26.97 15.23 16.21
CA LYS B 192 26.65 14.22 17.20
C LYS B 192 25.74 14.76 18.31
N TYR B 193 26.20 15.82 18.99
CA TYR B 193 25.46 16.42 20.11
C TYR B 193 24.53 17.48 19.58
N LEU B 194 23.28 17.45 20.05
CA LEU B 194 22.28 18.45 19.65
C LEU B 194 21.32 18.74 20.81
N VAL B 195 21.16 20.01 21.13
CA VAL B 195 20.19 20.44 22.12
C VAL B 195 18.84 20.58 21.43
N LEU B 196 17.90 19.71 21.79
CA LEU B 196 16.55 19.77 21.22
C LEU B 196 15.81 21.01 21.69
N PRO B 197 14.87 21.52 20.88
CA PRO B 197 14.06 22.69 21.25
C PRO B 197 13.41 22.59 22.63
N SER B 198 12.91 21.40 22.95
CA SER B 198 12.26 21.15 24.22
C SER B 198 13.23 20.99 25.40
N GLY B 199 14.51 21.27 25.19
CA GLY B 199 15.46 21.37 26.29
C GLY B 199 16.40 20.20 26.48
N GLU B 200 16.03 19.03 25.95
CA GLU B 200 16.83 17.83 26.12
C GLU B 200 18.16 17.94 25.38
N LEU B 201 19.13 17.11 25.78
CA LEU B 201 20.39 16.97 25.07
C LEU B 201 20.37 15.65 24.30
N HIS B 202 20.37 15.76 22.98
CA HIS B 202 20.24 14.61 22.11
C HIS B 202 21.61 14.17 21.61
N ILE B 203 22.06 13.04 22.15
CA ILE B 203 23.34 12.46 21.78
C ILE B 203 23.11 11.43 20.69
N ARG B 204 23.64 11.69 19.50
CA ARG B 204 23.45 10.81 18.37
C ARG B 204 24.43 9.65 18.44
N GLU B 205 23.91 8.43 18.27
CA GLU B 205 24.75 7.21 18.18
C GLU B 205 25.78 7.10 19.32
N VAL B 206 25.29 6.67 20.49
CA VAL B 206 26.12 6.66 21.69
C VAL B 206 27.13 5.53 21.61
N GLY B 207 28.39 5.87 21.91
CA GLY B 207 29.47 4.88 21.96
C GLY B 207 30.34 5.06 23.20
N PRO B 208 31.10 4.02 23.59
CA PRO B 208 31.90 3.99 24.82
C PRO B 208 32.55 5.32 25.17
N GLU B 209 33.09 5.99 24.16
CA GLU B 209 33.76 7.28 24.32
C GLU B 209 32.89 8.40 24.93
N ASP B 210 31.65 8.07 25.30
CA ASP B 210 30.71 9.05 25.84
C ASP B 210 30.06 8.68 27.18
N GLY B 211 30.44 7.55 27.75
CA GLY B 211 30.04 7.18 29.11
C GLY B 211 30.93 7.82 30.16
N TYR B 212 31.92 8.54 29.66
CA TYR B 212 32.92 9.21 30.45
C TYR B 212 32.38 10.54 30.95
N LYS B 213 31.79 11.30 30.03
CA LYS B 213 31.33 12.65 30.29
C LYS B 213 30.10 12.67 31.19
N SER B 214 30.11 13.56 32.17
CA SER B 214 28.96 13.78 33.04
C SER B 214 28.26 15.03 32.56
N TYR B 215 27.00 14.89 32.17
CA TYR B 215 26.24 16.00 31.60
C TYR B 215 25.36 16.62 32.66
N GLN B 216 25.24 17.96 32.64
CA GLN B 216 24.33 18.68 33.54
C GLN B 216 23.77 19.95 32.89
N CYS B 217 22.49 20.23 33.16
CA CYS B 217 21.76 21.30 32.48
C CYS B 217 21.78 22.58 33.28
N ARG B 218 21.63 23.68 32.55
CA ARG B 218 21.59 25.02 33.10
C ARG B 218 20.20 25.60 32.76
N THR B 219 19.43 25.92 33.79
CA THR B 219 18.06 26.42 33.60
C THR B 219 17.96 27.91 33.86
N LYS B 220 17.00 28.58 33.23
CA LYS B 220 16.69 29.98 33.55
C LYS B 220 15.25 30.13 33.97
N HIS B 221 15.05 30.87 35.06
CA HIS B 221 13.73 31.22 35.55
C HIS B 221 13.28 32.49 34.86
N ARG B 222 12.23 32.41 34.05
CA ARG B 222 11.79 33.54 33.23
C ARG B 222 11.10 34.67 33.99
N LEU B 223 10.92 34.54 35.31
CA LEU B 223 10.38 35.66 36.10
C LEU B 223 11.46 36.27 36.99
N THR B 224 12.23 35.42 37.68
CA THR B 224 13.29 35.93 38.57
C THR B 224 14.54 36.35 37.80
N GLY B 225 14.78 35.70 36.66
CA GLY B 225 15.91 36.04 35.80
C GLY B 225 17.23 35.44 36.25
N GLU B 226 17.17 34.38 37.05
CA GLU B 226 18.37 33.66 37.47
C GLU B 226 18.55 32.41 36.64
N THR B 227 19.78 32.14 36.24
CA THR B 227 20.15 30.89 35.58
C THR B 227 20.96 30.06 36.56
N ARG B 228 20.46 28.86 36.85
CA ARG B 228 21.12 27.98 37.80
C ARG B 228 21.37 26.59 37.21
N LEU B 229 22.50 26.00 37.58
CA LEU B 229 22.85 24.65 37.14
C LEU B 229 22.06 23.60 37.92
N SER B 230 21.96 22.42 37.34
CA SER B 230 21.32 21.27 37.99
C SER B 230 22.10 20.81 39.20
N ALA B 231 21.38 20.46 40.26
CA ALA B 231 21.99 19.99 41.49
C ALA B 231 22.55 18.58 41.35
N THR B 232 22.10 17.84 40.33
CA THR B 232 22.57 16.48 40.10
C THR B 232 23.05 16.30 38.67
N LYS B 233 24.27 15.78 38.51
CA LYS B 233 24.85 15.54 37.20
C LYS B 233 24.45 14.15 36.70
N GLY B 234 23.96 14.08 35.47
CA GLY B 234 23.62 12.80 34.85
C GLY B 234 24.81 12.24 34.09
N ARG B 235 24.71 10.96 33.72
CA ARG B 235 25.72 10.31 32.88
C ARG B 235 25.09 9.23 32.04
N LEU B 236 25.82 8.79 31.02
CA LEU B 236 25.36 7.74 30.13
C LEU B 236 25.91 6.37 30.55
N VAL B 237 25.05 5.51 31.09
CA VAL B 237 25.44 4.14 31.36
C VAL B 237 25.32 3.39 30.05
N ILE B 238 26.46 3.13 29.40
CA ILE B 238 26.49 2.40 28.12
C ILE B 238 26.65 0.90 28.36
N THR B 239 25.69 0.10 27.88
CA THR B 239 25.79 -1.35 28.04
C THR B 239 26.09 -2.05 26.72
N GLU B 240 26.99 -3.04 26.79
CA GLU B 240 27.37 -3.99 25.72
C GLU B 240 26.17 -4.75 25.17
N PRO B 241 26.00 -4.82 23.84
CA PRO B 241 24.91 -5.67 23.35
C PRO B 241 25.37 -7.10 23.14
N ILE B 242 24.61 -8.05 23.69
CA ILE B 242 24.87 -9.47 23.45
C ILE B 242 23.61 -10.15 22.94
N SER B 243 22.56 -10.10 23.75
CA SER B 243 21.26 -10.65 23.37
C SER B 243 20.57 -9.68 22.41
N SER B 244 19.89 -10.23 21.40
CA SER B 244 19.17 -9.41 20.43
C SER B 244 17.86 -8.90 21.04
N ALA B 245 17.87 -7.64 21.47
CA ALA B 245 16.74 -7.06 22.19
C ALA B 245 15.76 -6.38 21.23
N VAL B 246 14.49 -6.72 21.36
CA VAL B 246 13.43 -6.11 20.56
C VAL B 246 13.32 -4.63 20.91
N PRO B 247 13.09 -3.77 19.90
CA PRO B 247 12.94 -2.36 20.21
C PRO B 247 11.79 -2.14 21.18
N LYS B 248 12.08 -1.43 22.27
CA LYS B 248 11.06 -1.14 23.28
C LYS B 248 10.96 0.34 23.60
N VAL B 249 9.72 0.77 23.84
CA VAL B 249 9.40 2.13 24.25
C VAL B 249 8.94 2.10 25.70
N VAL B 250 8.88 3.26 26.34
CA VAL B 250 8.58 3.35 27.77
C VAL B 250 7.07 3.31 28.08
N SER B 251 6.41 2.23 27.67
CA SER B 251 4.97 2.01 27.90
C SER B 251 4.13 3.29 27.70
N LEU B 252 3.96 4.06 28.77
CA LEU B 252 3.22 5.33 28.77
C LEU B 252 3.69 6.29 27.67
N ALA B 253 5.01 6.36 27.48
CA ALA B 253 5.62 7.19 26.45
C ALA B 253 5.24 6.79 25.01
N LYS B 254 4.40 5.78 24.86
CA LYS B 254 3.89 5.38 23.56
C LYS B 254 2.89 6.40 22.99
N PHE B 255 2.23 7.20 23.85
CA PHE B 255 1.26 8.18 23.35
C PHE B 255 1.22 9.51 24.10
N ASP B 256 1.18 10.60 23.34
CA ASP B 256 1.30 11.96 23.87
C ASP B 256 0.68 13.02 22.95
N MET B 257 0.13 14.08 23.56
CA MET B 257 -0.42 15.23 22.83
C MET B 257 0.40 16.48 23.16
N LYS B 258 0.85 17.20 22.15
CA LYS B 258 1.59 18.46 22.35
C LYS B 258 0.90 19.64 21.68
N THR B 259 1.02 20.80 22.31
CA THR B 259 0.47 22.04 21.78
C THR B 259 1.56 23.08 21.69
N TYR B 260 2.15 23.23 20.50
CA TYR B 260 3.27 24.14 20.31
C TYR B 260 2.78 25.50 19.84
N SER B 261 3.52 26.54 20.23
CA SER B 261 3.24 27.90 19.80
C SER B 261 3.57 28.04 18.31
N GLY B 262 2.93 29.01 17.67
CA GLY B 262 3.11 29.22 16.24
C GLY B 262 4.52 29.59 15.83
N SER B 263 4.90 29.21 14.62
CA SER B 263 6.20 29.55 14.03
C SER B 263 7.39 29.39 14.97
N SER B 264 7.43 28.24 15.65
CA SER B 264 8.57 27.87 16.49
C SER B 264 9.21 26.62 15.89
N THR B 265 10.15 26.04 16.63
CA THR B 265 10.76 24.78 16.22
C THR B 265 10.26 23.65 17.10
N MET B 266 9.53 22.72 16.50
CA MET B 266 8.87 21.64 17.24
C MET B 266 9.75 20.39 17.26
N ALA B 267 9.71 19.66 18.38
CA ALA B 267 10.61 18.52 18.58
C ALA B 267 9.83 17.27 18.91
N LEU B 268 9.62 16.43 17.91
CA LEU B 268 8.92 15.15 18.11
C LEU B 268 9.93 14.02 18.39
N LEU B 269 9.75 13.33 19.50
CA LEU B 269 10.66 12.25 19.91
C LEU B 269 10.01 10.90 19.73
N CYS B 270 10.84 9.85 19.60
CA CYS B 270 10.39 8.48 19.41
C CYS B 270 11.19 7.52 20.28
N PRO B 271 11.09 7.67 21.62
CA PRO B 271 11.95 6.94 22.55
C PRO B 271 11.90 5.44 22.35
N ALA B 272 12.95 4.90 21.74
CA ALA B 272 13.01 3.48 21.45
C ALA B 272 14.45 3.00 21.46
N GLN B 273 14.76 2.07 22.35
CA GLN B 273 16.06 1.41 22.31
C GLN B 273 15.88 0.00 21.78
N GLY B 274 16.99 -0.66 21.46
CA GLY B 274 16.95 -2.05 21.03
C GLY B 274 18.24 -2.46 20.33
N TYR B 275 18.38 -3.75 20.09
CA TYR B 275 19.54 -4.27 19.37
C TYR B 275 19.14 -5.45 18.51
N PRO B 276 19.61 -5.49 17.25
CA PRO B 276 20.47 -4.50 16.59
C PRO B 276 19.85 -3.09 16.53
N VAL B 277 20.71 -2.11 16.29
CA VAL B 277 20.31 -0.71 16.24
C VAL B 277 19.12 -0.52 15.27
N PRO B 278 17.97 -0.07 15.78
CA PRO B 278 16.75 0.02 14.98
C PRO B 278 16.69 1.22 14.06
N VAL B 279 15.70 1.24 13.16
CA VAL B 279 15.51 2.32 12.20
C VAL B 279 14.16 2.98 12.39
N PHE B 280 14.15 4.31 12.34
CA PHE B 280 12.97 5.12 12.64
C PHE B 280 12.36 5.75 11.39
N ARG B 281 11.08 5.48 11.17
CA ARG B 281 10.32 6.04 10.06
C ARG B 281 9.19 6.89 10.62
N TRP B 282 8.98 8.08 10.06
CA TRP B 282 7.89 8.95 10.51
C TRP B 282 6.79 9.09 9.45
N TYR B 283 5.53 9.07 9.94
CA TYR B 283 4.36 9.19 9.11
C TYR B 283 3.41 10.21 9.73
N LYS B 284 2.64 10.89 8.88
CA LYS B 284 1.57 11.77 9.34
C LYS B 284 0.25 11.23 8.83
N PHE B 285 -0.72 11.07 9.72
CA PHE B 285 -2.04 10.60 9.33
C PHE B 285 -2.77 11.68 8.54
N ILE B 286 -3.62 11.26 7.60
CA ILE B 286 -4.42 12.19 6.81
C ILE B 286 -5.63 12.62 7.64
N GLU B 287 -5.83 13.93 7.73
CA GLU B 287 -6.89 14.54 8.56
C GLU B 287 -8.04 13.60 8.91
N GLY B 288 -8.01 13.04 10.12
CA GLY B 288 -9.12 12.27 10.67
C GLY B 288 -9.21 10.81 10.27
N THR B 289 -8.62 10.45 9.13
CA THR B 289 -8.74 9.10 8.57
C THR B 289 -7.71 8.12 9.14
N THR B 290 -7.85 6.86 8.76
CA THR B 290 -6.90 5.80 9.14
C THR B 290 -5.75 5.68 8.14
N ARG B 291 -5.77 6.50 7.09
CA ARG B 291 -4.73 6.49 6.07
C ARG B 291 -3.58 7.37 6.54
N LYS B 292 -2.34 6.98 6.21
CA LYS B 292 -1.15 7.74 6.60
C LYS B 292 -0.21 7.99 5.43
N GLN B 293 0.40 9.17 5.40
CA GLN B 293 1.42 9.51 4.42
C GLN B 293 2.77 9.53 5.12
N ALA B 294 3.82 9.17 4.40
CA ALA B 294 5.18 9.24 4.93
C ALA B 294 5.62 10.70 5.03
N VAL B 295 6.32 11.03 6.12
CA VAL B 295 6.75 12.42 6.34
C VAL B 295 7.82 12.79 5.32
N VAL B 296 7.71 14.01 4.76
CA VAL B 296 8.63 14.49 3.72
C VAL B 296 9.78 15.28 4.34
N LEU B 297 10.97 14.71 4.29
CA LEU B 297 12.17 15.37 4.82
C LEU B 297 12.67 16.40 3.83
N ASN B 298 13.18 17.52 4.35
CA ASN B 298 13.69 18.61 3.50
C ASN B 298 14.58 19.58 4.29
N ASP B 299 14.46 20.88 4.02
CA ASP B 299 15.17 21.90 4.78
C ASP B 299 14.38 22.36 6.00
N ARG B 300 13.07 22.49 5.88
CA ARG B 300 12.23 22.94 6.99
C ARG B 300 12.01 21.83 8.03
N VAL B 301 11.69 20.63 7.56
CA VAL B 301 11.51 19.48 8.45
C VAL B 301 12.65 18.49 8.25
N LYS B 302 13.35 18.17 9.34
CA LYS B 302 14.50 17.26 9.29
C LYS B 302 14.37 16.16 10.35
N GLN B 303 15.06 15.04 10.13
CA GLN B 303 15.03 13.92 11.08
C GLN B 303 16.44 13.63 11.62
N VAL B 304 16.64 13.92 12.91
CA VAL B 304 17.90 13.59 13.58
C VAL B 304 17.69 12.26 14.29
N SER B 305 18.31 11.22 13.74
CA SER B 305 18.18 9.87 14.26
C SER B 305 16.70 9.49 14.30
N GLY B 306 16.13 9.28 15.50
CA GLY B 306 14.72 8.95 15.63
C GLY B 306 13.83 10.14 15.92
N THR B 307 14.44 11.26 16.31
CA THR B 307 13.70 12.46 16.64
C THR B 307 13.46 13.30 15.41
N LEU B 308 12.20 13.65 15.18
CA LEU B 308 11.82 14.54 14.10
C LEU B 308 11.82 15.98 14.60
N ILE B 309 12.56 16.85 13.90
CA ILE B 309 12.57 18.28 14.19
C ILE B 309 11.83 19.01 13.07
N ILE B 310 10.86 19.84 13.44
CA ILE B 310 10.12 20.63 12.46
C ILE B 310 10.35 22.11 12.72
N LYS B 311 10.99 22.79 11.78
CA LYS B 311 11.29 24.22 11.95
C LYS B 311 10.15 25.06 11.41
N ASP B 312 10.06 26.28 11.93
CA ASP B 312 9.09 27.28 11.46
C ASP B 312 7.67 26.73 11.36
N ALA B 313 7.08 26.42 12.50
CA ALA B 313 5.80 25.72 12.57
C ALA B 313 4.65 26.54 11.99
N VAL B 314 3.71 25.84 11.35
CA VAL B 314 2.47 26.45 10.88
C VAL B 314 1.29 25.58 11.28
N VAL B 315 0.09 26.16 11.24
CA VAL B 315 -1.10 25.44 11.66
C VAL B 315 -1.31 24.17 10.82
N GLU B 316 -0.92 24.25 9.55
CA GLU B 316 -1.00 23.12 8.63
C GLU B 316 -0.18 21.92 9.13
N ASP B 317 0.83 22.17 9.95
CA ASP B 317 1.62 21.09 10.54
C ASP B 317 0.88 20.34 11.66
N SER B 318 -0.26 20.87 12.10
CA SER B 318 -1.04 20.20 13.13
C SER B 318 -1.56 18.85 12.61
N GLY B 319 -1.66 17.87 13.51
CA GLY B 319 -2.21 16.56 13.17
C GLY B 319 -1.73 15.42 14.06
N LYS B 320 -2.03 14.19 13.65
CA LYS B 320 -1.61 13.00 14.37
C LYS B 320 -0.40 12.40 13.65
N TYR B 321 0.75 12.44 14.32
CA TYR B 321 2.01 11.92 13.77
C TYR B 321 2.33 10.55 14.36
N LEU B 322 2.78 9.63 13.51
CA LEU B 322 3.12 8.28 13.93
C LEU B 322 4.56 7.97 13.58
N CYS B 323 5.33 7.57 14.59
CA CYS B 323 6.70 7.08 14.39
C CYS B 323 6.73 5.57 14.51
N VAL B 324 7.30 4.92 13.51
CA VAL B 324 7.47 3.48 13.50
C VAL B 324 8.94 3.16 13.67
N VAL B 325 9.25 2.22 14.56
CA VAL B 325 10.64 1.84 14.81
C VAL B 325 10.79 0.33 14.60
N ASN B 326 11.55 -0.06 13.58
CA ASN B 326 11.77 -1.48 13.25
C ASN B 326 13.21 -1.90 13.46
N ASN B 327 13.43 -3.20 13.66
CA ASN B 327 14.74 -3.81 13.49
C ASN B 327 14.62 -5.28 13.10
N SER B 328 15.74 -5.99 12.99
CA SER B 328 15.72 -7.39 12.54
C SER B 328 14.87 -8.32 13.42
N VAL B 329 14.69 -7.98 14.70
CA VAL B 329 13.91 -8.80 15.62
C VAL B 329 12.44 -8.43 15.62
N GLY B 330 12.15 -7.15 15.86
CA GLY B 330 10.75 -6.68 15.95
C GLY B 330 10.53 -5.22 15.61
N GLY B 331 9.29 -4.75 15.88
CA GLY B 331 8.90 -3.38 15.59
C GLY B 331 7.92 -2.80 16.60
N GLU B 332 8.19 -1.56 17.01
CA GLU B 332 7.34 -0.84 17.97
C GLU B 332 6.93 0.50 17.35
N SER B 333 5.89 1.14 17.89
CA SER B 333 5.41 2.41 17.33
C SER B 333 4.89 3.38 18.40
N VAL B 334 5.14 4.67 18.19
CA VAL B 334 4.61 5.73 19.05
C VAL B 334 3.89 6.80 18.25
N GLU B 335 2.99 7.54 18.90
CA GLU B 335 2.19 8.56 18.23
C GLU B 335 2.26 9.91 18.95
N THR B 336 1.92 10.97 18.22
CA THR B 336 1.91 12.33 18.77
C THR B 336 0.78 13.16 18.19
N VAL B 337 -0.08 13.69 19.05
CA VAL B 337 -1.14 14.60 18.61
C VAL B 337 -0.61 16.02 18.69
N LEU B 338 -0.18 16.54 17.55
CA LEU B 338 0.50 17.83 17.48
C LEU B 338 -0.44 18.95 17.06
N THR B 339 -0.47 20.03 17.85
CA THR B 339 -1.33 21.18 17.54
C THR B 339 -0.54 22.48 17.60
N VAL B 340 -0.42 23.14 16.45
CA VAL B 340 0.32 24.41 16.34
C VAL B 340 -0.66 25.58 16.48
N THR B 341 -0.30 26.55 17.32
CA THR B 341 -1.22 27.64 17.66
C THR B 341 -1.20 28.77 16.63
N ALA B 342 -2.13 29.71 16.79
CA ALA B 342 -2.20 30.92 15.98
C ALA B 342 -2.96 32.00 16.75
N PRO B 343 -2.33 33.17 16.97
CA PRO B 343 -2.93 34.21 17.83
C PRO B 343 -4.37 34.53 17.47
N LEU B 344 -5.23 34.62 18.49
CA LEU B 344 -6.63 34.97 18.28
C LEU B 344 -6.79 36.48 18.10
N SER B 345 -7.60 36.88 17.13
CA SER B 345 -7.89 38.30 16.88
C SER B 345 -9.26 38.44 16.24
N ALA B 346 -10.07 39.35 16.77
CA ALA B 346 -11.46 39.52 16.31
C ALA B 346 -11.72 40.93 15.77
N LYS B 347 -12.78 41.05 14.98
CA LYS B 347 -13.18 42.32 14.36
C LYS B 347 -14.63 42.21 13.92
N ILE B 348 -15.47 43.16 14.34
CA ILE B 348 -16.88 43.15 13.95
C ILE B 348 -17.14 44.11 12.79
N ASP B 349 -17.88 43.65 11.80
CA ASP B 349 -18.27 44.48 10.66
C ASP B 349 -19.78 44.67 10.71
N PRO B 350 -20.25 45.93 10.81
CA PRO B 350 -19.52 47.20 10.89
C PRO B 350 -19.24 47.66 12.33
N PRO B 351 -18.30 48.60 12.52
CA PRO B 351 -17.97 49.10 13.85
C PRO B 351 -19.10 49.88 14.53
N THR B 352 -19.88 50.59 13.73
CA THR B 352 -21.07 51.27 14.23
C THR B 352 -22.09 51.42 13.11
N GLN B 353 -23.37 51.25 13.43
CA GLN B 353 -24.41 51.43 12.41
C GLN B 353 -25.69 52.02 12.99
N THR B 354 -26.43 52.76 12.17
CA THR B 354 -27.65 53.41 12.60
C THR B 354 -28.82 52.79 11.83
N VAL B 355 -29.72 52.11 12.56
CA VAL B 355 -30.85 51.42 11.90
C VAL B 355 -32.19 51.98 12.36
N ASP B 356 -33.14 52.05 11.44
CA ASP B 356 -34.46 52.61 11.71
C ASP B 356 -35.34 51.56 12.40
N PHE B 357 -36.24 52.06 13.25
CA PHE B 357 -37.09 51.18 14.05
C PHE B 357 -37.82 50.19 13.15
N GLY B 358 -37.87 48.94 13.59
CA GLY B 358 -38.55 47.88 12.84
C GLY B 358 -37.66 47.15 11.86
N ARG B 359 -36.59 47.80 11.42
CA ARG B 359 -35.72 47.23 10.40
C ARG B 359 -34.64 46.34 11.02
N PRO B 360 -34.07 45.41 10.22
CA PRO B 360 -33.09 44.49 10.75
C PRO B 360 -31.69 45.09 10.90
N ALA B 361 -30.94 44.59 11.88
CA ALA B 361 -29.56 45.04 12.11
C ALA B 361 -28.63 43.82 12.08
N VAL B 362 -27.56 43.90 11.28
CA VAL B 362 -26.65 42.78 11.07
C VAL B 362 -25.28 43.07 11.63
N PHE B 363 -24.77 42.17 12.46
CA PHE B 363 -23.38 42.22 12.90
C PHE B 363 -22.65 40.96 12.41
N THR B 364 -21.48 41.14 11.81
CA THR B 364 -20.67 40.02 11.35
C THR B 364 -19.36 39.99 12.14
N CYS B 365 -19.08 38.87 12.80
CA CYS B 365 -17.81 38.71 13.51
C CYS B 365 -16.76 38.04 12.62
N GLN B 366 -15.72 38.79 12.28
CA GLN B 366 -14.57 38.28 11.55
C GLN B 366 -13.45 37.99 12.54
N TYR B 367 -12.94 36.75 12.53
CA TYR B 367 -11.90 36.35 13.47
C TYR B 367 -10.80 35.51 12.82
N THR B 368 -9.60 35.59 13.39
CA THR B 368 -8.46 34.79 12.97
C THR B 368 -7.81 34.17 14.19
N GLY B 369 -7.15 33.04 13.99
CA GLY B 369 -6.46 32.35 15.08
C GLY B 369 -6.81 30.88 15.15
N ASN B 370 -5.95 30.09 15.80
CA ASN B 370 -6.13 28.66 15.91
C ASN B 370 -5.56 28.12 17.22
N PRO B 371 -6.30 27.22 17.91
CA PRO B 371 -7.65 26.77 17.58
C PRO B 371 -8.69 27.68 18.21
N ILE B 372 -9.92 27.60 17.70
CA ILE B 372 -11.05 28.35 18.24
C ILE B 372 -11.97 27.35 18.92
N LYS B 373 -12.24 27.56 20.21
CA LYS B 373 -13.08 26.62 20.96
C LYS B 373 -14.50 27.15 21.09
N THR B 374 -14.63 28.47 21.20
CA THR B 374 -15.92 29.08 21.50
C THR B 374 -16.04 30.49 20.94
N VAL B 375 -16.89 30.64 19.92
CA VAL B 375 -17.28 31.93 19.38
C VAL B 375 -18.63 32.31 19.97
N SER B 376 -18.64 33.32 20.84
CA SER B 376 -19.85 33.70 21.57
C SER B 376 -20.10 35.20 21.54
N TRP B 377 -21.37 35.60 21.46
CA TRP B 377 -21.73 37.01 21.39
C TRP B 377 -22.09 37.58 22.78
N MET B 378 -22.17 38.90 22.86
CA MET B 378 -22.41 39.60 24.13
C MET B 378 -23.04 40.97 23.84
N LYS B 379 -23.71 41.56 24.85
CA LYS B 379 -24.36 42.86 24.67
C LYS B 379 -24.23 43.70 25.94
N ASP B 380 -23.67 44.91 25.81
CA ASP B 380 -23.49 45.84 26.94
C ASP B 380 -23.17 45.12 28.24
N GLY B 381 -22.13 44.29 28.21
CA GLY B 381 -21.67 43.59 29.40
C GLY B 381 -22.24 42.20 29.55
N LYS B 382 -23.56 42.10 29.66
CA LYS B 382 -24.24 40.82 29.82
C LYS B 382 -24.29 40.05 28.49
N ALA B 383 -24.15 38.72 28.58
CA ALA B 383 -24.09 37.88 27.39
C ALA B 383 -25.46 37.62 26.79
N ILE B 384 -25.48 37.21 25.54
CA ILE B 384 -26.70 36.77 24.86
C ILE B 384 -26.53 35.30 24.47
N GLY B 385 -27.60 34.71 23.93
CA GLY B 385 -27.61 33.29 23.60
C GLY B 385 -26.90 32.89 22.30
N HIS B 386 -26.61 33.89 21.46
CA HIS B 386 -26.07 33.64 20.12
C HIS B 386 -24.59 33.23 20.19
N SER B 387 -24.28 32.10 19.56
CA SER B 387 -22.93 31.54 19.54
C SER B 387 -22.45 31.25 18.11
N GLU B 388 -22.97 32.02 17.15
CA GLU B 388 -22.57 31.91 15.75
C GLU B 388 -22.02 33.25 15.27
N SER B 389 -21.15 33.20 14.26
CA SER B 389 -20.43 34.37 13.77
C SER B 389 -21.32 35.60 13.53
N VAL B 390 -22.39 35.39 12.76
CA VAL B 390 -23.27 36.47 12.33
C VAL B 390 -24.45 36.64 13.30
N LEU B 391 -24.45 37.76 14.02
CA LEU B 391 -25.58 38.11 14.89
C LEU B 391 -26.57 38.93 14.08
N ARG B 392 -27.84 38.52 14.08
CA ARG B 392 -28.87 39.15 13.25
C ARG B 392 -30.10 39.55 14.05
N ILE B 393 -30.31 40.86 14.22
CA ILE B 393 -31.55 41.36 14.80
C ILE B 393 -32.56 41.46 13.67
N GLU B 394 -33.69 40.76 13.80
CA GLU B 394 -34.71 40.72 12.75
C GLU B 394 -35.54 42.00 12.67
N SER B 395 -35.81 42.63 13.81
CA SER B 395 -36.58 43.86 13.86
C SER B 395 -36.18 44.71 15.06
N VAL B 396 -35.41 45.77 14.80
CA VAL B 396 -34.85 46.61 15.86
C VAL B 396 -35.91 47.41 16.60
N LYS B 397 -35.70 47.60 17.90
CA LYS B 397 -36.51 48.52 18.70
C LYS B 397 -35.66 49.17 19.79
N LYS B 398 -36.23 50.18 20.46
CA LYS B 398 -35.48 51.04 21.40
C LYS B 398 -34.42 50.29 22.22
N GLU B 399 -34.84 49.25 22.92
CA GLU B 399 -33.96 48.49 23.82
C GLU B 399 -32.76 47.82 23.13
N ASP B 400 -32.79 47.71 21.80
CA ASP B 400 -31.66 47.18 21.01
C ASP B 400 -30.50 48.16 20.84
N LYS B 401 -30.67 49.42 21.25
CA LYS B 401 -29.57 50.40 21.15
C LYS B 401 -28.40 49.98 22.03
N GLY B 402 -27.20 50.39 21.66
CA GLY B 402 -26.02 50.11 22.48
C GLY B 402 -25.00 49.14 21.87
N MET B 403 -24.11 48.62 22.71
CA MET B 403 -22.91 47.93 22.24
C MET B 403 -23.12 46.42 22.17
N TYR B 404 -22.65 45.81 21.09
CA TYR B 404 -22.71 44.37 20.90
C TYR B 404 -21.31 43.78 20.72
N GLN B 405 -20.78 43.10 21.73
CA GLN B 405 -19.43 42.54 21.64
C GLN B 405 -19.44 41.11 21.08
N CYS B 406 -18.36 40.76 20.38
CA CYS B 406 -18.13 39.38 19.92
C CYS B 406 -16.83 38.80 20.51
N PHE B 407 -16.95 37.64 21.14
CA PHE B 407 -15.82 36.98 21.79
C PHE B 407 -15.42 35.73 20.99
N VAL B 408 -14.12 35.54 20.82
CA VAL B 408 -13.57 34.30 20.28
C VAL B 408 -12.49 33.79 21.23
N ARG B 409 -12.78 32.70 21.93
CA ARG B 409 -11.90 32.20 22.98
C ARG B 409 -11.61 30.70 22.89
N ASN B 410 -10.52 30.31 23.53
CA ASN B 410 -10.12 28.91 23.64
C ASN B 410 -9.57 28.62 25.04
N ASP B 411 -8.67 27.63 25.16
CA ASP B 411 -8.12 27.24 26.45
C ASP B 411 -7.13 28.26 27.01
N ARG B 412 -6.26 28.78 26.14
CA ARG B 412 -5.16 29.65 26.58
C ARG B 412 -5.32 31.12 26.15
N GLU B 413 -6.27 31.41 25.28
CA GLU B 413 -6.44 32.77 24.72
C GLU B 413 -7.90 33.19 24.63
N SER B 414 -8.09 34.50 24.45
CA SER B 414 -9.42 35.09 24.30
C SER B 414 -9.32 36.42 23.56
N ALA B 415 -9.92 36.48 22.37
CA ALA B 415 -9.92 37.69 21.56
C ALA B 415 -11.31 38.29 21.55
N GLU B 416 -11.39 39.62 21.67
CA GLU B 416 -12.68 40.32 21.68
C GLU B 416 -12.77 41.32 20.53
N ALA B 417 -14.00 41.61 20.12
CA ALA B 417 -14.27 42.60 19.10
C ALA B 417 -15.56 43.35 19.46
N SER B 418 -15.56 44.67 19.28
CA SER B 418 -16.69 45.52 19.70
C SER B 418 -17.45 46.14 18.53
N ALA B 419 -18.67 46.58 18.81
CA ALA B 419 -19.53 47.21 17.79
C ALA B 419 -20.69 47.95 18.45
N GLU B 420 -21.25 48.94 17.74
CA GLU B 420 -22.36 49.75 18.28
C GLU B 420 -23.57 49.79 17.36
N LEU B 421 -24.74 49.89 17.99
CA LEU B 421 -26.01 50.09 17.30
C LEU B 421 -26.63 51.41 17.75
N LYS B 422 -26.75 52.34 16.80
CA LYS B 422 -27.48 53.59 17.01
C LYS B 422 -28.91 53.46 16.44
N LEU B 423 -29.83 54.16 17.09
CA LEU B 423 -31.23 54.18 16.67
C LEU B 423 -31.44 55.30 15.67
N GLY B 424 -31.81 54.94 14.45
CA GLY B 424 -32.06 55.92 13.39
C GLY B 424 -33.39 56.63 13.61
N GLY B 425 -34.23 56.62 12.59
CA GLY B 425 -35.58 57.16 12.69
C GLY B 425 -35.83 58.45 11.93
N ARG B 426 -35.77 59.58 12.64
CA ARG B 426 -36.50 60.78 12.25
C ARG B 426 -37.85 60.25 11.77
N PHE B 427 -38.48 59.51 12.67
CA PHE B 427 -39.53 58.55 12.35
C PHE B 427 -39.88 57.88 13.67
N ASP B 428 -40.36 58.70 14.61
CA ASP B 428 -40.42 58.33 16.04
C ASP B 428 -41.43 57.21 16.39
N PRO B 429 -40.99 56.23 17.21
CA PRO B 429 -41.77 55.03 17.50
C PRO B 429 -42.86 55.28 18.53
N PRO B 430 -43.76 54.30 18.72
CA PRO B 430 -44.89 54.46 19.65
C PRO B 430 -44.47 54.52 21.11
N VAL B 431 -45.02 55.51 21.83
CA VAL B 431 -44.78 55.67 23.26
C VAL B 431 -46.13 55.98 23.94
N ILE B 432 -46.26 55.59 25.21
CA ILE B 432 -47.52 55.74 25.94
C ILE B 432 -47.41 56.82 27.01
N ARG B 433 -48.22 57.88 26.88
CA ARG B 433 -48.11 59.05 27.75
C ARG B 433 -49.01 58.93 29.00
N GLN B 434 -50.26 59.35 28.86
CA GLN B 434 -51.24 59.26 29.95
C GLN B 434 -51.82 57.85 29.94
N ALA B 435 -51.33 57.02 30.85
CA ALA B 435 -51.73 55.63 30.89
C ALA B 435 -52.32 55.32 32.25
N PHE B 436 -53.27 54.38 32.27
CA PHE B 436 -53.90 53.95 33.52
C PHE B 436 -52.91 53.23 34.44
N GLN B 437 -53.12 53.36 35.74
CA GLN B 437 -52.24 52.80 36.76
C GLN B 437 -52.98 51.78 37.62
N GLU B 438 -52.23 51.06 38.48
CA GLU B 438 -52.80 49.97 39.29
C GLU B 438 -53.95 50.45 40.17
N GLU B 439 -54.94 49.57 40.34
CA GLU B 439 -56.10 49.88 41.16
C GLU B 439 -56.69 48.61 41.79
N THR B 440 -57.40 48.81 42.90
CA THR B 440 -58.18 47.73 43.51
C THR B 440 -59.55 48.29 43.86
N MET B 441 -60.56 47.43 43.84
CA MET B 441 -61.93 47.87 44.10
C MET B 441 -62.86 46.70 44.36
N GLU B 442 -64.06 47.03 44.80
CA GLU B 442 -65.12 46.05 44.99
C GLU B 442 -66.04 46.14 43.77
N PRO B 443 -66.74 45.03 43.43
CA PRO B 443 -67.47 44.98 42.18
C PRO B 443 -68.67 45.89 42.23
N GLY B 444 -69.15 46.30 41.06
CA GLY B 444 -70.29 47.23 40.95
C GLY B 444 -70.01 48.42 40.05
N PRO B 445 -69.13 49.33 40.49
CA PRO B 445 -68.94 50.57 39.78
C PRO B 445 -68.41 50.39 38.37
N SER B 446 -68.57 51.44 37.57
CA SER B 446 -68.07 51.47 36.21
C SER B 446 -66.60 51.80 36.27
N VAL B 447 -65.78 51.13 35.46
CA VAL B 447 -64.35 51.39 35.42
C VAL B 447 -63.97 51.96 34.08
N PHE B 448 -63.08 52.95 34.09
CA PHE B 448 -62.65 53.60 32.88
C PHE B 448 -61.13 53.65 32.77
N LEU B 449 -60.55 52.72 32.01
CA LEU B 449 -59.10 52.68 31.78
C LEU B 449 -58.78 53.50 30.53
N LYS B 450 -57.73 54.32 30.61
CA LYS B 450 -57.31 55.14 29.47
C LYS B 450 -55.83 54.90 29.11
N CYS B 451 -55.58 54.61 27.83
CA CYS B 451 -54.23 54.59 27.28
C CYS B 451 -54.15 55.62 26.17
N VAL B 452 -53.49 56.74 26.45
CA VAL B 452 -53.20 57.75 25.44
C VAL B 452 -51.77 57.54 24.96
N ALA B 453 -51.65 57.02 23.73
CA ALA B 453 -50.37 56.71 23.14
C ALA B 453 -50.06 57.69 22.03
N GLY B 454 -48.80 58.07 21.93
CA GLY B 454 -48.33 58.94 20.86
C GLY B 454 -47.29 58.22 20.02
N GLY B 455 -46.93 58.84 18.89
CA GLY B 455 -45.92 58.30 18.00
C GLY B 455 -46.09 58.76 16.56
N ASN B 456 -45.13 58.39 15.72
CA ASN B 456 -45.12 58.77 14.31
C ASN B 456 -44.69 57.58 13.44
N PRO B 457 -45.65 56.94 12.74
CA PRO B 457 -47.05 57.33 12.58
C PRO B 457 -47.88 57.10 13.83
N THR B 458 -49.12 57.56 13.78
CA THR B 458 -50.06 57.39 14.88
C THR B 458 -50.43 55.92 15.01
N PRO B 459 -50.16 55.32 16.18
CA PRO B 459 -50.35 53.87 16.34
C PRO B 459 -51.80 53.47 16.61
N GLU B 460 -52.07 52.16 16.49
CA GLU B 460 -53.34 51.58 16.94
C GLU B 460 -53.15 51.04 18.35
N ILE B 461 -54.14 51.26 19.21
CA ILE B 461 -54.08 50.75 20.59
C ILE B 461 -55.07 49.63 20.77
N SER B 462 -54.54 48.43 21.04
CA SER B 462 -55.37 47.26 21.33
C SER B 462 -55.29 46.96 22.81
N TRP B 463 -56.38 46.42 23.37
CA TRP B 463 -56.42 46.09 24.79
C TRP B 463 -56.34 44.58 25.03
N GLU B 464 -55.61 44.22 26.09
CA GLU B 464 -55.46 42.81 26.47
C GLU B 464 -55.71 42.63 27.97
N LEU B 465 -56.27 41.47 28.30
CA LEU B 465 -56.44 41.05 29.69
C LEU B 465 -55.84 39.65 29.89
N ASP B 466 -54.79 39.57 30.69
CA ASP B 466 -54.10 38.31 30.99
C ASP B 466 -53.76 37.52 29.72
N GLY B 467 -53.35 38.22 28.65
CA GLY B 467 -53.00 37.57 27.39
C GLY B 467 -54.14 37.37 26.40
N LYS B 468 -55.38 37.54 26.86
CA LYS B 468 -56.56 37.45 25.99
C LYS B 468 -56.95 38.84 25.51
N LYS B 469 -57.14 38.97 24.20
CA LYS B 469 -57.63 40.21 23.61
C LYS B 469 -59.13 40.26 23.80
N ILE B 470 -59.61 41.31 24.47
CA ILE B 470 -61.05 41.51 24.63
C ILE B 470 -61.50 42.72 23.80
N ALA B 471 -62.68 42.61 23.22
CA ALA B 471 -63.22 43.65 22.34
C ALA B 471 -64.53 44.17 22.92
N ASN B 472 -65.44 44.65 22.07
CA ASN B 472 -66.79 45.03 22.50
C ASN B 472 -67.62 43.78 22.83
N ASN B 473 -67.16 43.05 23.86
CA ASN B 473 -67.79 41.81 24.32
C ASN B 473 -68.47 42.07 25.66
N ASP B 474 -69.61 41.40 25.87
CA ASP B 474 -70.32 41.48 27.15
C ASP B 474 -70.61 42.96 27.46
N ARG B 475 -70.03 43.49 28.56
CA ARG B 475 -70.24 44.87 28.95
C ARG B 475 -68.89 45.60 28.98
N TYR B 476 -67.93 45.08 28.21
CA TYR B 476 -66.71 45.80 27.91
C TYR B 476 -66.99 46.62 26.67
N GLN B 477 -66.72 47.91 26.75
CA GLN B 477 -66.79 48.78 25.60
C GLN B 477 -65.36 49.26 25.39
N VAL B 478 -64.88 49.24 24.16
CA VAL B 478 -63.53 49.69 23.86
C VAL B 478 -63.53 50.70 22.73
N GLY B 479 -62.91 51.86 22.98
CA GLY B 479 -62.88 52.95 22.02
C GLY B 479 -61.49 53.44 21.69
N GLN B 480 -61.41 54.26 20.64
CA GLN B 480 -60.15 54.83 20.19
C GLN B 480 -60.36 55.97 19.19
N TYR B 481 -59.98 57.19 19.56
CA TYR B 481 -59.97 58.32 18.61
C TYR B 481 -58.59 58.94 18.55
N VAL B 482 -58.42 59.94 17.69
CA VAL B 482 -57.13 60.63 17.55
C VAL B 482 -57.25 62.12 17.86
N THR B 483 -56.34 62.62 18.69
CA THR B 483 -56.35 64.02 19.10
C THR B 483 -55.82 64.93 18.00
N VAL B 484 -56.16 66.22 18.10
CA VAL B 484 -55.71 67.23 17.16
C VAL B 484 -54.20 67.22 16.96
N ASN B 485 -53.48 66.90 18.03
CA ASN B 485 -52.02 66.87 18.03
C ASN B 485 -51.43 65.62 17.38
N GLY B 486 -52.26 64.58 17.20
CA GLY B 486 -51.83 63.34 16.54
C GLY B 486 -51.52 62.20 17.48
N ASP B 487 -52.07 62.24 18.70
CA ASP B 487 -51.93 61.15 19.64
C ASP B 487 -53.21 60.34 19.65
N VAL B 488 -53.09 59.04 19.88
CA VAL B 488 -54.24 58.15 19.98
C VAL B 488 -54.71 58.06 21.42
N VAL B 489 -55.99 58.38 21.63
CA VAL B 489 -56.63 58.25 22.92
C VAL B 489 -57.55 57.04 22.86
N SER B 490 -57.14 55.95 23.49
CA SER B 490 -57.96 54.75 23.52
C SER B 490 -58.49 54.49 24.93
N TYR B 491 -59.80 54.30 25.01
CA TYR B 491 -60.46 54.03 26.28
C TYR B 491 -60.90 52.59 26.33
N LEU B 492 -60.86 52.03 27.54
CA LEU B 492 -61.49 50.73 27.85
C LEU B 492 -62.46 50.92 29.00
N ASN B 493 -63.75 50.99 28.66
CA ASN B 493 -64.81 51.19 29.63
C ASN B 493 -65.45 49.87 29.96
N ILE B 494 -65.46 49.53 31.24
CA ILE B 494 -66.14 48.34 31.71
C ILE B 494 -67.38 48.82 32.46
N THR B 495 -68.56 48.38 32.00
CA THR B 495 -69.84 48.94 32.46
C THR B 495 -70.06 48.85 33.95
N SER B 496 -69.82 47.67 34.50
CA SER B 496 -70.00 47.41 35.93
C SER B 496 -69.04 46.28 36.34
N VAL B 497 -67.81 46.64 36.70
CA VAL B 497 -66.77 45.64 36.96
C VAL B 497 -67.33 44.55 37.84
N HIS B 498 -67.20 43.31 37.37
CA HIS B 498 -67.76 42.16 38.06
C HIS B 498 -66.72 41.46 38.90
N ALA B 499 -67.23 40.66 39.84
CA ALA B 499 -66.42 39.84 40.73
C ALA B 499 -65.08 39.43 40.15
N ASN B 500 -65.09 38.94 38.92
CA ASN B 500 -63.89 38.36 38.35
C ASN B 500 -63.54 38.93 37.00
N ASP B 501 -63.75 40.22 36.83
CA ASP B 501 -63.15 40.94 35.70
C ASP B 501 -61.70 41.26 36.03
N GLY B 502 -61.38 41.30 37.32
CA GLY B 502 -60.05 41.69 37.76
C GLY B 502 -58.97 40.77 37.25
N GLY B 503 -57.77 41.33 37.08
CA GLY B 503 -56.60 40.59 36.62
C GLY B 503 -55.52 41.57 36.19
N LEU B 504 -54.73 41.18 35.20
CA LEU B 504 -53.70 42.05 34.65
C LEU B 504 -54.17 42.60 33.31
N TYR B 505 -54.54 43.86 33.30
CA TYR B 505 -54.93 44.52 32.06
C TYR B 505 -53.70 45.16 31.45
N LYS B 506 -53.60 45.13 30.13
CA LYS B 506 -52.57 45.90 29.45
C LYS B 506 -53.06 46.45 28.14
N CYS B 507 -52.59 47.65 27.81
CA CYS B 507 -52.82 48.22 26.49
C CYS B 507 -51.56 48.04 25.65
N ILE B 508 -51.75 47.75 24.36
CA ILE B 508 -50.65 47.58 23.44
C ILE B 508 -50.75 48.63 22.35
N ALA B 509 -49.81 49.58 22.39
CA ALA B 509 -49.68 50.62 21.38
C ALA B 509 -48.81 50.08 20.28
N LYS B 510 -49.45 49.55 19.23
CA LYS B 510 -48.74 48.93 18.11
C LYS B 510 -48.72 49.86 16.90
N SER B 511 -47.53 50.04 16.34
CA SER B 511 -47.37 50.78 15.09
C SER B 511 -46.63 49.91 14.09
N LYS B 512 -46.86 50.16 12.81
CA LYS B 512 -46.13 49.46 11.76
C LYS B 512 -44.66 49.91 11.70
N VAL B 513 -44.24 50.76 12.63
CA VAL B 513 -42.84 51.14 12.80
C VAL B 513 -42.25 50.60 14.11
N GLY B 514 -42.96 49.70 14.77
CA GLY B 514 -42.54 49.18 16.06
C GLY B 514 -43.69 49.17 17.06
N VAL B 515 -43.46 48.59 18.23
CA VAL B 515 -44.51 48.41 19.23
C VAL B 515 -44.08 48.94 20.59
N ALA B 516 -45.06 49.24 21.44
CA ALA B 516 -44.81 49.62 22.82
C ALA B 516 -46.06 49.40 23.66
N GLU B 517 -45.89 48.70 24.79
CA GLU B 517 -47.03 48.28 25.61
C GLU B 517 -46.94 48.78 27.04
N HIS B 518 -48.10 48.82 27.70
CA HIS B 518 -48.20 49.18 29.11
C HIS B 518 -49.22 48.31 29.88
N SER B 519 -48.71 47.61 30.89
CA SER B 519 -49.52 46.70 31.71
C SER B 519 -49.87 47.37 33.02
N ALA B 520 -50.92 46.87 33.66
CA ALA B 520 -51.29 47.34 34.98
C ALA B 520 -52.35 46.44 35.60
N LYS B 521 -52.40 46.44 36.93
CA LYS B 521 -53.22 45.48 37.67
C LYS B 521 -54.54 46.07 38.12
N LEU B 522 -55.63 45.35 37.85
CA LEU B 522 -56.95 45.72 38.36
C LEU B 522 -57.43 44.62 39.28
N ASN B 523 -57.66 44.95 40.54
CA ASN B 523 -58.09 43.96 41.53
C ASN B 523 -59.55 44.11 41.91
N VAL B 524 -60.28 43.01 41.96
CA VAL B 524 -61.70 43.05 42.31
C VAL B 524 -61.97 42.13 43.48
N TYR B 525 -62.76 42.61 44.43
CA TYR B 525 -63.04 41.83 45.64
C TYR B 525 -64.02 40.70 45.38
N GLY B 526 -63.51 39.49 45.49
CA GLY B 526 -64.31 38.30 45.29
C GLY B 526 -63.58 37.05 45.73
N LEU B 527 -64.25 35.91 45.56
CA LEU B 527 -63.63 34.63 45.88
C LEU B 527 -62.69 34.27 44.76
N PRO B 528 -61.70 33.42 45.06
CA PRO B 528 -60.72 33.08 44.04
C PRO B 528 -61.42 32.45 42.86
N TYR B 529 -60.99 32.82 41.66
CA TYR B 529 -61.62 32.34 40.44
C TYR B 529 -60.60 32.37 39.33
N ILE B 530 -60.29 31.20 38.77
CA ILE B 530 -59.32 31.08 37.68
C ILE B 530 -60.04 30.96 36.36
N ARG B 531 -59.55 31.67 35.35
CA ARG B 531 -60.21 31.70 34.05
C ARG B 531 -59.97 30.43 33.27
N GLN B 532 -60.58 30.34 32.09
CA GLN B 532 -60.27 29.25 31.17
C GLN B 532 -58.95 29.53 30.47
N MET B 533 -58.27 28.45 30.11
CA MET B 533 -57.01 28.53 29.41
C MET B 533 -57.10 27.58 28.20
N GLU B 534 -57.10 28.15 26.99
CA GLU B 534 -57.13 27.36 25.77
C GLU B 534 -55.81 26.62 25.58
N LYS B 535 -55.87 25.42 25.02
CA LYS B 535 -54.70 24.56 24.91
C LYS B 535 -53.51 25.34 24.38
N LYS B 536 -52.38 25.23 25.08
CA LYS B 536 -51.16 25.91 24.66
C LYS B 536 -50.37 24.97 23.76
N ALA B 537 -50.31 25.30 22.47
CA ALA B 537 -49.59 24.49 21.49
C ALA B 537 -48.16 25.00 21.29
N ILE B 538 -47.20 24.26 21.83
CA ILE B 538 -45.78 24.64 21.78
C ILE B 538 -45.01 23.59 20.98
N VAL B 539 -43.93 24.03 20.34
CA VAL B 539 -43.09 23.14 19.54
C VAL B 539 -41.72 22.89 20.18
N ALA B 540 -41.14 21.74 19.86
CA ALA B 540 -39.91 21.26 20.48
C ALA B 540 -38.91 22.38 20.78
N GLY B 541 -38.45 22.41 22.03
CA GLY B 541 -37.36 23.28 22.43
C GLY B 541 -37.73 24.73 22.69
N GLU B 542 -38.95 25.12 22.31
CA GLU B 542 -39.42 26.46 22.61
C GLU B 542 -39.66 26.62 24.10
N THR B 543 -39.66 27.87 24.55
CA THR B 543 -39.86 28.18 25.93
C THR B 543 -41.32 28.55 26.14
N LEU B 544 -42.01 27.72 26.91
CA LEU B 544 -43.40 27.97 27.27
C LEU B 544 -43.46 28.92 28.46
N ILE B 545 -44.07 30.08 28.28
CA ILE B 545 -44.30 31.01 29.38
C ILE B 545 -45.80 31.17 29.51
N VAL B 546 -46.34 30.88 30.70
CA VAL B 546 -47.77 30.92 30.91
C VAL B 546 -48.09 31.47 32.31
N THR B 547 -49.12 32.31 32.39
CA THR B 547 -49.51 32.95 33.66
C THR B 547 -50.93 32.53 34.07
N CYS B 548 -51.05 31.96 35.28
CA CYS B 548 -52.33 31.45 35.78
C CYS B 548 -53.31 32.58 36.06
N PRO B 549 -54.27 32.80 35.15
CA PRO B 549 -55.14 33.96 35.21
C PRO B 549 -56.16 33.85 36.33
N VAL B 550 -55.78 34.36 37.50
CA VAL B 550 -56.65 34.39 38.68
C VAL B 550 -57.51 35.65 38.69
N ALA B 551 -58.58 35.59 39.48
CA ALA B 551 -59.48 36.71 39.68
C ALA B 551 -60.00 36.67 41.11
N GLY B 552 -60.33 37.85 41.63
CA GLY B 552 -60.61 38.03 43.06
C GLY B 552 -59.34 38.54 43.73
N TYR B 553 -59.46 39.49 44.66
CA TYR B 553 -58.28 40.18 45.21
C TYR B 553 -57.71 39.72 46.57
N PRO B 554 -58.54 39.14 47.46
CA PRO B 554 -57.89 38.66 48.67
C PRO B 554 -57.05 37.39 48.44
N ILE B 555 -56.67 37.14 47.18
CA ILE B 555 -55.91 35.95 46.77
C ILE B 555 -54.54 35.82 47.47
N ASP B 556 -54.29 34.65 48.05
CA ASP B 556 -53.15 34.43 48.92
C ASP B 556 -52.07 33.68 48.19
N SER B 557 -52.45 32.54 47.61
CA SER B 557 -51.49 31.57 47.10
C SER B 557 -51.86 31.05 45.71
N ILE B 558 -51.00 31.32 44.73
CA ILE B 558 -51.16 30.77 43.39
C ILE B 558 -50.03 29.77 43.11
N VAL B 559 -50.37 28.49 43.16
CA VAL B 559 -49.38 27.42 42.98
C VAL B 559 -49.73 26.55 41.77
N TRP B 560 -48.71 26.25 40.97
CA TRP B 560 -48.88 25.37 39.80
C TRP B 560 -48.60 23.92 40.18
N GLU B 561 -49.44 23.02 39.69
CA GLU B 561 -49.31 21.60 39.96
C GLU B 561 -49.39 20.76 38.68
N ARG B 562 -48.61 19.69 38.65
CA ARG B 562 -48.72 18.66 37.62
C ARG B 562 -49.08 17.36 38.32
N ASP B 563 -50.19 16.75 37.92
CA ASP B 563 -50.62 15.48 38.49
C ASP B 563 -50.51 15.44 40.02
N ASN B 564 -50.84 16.55 40.66
CA ASN B 564 -50.87 16.71 42.12
C ASN B 564 -49.56 17.14 42.76
N ARG B 565 -48.41 16.83 42.18
CA ARG B 565 -47.16 17.37 42.73
C ARG B 565 -47.07 18.83 42.30
N ALA B 566 -46.41 19.65 43.12
CA ALA B 566 -46.20 21.06 42.76
C ALA B 566 -45.26 21.12 41.58
N LEU B 567 -45.49 22.07 40.66
CA LEU B 567 -44.95 21.95 39.30
C LEU B 567 -43.42 22.04 39.11
N PRO B 568 -42.67 22.64 40.06
CA PRO B 568 -41.21 22.45 39.84
C PRO B 568 -40.84 20.97 40.02
N ILE B 569 -40.82 20.22 38.91
CA ILE B 569 -40.54 18.77 38.92
C ILE B 569 -39.60 18.25 37.81
N ASN B 570 -39.01 19.14 37.00
CA ASN B 570 -37.95 18.76 36.06
C ASN B 570 -37.11 19.97 35.60
N ARG B 571 -35.84 19.74 35.29
CA ARG B 571 -34.93 20.83 34.92
C ARG B 571 -35.64 22.02 34.26
N LYS B 572 -36.36 21.73 33.19
CA LYS B 572 -36.92 22.77 32.31
C LYS B 572 -37.84 23.74 33.04
N GLN B 573 -38.40 23.34 34.18
CA GLN B 573 -39.51 24.04 34.82
C GLN B 573 -39.10 25.09 35.83
N LYS B 574 -39.65 26.30 35.67
CA LYS B 574 -39.54 27.35 36.68
C LYS B 574 -40.94 27.89 37.00
N VAL B 575 -41.15 28.27 38.25
CA VAL B 575 -42.43 28.80 38.69
C VAL B 575 -42.20 29.92 39.70
N PHE B 576 -43.06 30.94 39.64
CA PHE B 576 -42.92 32.13 40.48
C PHE B 576 -44.19 32.44 41.28
N PRO B 577 -44.03 33.02 42.47
CA PRO B 577 -45.16 33.28 43.35
C PRO B 577 -46.19 34.24 42.78
N ASN B 578 -45.81 34.96 41.72
CA ASN B 578 -46.76 35.80 40.98
C ASN B 578 -47.79 34.99 40.17
N GLY B 579 -47.55 33.68 40.07
CA GLY B 579 -48.52 32.78 39.44
C GLY B 579 -48.17 32.46 38.00
N THR B 580 -46.96 32.79 37.59
CA THR B 580 -46.52 32.47 36.25
C THR B 580 -45.55 31.29 36.23
N LEU B 581 -45.81 30.37 35.30
CA LEU B 581 -45.00 29.19 35.05
C LEU B 581 -44.19 29.43 33.78
N ILE B 582 -43.02 28.80 33.71
CA ILE B 582 -42.18 28.92 32.53
C ILE B 582 -41.29 27.68 32.35
N ILE B 583 -41.50 26.97 31.24
CA ILE B 583 -40.70 25.81 30.85
C ILE B 583 -39.71 26.19 29.77
N GLU B 584 -38.44 25.84 29.95
CA GLU B 584 -37.37 26.32 29.06
C GLU B 584 -37.33 25.55 27.73
N ASN B 585 -36.94 24.28 27.79
CA ASN B 585 -36.77 23.46 26.58
C ASN B 585 -37.90 22.45 26.51
N VAL B 586 -38.92 22.76 25.71
CA VAL B 586 -40.09 21.89 25.62
C VAL B 586 -39.78 20.59 24.86
N GLU B 587 -40.21 19.47 25.44
CA GLU B 587 -40.05 18.14 24.81
C GLU B 587 -41.26 17.27 25.11
N ARG B 588 -41.66 16.44 24.14
CA ARG B 588 -43.00 15.85 24.14
C ARG B 588 -43.32 14.95 25.33
N ASN B 589 -42.84 13.71 25.33
CA ASN B 589 -43.14 12.81 26.43
C ASN B 589 -42.67 13.33 27.80
N SER B 590 -41.75 14.30 27.79
CA SER B 590 -41.30 14.96 29.02
C SER B 590 -42.36 15.89 29.62
N ASP B 591 -42.83 16.86 28.83
CA ASP B 591 -43.72 17.92 29.35
C ASP B 591 -45.03 18.18 28.55
N GLN B 592 -45.33 17.36 27.56
CA GLN B 592 -46.66 17.39 26.93
C GLN B 592 -47.64 16.81 27.91
N ALA B 593 -48.57 17.63 28.39
CA ALA B 593 -49.53 17.20 29.43
C ALA B 593 -50.60 18.24 29.72
N THR B 594 -51.49 17.91 30.66
CA THR B 594 -52.47 18.87 31.17
C THR B 594 -52.02 19.37 32.55
N TYR B 595 -51.52 20.60 32.59
CA TYR B 595 -51.03 21.21 33.82
C TYR B 595 -52.22 21.82 34.56
N THR B 596 -52.05 22.06 35.86
CA THR B 596 -53.10 22.73 36.65
C THR B 596 -52.51 23.84 37.51
N CYS B 597 -53.26 24.92 37.69
CA CYS B 597 -52.88 25.98 38.64
C CYS B 597 -54.00 26.19 39.64
N VAL B 598 -53.62 26.21 40.91
CA VAL B 598 -54.56 26.36 41.99
C VAL B 598 -54.33 27.72 42.60
N ALA B 599 -55.41 28.47 42.78
CA ALA B 599 -55.35 29.77 43.45
C ALA B 599 -56.30 29.74 44.62
N LYS B 600 -55.77 30.04 45.80
CA LYS B 600 -56.59 30.06 47.02
C LYS B 600 -56.28 31.26 47.91
N ASN B 601 -57.32 31.83 48.49
CA ASN B 601 -57.17 32.97 49.37
C ASN B 601 -56.93 32.49 50.78
N GLN B 602 -56.59 33.42 51.65
CA GLN B 602 -56.52 33.12 53.07
C GLN B 602 -57.84 32.53 53.52
N GLU B 603 -57.77 31.62 54.49
CA GLU B 603 -58.94 30.93 55.03
C GLU B 603 -59.84 30.28 53.98
N GLY B 604 -59.37 29.14 53.45
CA GLY B 604 -60.24 28.19 52.78
C GLY B 604 -60.39 28.29 51.27
N TYR B 605 -61.11 29.31 50.82
CA TYR B 605 -61.60 29.33 49.45
C TYR B 605 -60.49 29.15 48.42
N SER B 606 -60.78 28.35 47.40
CA SER B 606 -59.82 28.03 46.35
C SER B 606 -60.49 27.92 44.98
N ALA B 607 -59.67 27.94 43.93
CA ALA B 607 -60.14 27.76 42.56
C ALA B 607 -59.09 27.04 41.74
N ARG B 608 -59.54 26.22 40.79
CA ARG B 608 -58.68 25.37 39.97
C ARG B 608 -58.73 25.75 38.49
N GLY B 609 -57.57 25.73 37.85
CA GLY B 609 -57.45 25.96 36.41
C GLY B 609 -56.66 24.85 35.74
N SER B 610 -57.12 24.42 34.57
CA SER B 610 -56.49 23.32 33.84
C SER B 610 -55.99 23.78 32.48
N LEU B 611 -54.67 23.79 32.32
CA LEU B 611 -54.00 24.12 31.05
C LEU B 611 -53.63 22.84 30.33
N GLU B 612 -53.82 22.84 29.01
CA GLU B 612 -53.47 21.69 28.18
C GLU B 612 -52.26 22.03 27.31
N VAL B 613 -51.07 21.73 27.82
CA VAL B 613 -49.85 22.05 27.09
C VAL B 613 -49.59 20.93 26.10
N GLN B 614 -49.71 21.27 24.82
CA GLN B 614 -49.51 20.34 23.72
C GLN B 614 -48.16 20.58 23.07
N VAL B 615 -47.42 19.50 22.77
CA VAL B 615 -46.16 19.63 22.05
C VAL B 615 -46.36 19.17 20.62
N MET B 616 -46.45 20.11 19.71
CA MET B 616 -46.42 19.80 18.29
C MET B 616 -45.00 19.41 17.91
N VAL B 617 -44.87 18.61 16.86
CA VAL B 617 -43.57 18.08 16.49
C VAL B 617 -43.18 18.47 15.06
N LEU B 618 -42.05 19.15 14.94
CA LEU B 618 -41.55 19.64 13.67
C LEU B 618 -40.95 18.46 12.90
N PRO B 619 -41.26 18.34 11.59
CA PRO B 619 -40.89 17.14 10.80
C PRO B 619 -39.39 16.93 10.65
N ARG B 620 -38.95 15.69 10.84
CA ARG B 620 -37.53 15.35 10.71
C ARG B 620 -37.29 14.55 9.43
N ILE B 621 -36.70 15.22 8.43
CA ILE B 621 -36.43 14.60 7.14
C ILE B 621 -35.14 13.79 7.19
N ILE B 622 -35.20 12.56 6.70
CA ILE B 622 -34.03 11.67 6.70
C ILE B 622 -33.26 11.82 5.38
N PRO B 623 -31.92 11.92 5.43
CA PRO B 623 -31.12 12.19 4.23
C PRO B 623 -31.27 11.15 3.10
N PHE B 624 -30.76 11.50 1.92
CA PHE B 624 -30.87 10.67 0.72
C PHE B 624 -29.53 10.08 0.30
N ALA B 625 -29.58 9.24 -0.73
CA ALA B 625 -28.38 8.70 -1.35
C ALA B 625 -28.70 8.25 -2.77
N PHE B 626 -28.26 9.02 -3.76
CA PHE B 626 -28.28 8.58 -5.15
C PHE B 626 -27.26 7.46 -5.32
N GLU B 627 -27.47 6.60 -6.32
CA GLU B 627 -26.51 5.55 -6.63
C GLU B 627 -25.18 6.20 -7.00
N GLU B 628 -24.14 5.87 -6.24
CA GLU B 628 -22.82 6.48 -6.44
C GLU B 628 -22.13 5.92 -7.68
N GLY B 629 -22.50 6.47 -8.83
CA GLY B 629 -21.94 6.07 -10.13
C GLY B 629 -20.82 6.97 -10.63
N PRO B 630 -21.14 8.25 -10.94
CA PRO B 630 -22.48 8.86 -10.98
C PRO B 630 -23.35 8.37 -12.14
N ALA B 631 -24.54 8.95 -12.28
CA ALA B 631 -25.51 8.51 -13.28
C ALA B 631 -25.05 8.87 -14.69
N GLN B 632 -25.13 7.87 -15.60
CA GLN B 632 -24.77 8.04 -17.01
C GLN B 632 -26.04 8.23 -17.84
N VAL B 633 -25.97 9.06 -18.87
CA VAL B 633 -27.13 9.35 -19.72
C VAL B 633 -27.84 8.06 -20.16
N GLY B 634 -29.16 8.03 -19.98
CA GLY B 634 -29.93 6.80 -20.20
C GLY B 634 -29.81 5.89 -18.99
N GLN B 635 -30.36 6.35 -17.87
CA GLN B 635 -30.29 5.64 -16.59
C GLN B 635 -31.65 5.56 -15.90
N TYR B 636 -31.67 4.82 -14.79
CA TYR B 636 -32.83 4.71 -13.92
C TYR B 636 -32.46 5.10 -12.49
N LEU B 637 -32.87 6.29 -12.07
CA LEU B 637 -32.51 6.83 -10.76
C LEU B 637 -33.73 6.89 -9.83
N THR B 638 -33.55 6.41 -8.61
CA THR B 638 -34.63 6.36 -7.62
C THR B 638 -34.20 7.04 -6.32
N LEU B 639 -34.89 8.12 -5.97
CA LEU B 639 -34.58 8.93 -4.79
C LEU B 639 -35.73 8.81 -3.80
N HIS B 640 -35.41 8.67 -2.51
CA HIS B 640 -36.42 8.35 -1.49
C HIS B 640 -36.45 9.36 -0.33
N CYS B 641 -37.55 10.11 -0.22
CA CYS B 641 -37.72 11.11 0.84
C CYS B 641 -38.62 10.57 1.95
N SER B 642 -38.02 10.21 3.08
CA SER B 642 -38.76 9.72 4.25
C SER B 642 -38.66 10.69 5.43
N VAL B 643 -39.80 10.89 6.10
CA VAL B 643 -39.91 11.89 7.15
C VAL B 643 -40.94 11.47 8.19
N PRO B 644 -40.49 11.12 9.42
CA PRO B 644 -41.41 11.10 10.56
C PRO B 644 -41.49 12.45 11.29
N GLY B 645 -42.65 12.75 11.88
CA GLY B 645 -42.86 14.02 12.57
C GLY B 645 -44.33 14.32 12.85
N GLY B 646 -44.75 15.55 12.58
CA GLY B 646 -46.12 15.98 12.86
C GLY B 646 -47.13 15.08 12.18
N ASP B 647 -47.79 14.24 12.98
CA ASP B 647 -48.86 13.34 12.52
C ASP B 647 -49.84 14.08 11.60
N LEU B 648 -50.61 13.32 10.83
CA LEU B 648 -51.71 13.86 10.00
C LEU B 648 -51.21 14.75 8.82
N PRO B 649 -51.23 16.10 8.95
CA PRO B 649 -50.90 16.86 7.74
C PRO B 649 -49.45 16.72 7.33
N LEU B 650 -49.22 16.30 6.08
CA LEU B 650 -47.87 16.16 5.54
C LEU B 650 -47.86 16.53 4.06
N ASN B 651 -47.39 17.75 3.76
CA ASN B 651 -47.30 18.22 2.38
C ASN B 651 -45.87 18.06 1.86
N ILE B 652 -45.65 17.04 1.03
CA ILE B 652 -44.32 16.76 0.48
C ILE B 652 -44.27 17.14 -1.00
N ASP B 653 -43.34 18.04 -1.34
CA ASP B 653 -43.12 18.44 -2.74
C ASP B 653 -41.66 18.23 -3.12
N TRP B 654 -41.41 18.18 -4.43
CA TRP B 654 -40.06 18.08 -4.97
C TRP B 654 -39.74 19.33 -5.76
N THR B 655 -38.50 19.81 -5.64
CA THR B 655 -38.07 21.05 -6.27
C THR B 655 -36.71 20.90 -6.94
N LEU B 656 -36.65 21.32 -8.20
CA LEU B 656 -35.37 21.40 -8.93
C LEU B 656 -35.01 22.87 -9.03
N ASP B 657 -33.74 23.19 -8.79
CA ASP B 657 -33.28 24.60 -8.74
C ASP B 657 -34.15 25.57 -9.57
N GLY B 658 -35.03 26.32 -8.89
CA GLY B 658 -35.82 27.36 -9.53
C GLY B 658 -37.31 27.08 -9.66
N GLN B 659 -37.66 25.82 -9.87
CA GLN B 659 -39.05 25.43 -10.17
C GLN B 659 -39.38 24.05 -9.59
N ALA B 660 -40.58 23.55 -9.88
CA ALA B 660 -41.02 22.24 -9.40
C ALA B 660 -41.68 21.41 -10.52
N ILE B 661 -40.99 20.34 -10.93
CA ILE B 661 -41.50 19.29 -11.83
C ILE B 661 -42.73 19.62 -12.68
N SER B 662 -42.50 19.86 -13.98
CA SER B 662 -43.57 19.79 -14.97
C SER B 662 -43.48 18.37 -15.56
N GLU B 663 -44.54 17.59 -15.33
CA GLU B 663 -44.54 16.15 -15.67
C GLU B 663 -44.06 15.85 -17.09
N ASP B 664 -44.41 16.72 -18.04
CA ASP B 664 -43.94 16.62 -19.42
C ASP B 664 -42.44 16.29 -19.53
N LEU B 665 -41.64 16.86 -18.64
CA LEU B 665 -40.19 16.66 -18.64
C LEU B 665 -39.78 15.19 -18.54
N GLY B 666 -40.58 14.37 -17.84
CA GLY B 666 -40.30 12.95 -17.68
C GLY B 666 -39.63 12.65 -16.35
N ILE B 667 -40.36 12.94 -15.26
CA ILE B 667 -39.92 12.62 -13.90
C ILE B 667 -41.14 12.16 -13.09
N THR B 668 -41.08 10.93 -12.59
CA THR B 668 -42.23 10.31 -11.91
C THR B 668 -42.14 10.49 -10.40
N THR B 669 -42.97 11.37 -9.86
CA THR B 669 -43.05 11.62 -8.42
C THR B 669 -44.17 10.79 -7.81
N SER B 670 -43.81 9.88 -6.90
CA SER B 670 -44.81 9.07 -6.19
C SER B 670 -44.71 9.26 -4.67
N ARG B 671 -45.79 8.92 -3.98
CA ARG B 671 -45.83 8.95 -2.53
C ARG B 671 -45.74 7.52 -1.99
N VAL B 672 -45.50 7.41 -0.68
CA VAL B 672 -45.51 6.13 0.02
C VAL B 672 -46.57 6.16 1.13
N GLY B 673 -47.26 5.04 1.31
CA GLY B 673 -48.41 4.92 2.21
C GLY B 673 -48.59 5.97 3.31
N ARG B 674 -47.71 5.92 4.31
CA ARG B 674 -47.79 6.80 5.47
C ARG B 674 -47.08 8.15 5.21
N ARG B 675 -47.53 8.83 4.15
CA ARG B 675 -46.92 10.06 3.64
C ARG B 675 -45.39 10.04 3.55
N GLY B 676 -44.86 9.01 2.89
CA GLY B 676 -43.45 9.01 2.48
C GLY B 676 -43.41 9.42 1.02
N SER B 677 -42.22 9.44 0.42
CA SER B 677 -42.08 9.85 -0.99
C SER B 677 -40.96 9.13 -1.73
N VAL B 678 -41.22 8.82 -3.00
CA VAL B 678 -40.21 8.24 -3.89
C VAL B 678 -40.22 8.93 -5.25
N LEU B 679 -39.12 9.62 -5.55
CA LEU B 679 -38.91 10.25 -6.84
C LEU B 679 -38.19 9.29 -7.76
N THR B 680 -38.91 8.80 -8.77
CA THR B 680 -38.32 7.89 -9.76
C THR B 680 -38.09 8.64 -11.06
N ILE B 681 -36.89 8.47 -11.62
CA ILE B 681 -36.53 9.02 -12.92
C ILE B 681 -35.96 7.91 -13.79
N GLU B 682 -36.83 7.29 -14.59
CA GLU B 682 -36.38 6.37 -15.64
C GLU B 682 -35.99 7.19 -16.86
N ALA B 683 -35.02 6.70 -17.63
CA ALA B 683 -34.52 7.41 -18.80
C ALA B 683 -33.94 8.77 -18.42
N VAL B 684 -32.86 8.74 -17.63
CA VAL B 684 -32.14 9.97 -17.25
C VAL B 684 -31.64 10.74 -18.46
N GLU B 685 -31.86 12.05 -18.46
CA GLU B 685 -31.42 12.94 -19.54
C GLU B 685 -30.56 14.08 -18.99
N ALA B 686 -29.84 14.76 -19.87
CA ALA B 686 -29.00 15.90 -19.49
C ALA B 686 -29.81 16.98 -18.78
N SER B 687 -31.04 17.20 -19.25
CA SER B 687 -31.98 18.14 -18.64
C SER B 687 -32.25 17.83 -17.16
N HIS B 688 -32.10 16.57 -16.77
CA HIS B 688 -32.31 16.16 -15.38
C HIS B 688 -31.12 16.49 -14.47
N ALA B 689 -30.03 17.02 -15.04
CA ALA B 689 -28.85 17.38 -14.26
C ALA B 689 -29.09 18.65 -13.45
N GLY B 690 -28.57 18.68 -12.22
CA GLY B 690 -28.64 19.87 -11.38
C GLY B 690 -28.94 19.59 -9.91
N ASN B 691 -29.39 20.64 -9.22
CA ASN B 691 -29.66 20.58 -7.78
C ASN B 691 -31.09 20.13 -7.49
N PHE B 692 -31.22 18.95 -6.85
CA PHE B 692 -32.52 18.37 -6.49
C PHE B 692 -32.79 18.55 -5.00
N THR B 693 -34.03 18.85 -4.65
CA THR B 693 -34.40 19.12 -3.25
C THR B 693 -35.80 18.64 -2.89
N CYS B 694 -35.89 17.81 -1.85
CA CYS B 694 -37.18 17.42 -1.27
C CYS B 694 -37.62 18.49 -0.29
N HIS B 695 -38.66 19.24 -0.66
CA HIS B 695 -39.22 20.30 0.17
C HIS B 695 -40.52 19.77 0.81
N ALA B 696 -40.45 19.45 2.10
CA ALA B 696 -41.58 18.84 2.81
C ALA B 696 -41.97 19.64 4.06
N ARG B 697 -43.23 20.09 4.11
CA ARG B 697 -43.71 20.88 5.25
C ARG B 697 -44.91 20.25 5.96
N ASN B 698 -45.01 20.58 7.25
CA ASN B 698 -46.01 19.99 8.15
C ASN B 698 -46.52 21.06 9.12
N LEU B 699 -47.84 21.11 9.28
CA LEU B 699 -48.49 22.03 10.20
C LEU B 699 -47.53 22.57 11.27
N ALA B 700 -47.21 23.86 11.17
CA ALA B 700 -46.31 24.52 12.11
C ALA B 700 -44.83 24.16 11.87
N GLY B 701 -44.45 24.07 10.61
CA GLY B 701 -43.05 23.82 10.26
C GLY B 701 -42.82 23.44 8.81
N HIS B 702 -41.57 23.61 8.37
CA HIS B 702 -41.17 23.31 6.98
C HIS B 702 -39.70 22.90 6.93
N GLN B 703 -39.45 21.66 6.51
CA GLN B 703 -38.08 21.14 6.43
C GLN B 703 -37.79 20.55 5.05
N GLN B 704 -36.51 20.54 4.68
CA GLN B 704 -36.12 20.11 3.34
C GLN B 704 -34.70 19.54 3.31
N PHE B 705 -34.42 18.76 2.27
CA PHE B 705 -33.06 18.26 2.04
C PHE B 705 -32.68 18.24 0.56
N THR B 706 -31.43 18.61 0.29
CA THR B 706 -30.93 18.77 -1.06
C THR B 706 -29.86 17.72 -1.39
N THR B 707 -29.92 17.19 -2.61
CA THR B 707 -28.90 16.27 -3.12
C THR B 707 -28.51 16.69 -4.56
N PRO B 708 -27.20 16.61 -4.89
CA PRO B 708 -26.78 16.95 -6.25
C PRO B 708 -26.99 15.80 -7.22
N LEU B 709 -27.35 16.13 -8.45
CA LEU B 709 -27.54 15.14 -9.51
C LEU B 709 -26.65 15.48 -10.70
N ASN B 710 -25.51 14.78 -10.75
CA ASN B 710 -24.40 15.08 -11.66
C ASN B 710 -24.31 14.07 -12.80
N VAL B 711 -24.73 14.49 -13.99
CA VAL B 711 -24.67 13.67 -15.18
C VAL B 711 -23.79 14.37 -16.21
N GLN C 36 15.28 -23.46 -15.35
CA GLN C 36 15.81 -24.85 -15.31
C GLN C 36 16.73 -25.11 -16.50
N LYS C 37 16.51 -24.38 -17.59
CA LYS C 37 17.25 -24.59 -18.84
C LYS C 37 17.31 -23.32 -19.72
N GLY C 38 18.50 -23.07 -20.26
CA GLY C 38 18.71 -21.95 -21.17
C GLY C 38 18.02 -22.18 -22.50
N PRO C 39 17.83 -21.10 -23.28
CA PRO C 39 17.08 -21.20 -24.52
C PRO C 39 17.79 -22.02 -25.59
N VAL C 40 17.02 -22.63 -26.48
CA VAL C 40 17.56 -23.38 -27.61
C VAL C 40 16.60 -23.28 -28.80
N PHE C 41 17.15 -23.05 -29.98
CA PHE C 41 16.33 -22.84 -31.18
C PHE C 41 15.73 -24.15 -31.64
N LEU C 42 14.39 -24.19 -31.72
CA LEU C 42 13.72 -25.38 -32.26
C LEU C 42 13.39 -25.18 -33.73
N LYS C 43 13.24 -23.93 -34.14
CA LYS C 43 12.90 -23.60 -35.53
C LYS C 43 13.36 -22.20 -35.91
N GLU C 44 14.41 -22.11 -36.73
CA GLU C 44 14.90 -20.84 -37.25
C GLU C 44 14.29 -20.57 -38.62
N PRO C 45 14.34 -19.30 -39.07
CA PRO C 45 13.97 -19.01 -40.47
C PRO C 45 15.08 -19.38 -41.43
N THR C 46 14.74 -19.49 -42.71
CA THR C 46 15.73 -19.81 -43.75
C THR C 46 16.67 -18.62 -44.00
N ASN C 47 17.79 -18.90 -44.65
CA ASN C 47 18.77 -17.86 -45.01
C ASN C 47 18.21 -16.85 -45.99
N ARG C 48 17.39 -17.33 -46.92
CA ARG C 48 16.79 -16.51 -47.97
C ARG C 48 15.28 -16.53 -47.90
N ILE C 49 14.68 -15.36 -47.81
CA ILE C 49 13.24 -15.22 -47.99
C ILE C 49 12.96 -14.14 -49.03
N ASP C 50 12.62 -14.59 -50.24
CA ASP C 50 12.28 -13.73 -51.35
C ASP C 50 10.78 -13.79 -51.55
N PHE C 51 10.15 -12.65 -51.82
CA PHE C 51 8.70 -12.65 -52.11
C PHE C 51 8.21 -11.40 -52.84
N SER C 52 7.05 -11.53 -53.48
CA SER C 52 6.48 -10.44 -54.28
C SER C 52 5.50 -9.60 -53.47
N ASN C 53 5.39 -8.33 -53.85
CA ASN C 53 4.56 -7.36 -53.14
C ASN C 53 3.06 -7.73 -53.10
N SER C 54 2.61 -8.53 -54.07
CA SER C 54 1.24 -9.02 -54.08
C SER C 54 1.06 -10.33 -53.30
N THR C 55 2.17 -11.05 -53.07
CA THR C 55 2.11 -12.33 -52.38
C THR C 55 2.26 -12.16 -50.87
N GLY C 56 3.23 -11.35 -50.46
CA GLY C 56 3.53 -11.17 -49.05
C GLY C 56 4.31 -12.35 -48.49
N ALA C 57 4.78 -12.23 -47.25
CA ALA C 57 5.56 -13.30 -46.63
C ALA C 57 5.57 -13.20 -45.11
N GLU C 58 5.71 -14.36 -44.46
CA GLU C 58 5.84 -14.45 -43.01
C GLU C 58 7.02 -15.35 -42.64
N ILE C 59 7.75 -14.97 -41.60
CA ILE C 59 8.86 -15.79 -41.10
C ILE C 59 8.68 -16.08 -39.62
N GLU C 60 8.54 -17.36 -39.31
CA GLU C 60 8.23 -17.84 -37.97
C GLU C 60 9.51 -18.29 -37.27
N CYS C 61 9.78 -17.77 -36.08
CA CYS C 61 10.94 -18.21 -35.30
C CYS C 61 10.51 -18.80 -33.96
N LYS C 62 10.61 -20.12 -33.83
CA LYS C 62 10.19 -20.81 -32.61
C LYS C 62 11.40 -21.27 -31.77
N ALA C 63 11.39 -20.86 -30.51
CA ALA C 63 12.47 -21.18 -29.57
C ALA C 63 11.94 -21.86 -28.31
N SER C 64 12.70 -22.85 -27.81
CA SER C 64 12.36 -23.59 -26.60
C SER C 64 13.26 -23.17 -25.45
N GLY C 65 12.77 -23.30 -24.22
CA GLY C 65 13.57 -22.98 -23.04
C GLY C 65 12.85 -23.14 -21.71
N ASN C 66 13.52 -22.75 -20.63
CA ASN C 66 12.97 -22.80 -19.28
C ASN C 66 13.73 -21.87 -18.33
N PRO C 67 13.16 -20.70 -18.00
CA PRO C 67 11.82 -20.22 -18.33
C PRO C 67 11.56 -20.03 -19.82
N MET C 68 10.28 -20.02 -20.17
CA MET C 68 9.83 -19.84 -21.56
C MET C 68 10.35 -18.50 -22.08
N PRO C 69 11.25 -18.54 -23.09
CA PRO C 69 11.89 -17.32 -23.54
C PRO C 69 11.00 -16.45 -24.42
N GLU C 70 11.23 -15.13 -24.36
CA GLU C 70 10.59 -14.22 -25.29
C GLU C 70 11.38 -14.21 -26.60
N ILE C 71 10.69 -13.86 -27.69
CA ILE C 71 11.30 -13.84 -29.01
C ILE C 71 11.27 -12.43 -29.58
N ILE C 72 12.40 -11.73 -29.46
CA ILE C 72 12.55 -10.39 -30.02
C ILE C 72 13.33 -10.48 -31.33
N TRP C 73 12.85 -9.79 -32.34
CA TRP C 73 13.52 -9.79 -33.65
C TRP C 73 14.53 -8.64 -33.73
N ILE C 74 15.73 -8.94 -34.20
CA ILE C 74 16.81 -7.94 -34.29
C ILE C 74 17.23 -7.60 -35.72
N ARG C 75 17.91 -6.46 -35.84
CA ARG C 75 18.33 -5.90 -37.12
C ARG C 75 19.84 -6.09 -37.30
N SER C 76 20.30 -5.92 -38.54
CA SER C 76 21.72 -6.06 -38.91
C SER C 76 22.73 -5.54 -37.88
N ASP C 77 22.54 -4.31 -37.41
CA ASP C 77 23.50 -3.66 -36.51
C ASP C 77 23.49 -4.22 -35.07
N GLY C 78 22.37 -4.83 -34.67
CA GLY C 78 22.22 -5.33 -33.30
C GLY C 78 21.02 -4.76 -32.56
N THR C 79 20.44 -3.68 -33.08
CA THR C 79 19.24 -3.09 -32.49
C THR C 79 18.03 -3.97 -32.75
N ALA C 80 17.08 -3.98 -31.82
CA ALA C 80 15.85 -4.76 -31.96
C ALA C 80 14.91 -4.08 -32.95
N VAL C 81 14.42 -4.84 -33.93
CA VAL C 81 13.57 -4.28 -34.98
C VAL C 81 12.19 -3.89 -34.45
N GLY C 82 11.69 -2.74 -34.90
CA GLY C 82 10.37 -2.25 -34.53
C GLY C 82 9.33 -2.56 -35.57
N ASP C 83 8.13 -2.00 -35.38
CA ASP C 83 7.00 -2.23 -36.29
C ASP C 83 6.83 -1.08 -37.29
N VAL C 84 6.17 -1.40 -38.40
CA VAL C 84 5.80 -0.42 -39.43
C VAL C 84 4.41 -0.76 -39.97
N PRO C 85 3.35 -0.09 -39.46
CA PRO C 85 1.97 -0.41 -39.82
C PRO C 85 1.73 -0.52 -41.33
N GLY C 86 1.46 -1.73 -41.79
CA GLY C 86 1.21 -2.00 -43.20
C GLY C 86 2.33 -2.78 -43.87
N LEU C 87 3.57 -2.45 -43.55
CA LEU C 87 4.73 -3.04 -44.22
C LEU C 87 5.37 -4.19 -43.44
N ARG C 88 5.64 -3.94 -42.16
CA ARG C 88 6.28 -4.94 -41.29
C ARG C 88 5.62 -4.95 -39.92
N GLN C 89 5.23 -6.14 -39.46
CA GLN C 89 4.56 -6.28 -38.17
C GLN C 89 5.15 -7.44 -37.38
N ILE C 90 5.42 -7.20 -36.10
CA ILE C 90 5.87 -8.26 -35.19
C ILE C 90 4.67 -8.86 -34.48
N SER C 91 4.37 -10.12 -34.78
CA SER C 91 3.18 -10.80 -34.25
C SER C 91 3.54 -11.79 -33.14
N SER C 92 2.54 -12.57 -32.72
CA SER C 92 2.72 -13.57 -31.67
C SER C 92 3.56 -14.76 -32.14
N ASP C 93 3.93 -15.63 -31.20
CA ASP C 93 4.69 -16.85 -31.48
C ASP C 93 6.02 -16.57 -32.20
N GLY C 94 6.58 -15.37 -32.00
CA GLY C 94 7.78 -14.93 -32.70
C GLY C 94 7.65 -14.92 -34.22
N LYS C 95 6.45 -14.64 -34.71
CA LYS C 95 6.19 -14.55 -36.15
C LYS C 95 6.39 -13.13 -36.64
N LEU C 96 7.43 -12.92 -37.46
CA LEU C 96 7.65 -11.62 -38.10
C LEU C 96 6.94 -11.64 -39.45
N VAL C 97 5.96 -10.74 -39.60
CA VAL C 97 5.08 -10.73 -40.77
C VAL C 97 5.36 -9.54 -41.68
N PHE C 98 5.50 -9.84 -42.98
CA PHE C 98 5.59 -8.82 -44.02
C PHE C 98 4.36 -8.95 -44.92
N PRO C 99 3.27 -8.23 -44.60
CA PRO C 99 2.05 -8.40 -45.38
C PRO C 99 2.15 -7.83 -46.80
N PRO C 100 1.15 -8.14 -47.67
CA PRO C 100 1.10 -7.61 -49.03
C PRO C 100 1.07 -6.09 -49.06
N PHE C 101 1.59 -5.49 -50.14
CA PHE C 101 1.67 -4.04 -50.25
C PHE C 101 1.78 -3.56 -51.70
N ARG C 102 1.65 -2.25 -51.86
CA ARG C 102 1.66 -1.63 -53.19
C ARG C 102 3.04 -1.05 -53.49
N ALA C 103 3.35 -0.86 -54.77
CA ALA C 103 4.66 -0.37 -55.20
C ALA C 103 5.09 0.87 -54.41
N GLU C 104 4.20 1.87 -54.39
CA GLU C 104 4.43 3.10 -53.64
C GLU C 104 4.81 2.86 -52.17
N ASP C 105 4.25 1.80 -51.58
CA ASP C 105 4.50 1.46 -50.18
C ASP C 105 5.86 0.78 -49.94
N TYR C 106 6.53 0.34 -51.01
CA TYR C 106 7.84 -0.34 -50.86
C TYR C 106 8.87 0.56 -50.21
N ARG C 107 9.59 0.04 -49.22
CA ARG C 107 10.62 0.81 -48.53
C ARG C 107 11.84 -0.07 -48.20
N GLN C 108 12.98 0.32 -48.77
CA GLN C 108 14.23 -0.43 -48.66
C GLN C 108 14.52 -0.88 -47.23
N GLU C 109 14.43 0.08 -46.30
CA GLU C 109 14.67 -0.18 -44.87
C GLU C 109 13.98 -1.45 -44.37
N VAL C 110 12.77 -1.72 -44.87
CA VAL C 110 11.96 -2.85 -44.42
C VAL C 110 11.99 -4.04 -45.39
N HIS C 111 11.79 -3.77 -46.68
CA HIS C 111 11.60 -4.82 -47.68
C HIS C 111 12.90 -5.31 -48.37
N ALA C 112 14.04 -4.79 -47.94
CA ALA C 112 15.33 -5.26 -48.47
C ALA C 112 16.38 -5.21 -47.36
N GLN C 113 16.21 -6.07 -46.36
CA GLN C 113 16.91 -5.90 -45.09
C GLN C 113 17.44 -7.22 -44.50
N VAL C 114 18.45 -7.10 -43.65
CA VAL C 114 19.05 -8.24 -42.96
C VAL C 114 18.49 -8.37 -41.54
N TYR C 115 17.51 -9.25 -41.39
CA TYR C 115 16.87 -9.50 -40.11
C TYR C 115 17.47 -10.71 -39.41
N ALA C 116 17.16 -10.85 -38.12
CA ALA C 116 17.61 -12.00 -37.35
C ALA C 116 16.74 -12.19 -36.11
N CYS C 117 16.36 -13.44 -35.83
CA CYS C 117 15.53 -13.74 -34.67
C CYS C 117 16.40 -13.91 -33.43
N LEU C 118 15.99 -13.27 -32.33
CA LEU C 118 16.69 -13.38 -31.05
C LEU C 118 15.75 -13.93 -29.98
N ALA C 119 15.98 -15.18 -29.58
CA ALA C 119 15.21 -15.81 -28.50
C ALA C 119 16.01 -15.70 -27.21
N ARG C 120 15.34 -15.39 -26.11
CA ARG C 120 16.03 -15.10 -24.86
C ARG C 120 15.13 -15.29 -23.64
N ASN C 121 15.70 -15.85 -22.57
CA ASN C 121 15.06 -15.86 -21.26
C ASN C 121 15.98 -15.26 -20.21
N GLN C 122 15.46 -15.09 -19.00
CA GLN C 122 16.25 -14.55 -17.89
C GLN C 122 17.56 -15.32 -17.63
N PHE C 123 17.63 -16.56 -18.11
CA PHE C 123 18.82 -17.39 -17.96
C PHE C 123 19.90 -17.01 -18.98
N GLY C 124 19.47 -16.62 -20.18
CA GLY C 124 20.42 -16.30 -21.25
C GLY C 124 19.80 -15.93 -22.58
N SER C 125 20.66 -15.66 -23.57
CA SER C 125 20.25 -15.14 -24.88
C SER C 125 20.85 -15.92 -26.04
N ILE C 126 20.10 -16.04 -27.14
CA ILE C 126 20.61 -16.62 -28.38
C ILE C 126 20.01 -15.95 -29.63
N ILE C 127 20.89 -15.49 -30.52
CA ILE C 127 20.47 -14.88 -31.78
C ILE C 127 20.66 -15.88 -32.92
N SER C 128 19.63 -15.98 -33.76
CA SER C 128 19.57 -16.95 -34.84
C SER C 128 20.55 -16.63 -35.94
N ARG C 129 20.62 -17.51 -36.93
CA ARG C 129 21.36 -17.21 -38.15
C ARG C 129 20.74 -15.99 -38.83
N ASP C 130 21.48 -15.43 -39.79
CA ASP C 130 21.02 -14.27 -40.53
C ASP C 130 19.87 -14.67 -41.46
N VAL C 131 18.82 -13.85 -41.47
CA VAL C 131 17.68 -14.03 -42.38
C VAL C 131 17.66 -12.85 -43.36
N HIS C 132 17.95 -13.14 -44.62
CA HIS C 132 17.89 -12.12 -45.67
C HIS C 132 16.46 -11.98 -46.16
N VAL C 133 15.83 -10.85 -45.88
CA VAL C 133 14.49 -10.57 -46.41
C VAL C 133 14.61 -9.71 -47.65
N ARG C 134 14.09 -10.23 -48.76
CA ARG C 134 14.11 -9.56 -50.04
C ARG C 134 12.71 -9.56 -50.65
N ALA C 135 11.95 -8.51 -50.33
CA ALA C 135 10.69 -8.26 -51.00
C ALA C 135 11.00 -7.58 -52.32
N VAL C 136 10.41 -8.08 -53.40
CA VAL C 136 10.62 -7.51 -54.73
C VAL C 136 9.27 -7.23 -55.37
N VAL C 137 9.02 -5.98 -55.71
CA VAL C 137 7.74 -5.59 -56.27
C VAL C 137 7.61 -6.18 -57.68
N ALA C 138 6.48 -6.84 -57.93
CA ALA C 138 6.23 -7.49 -59.21
C ALA C 138 6.33 -6.47 -60.35
N GLN C 139 7.51 -6.42 -60.97
CA GLN C 139 7.82 -5.45 -62.02
C GLN C 139 7.88 -6.15 -63.36
N TYR C 140 7.72 -5.39 -64.43
CA TYR C 140 7.73 -5.95 -65.78
C TYR C 140 9.15 -6.25 -66.27
N TYR C 141 9.28 -7.32 -67.05
CA TYR C 141 10.52 -7.68 -67.72
C TYR C 141 10.23 -8.36 -69.06
N GLU C 142 11.13 -8.18 -70.02
CA GLU C 142 11.03 -8.88 -71.30
C GLU C 142 12.36 -9.48 -71.72
N ALA C 143 12.35 -10.80 -71.93
CA ALA C 143 13.54 -11.51 -72.36
C ALA C 143 13.80 -11.28 -73.84
N ASP C 144 15.06 -11.23 -74.24
CA ASP C 144 15.44 -11.07 -75.64
C ASP C 144 16.20 -12.28 -76.14
N VAL C 145 16.07 -12.56 -77.45
CA VAL C 145 16.92 -13.54 -78.11
C VAL C 145 17.41 -12.93 -79.41
N ASN C 146 18.72 -12.68 -79.51
CA ASN C 146 19.30 -11.97 -80.63
C ASN C 146 19.94 -12.89 -81.66
N LYS C 147 20.31 -12.31 -82.80
CA LYS C 147 20.96 -13.05 -83.89
C LYS C 147 22.25 -13.70 -83.41
N GLU C 148 22.46 -14.97 -83.76
CA GLU C 148 23.70 -15.66 -83.45
C GLU C 148 24.40 -16.07 -84.73
N HIS C 149 25.66 -15.66 -84.89
CA HIS C 149 26.42 -15.93 -86.10
C HIS C 149 27.26 -17.18 -85.94
N VAL C 150 27.20 -18.08 -86.91
CA VAL C 150 27.97 -19.32 -86.88
C VAL C 150 28.65 -19.60 -88.21
N ILE C 151 29.86 -20.16 -88.14
CA ILE C 151 30.55 -20.64 -89.34
C ILE C 151 30.09 -22.06 -89.61
N ARG C 152 29.36 -22.22 -90.72
CA ARG C 152 28.80 -23.51 -91.11
C ARG C 152 29.69 -24.67 -90.69
N GLY C 153 29.18 -25.51 -89.80
CA GLY C 153 29.95 -26.66 -89.31
C GLY C 153 30.14 -26.63 -87.80
N ASN C 154 30.47 -25.46 -87.27
CA ASN C 154 30.65 -25.32 -85.82
C ASN C 154 29.32 -25.49 -85.09
N SER C 155 29.39 -25.71 -83.78
CA SER C 155 28.19 -25.85 -82.95
C SER C 155 27.77 -24.51 -82.38
N ALA C 156 26.45 -24.32 -82.23
CA ALA C 156 25.88 -23.04 -81.81
C ALA C 156 25.33 -23.09 -80.38
N VAL C 157 25.32 -21.94 -79.72
CA VAL C 157 24.69 -21.76 -78.42
C VAL C 157 23.80 -20.52 -78.44
N ILE C 158 22.50 -20.73 -78.62
CA ILE C 158 21.54 -19.63 -78.65
C ILE C 158 21.22 -19.24 -77.21
N LYS C 159 21.56 -18.01 -76.85
CA LYS C 159 21.43 -17.54 -75.47
C LYS C 159 20.15 -16.73 -75.31
N CYS C 160 19.45 -16.95 -74.20
CA CYS C 160 18.23 -16.22 -73.87
C CYS C 160 18.58 -15.09 -72.90
N LEU C 161 18.71 -13.89 -73.43
CA LEU C 161 19.13 -12.73 -72.64
C LEU C 161 18.03 -12.24 -71.71
N ILE C 162 18.27 -12.38 -70.41
CA ILE C 162 17.38 -11.87 -69.38
C ILE C 162 18.02 -10.61 -68.78
N PRO C 163 17.20 -9.58 -68.50
CA PRO C 163 17.73 -8.40 -67.82
C PRO C 163 18.44 -8.78 -66.51
N SER C 164 19.72 -8.42 -66.43
CA SER C 164 20.56 -8.76 -65.27
C SER C 164 19.88 -8.45 -63.95
N PHE C 165 19.22 -7.29 -63.87
CA PHE C 165 18.60 -6.83 -62.63
C PHE C 165 17.38 -7.66 -62.17
N VAL C 166 16.86 -8.52 -63.04
CA VAL C 166 15.82 -9.50 -62.65
C VAL C 166 16.29 -10.95 -62.74
N ALA C 167 17.53 -11.18 -63.20
CA ALA C 167 18.11 -12.52 -63.28
C ALA C 167 17.74 -13.40 -62.09
N ASP C 168 18.03 -12.92 -60.88
CA ASP C 168 17.82 -13.68 -59.64
C ASP C 168 16.44 -14.34 -59.52
N PHE C 169 15.45 -13.74 -60.18
CA PHE C 169 14.07 -14.23 -60.07
C PHE C 169 13.49 -14.74 -61.39
N VAL C 170 14.29 -14.78 -62.44
CA VAL C 170 13.81 -15.23 -63.75
C VAL C 170 14.75 -16.26 -64.33
N GLU C 171 14.21 -17.38 -64.81
CA GLU C 171 15.04 -18.41 -65.45
C GLU C 171 14.35 -19.01 -66.68
N VAL C 172 15.16 -19.66 -67.53
CA VAL C 172 14.67 -20.25 -68.76
C VAL C 172 13.90 -21.54 -68.46
N VAL C 173 12.80 -21.73 -69.18
CA VAL C 173 11.94 -22.89 -68.98
C VAL C 173 11.96 -23.81 -70.18
N SER C 174 11.73 -23.24 -71.36
CA SER C 174 11.68 -24.01 -72.60
C SER C 174 11.92 -23.13 -73.82
N TRP C 175 12.45 -23.72 -74.88
CA TRP C 175 12.68 -23.02 -76.14
C TRP C 175 11.62 -23.39 -77.16
N HIS C 176 11.31 -22.44 -78.04
CA HIS C 176 10.28 -22.64 -79.07
C HIS C 176 10.75 -22.09 -80.41
N THR C 177 10.50 -22.86 -81.47
CA THR C 177 10.90 -22.49 -82.83
C THR C 177 9.68 -22.04 -83.63
N ASP C 178 9.90 -21.22 -84.66
CA ASP C 178 8.79 -20.76 -85.50
C ASP C 178 8.11 -21.90 -86.28
N GLU C 179 8.82 -23.00 -86.49
CA GLU C 179 8.23 -24.21 -87.08
C GLU C 179 7.35 -24.98 -86.07
N GLU C 180 7.18 -24.42 -84.87
CA GLU C 180 6.42 -25.04 -83.79
C GLU C 180 7.03 -26.36 -83.33
N GLU C 181 8.29 -26.28 -82.91
CA GLU C 181 8.97 -27.36 -82.20
C GLU C 181 9.35 -26.80 -80.84
N ASN C 182 9.19 -27.60 -79.79
CA ASN C 182 9.43 -27.15 -78.42
C ASN C 182 10.53 -27.97 -77.75
N TYR C 183 11.67 -27.33 -77.49
CA TYR C 183 12.80 -28.00 -76.84
C TYR C 183 12.84 -27.66 -75.34
N PHE C 184 12.58 -28.67 -74.51
CA PHE C 184 12.60 -28.54 -73.06
C PHE C 184 13.97 -28.98 -72.52
N PRO C 185 14.20 -28.82 -71.19
CA PRO C 185 15.41 -29.38 -70.61
C PRO C 185 15.28 -30.89 -70.41
N GLY C 186 16.42 -31.58 -70.38
CA GLY C 186 16.46 -33.03 -70.29
C GLY C 186 17.46 -33.59 -71.28
N ALA C 187 17.18 -34.78 -71.81
CA ALA C 187 18.07 -35.42 -72.78
C ALA C 187 18.07 -34.67 -74.11
N GLU C 188 18.94 -35.09 -75.03
CA GLU C 188 19.10 -34.42 -76.32
C GLU C 188 18.01 -34.83 -77.32
N TYR C 189 17.49 -33.85 -78.04
CA TYR C 189 16.53 -34.09 -79.11
C TYR C 189 17.26 -34.42 -80.40
N ASP C 190 16.75 -35.41 -81.14
CA ASP C 190 17.26 -35.74 -82.48
C ASP C 190 18.79 -35.78 -82.57
N GLY C 191 19.46 -36.04 -81.44
CA GLY C 191 20.91 -35.98 -81.33
C GLY C 191 21.55 -34.69 -81.84
N LYS C 192 20.84 -33.57 -81.71
CA LYS C 192 21.31 -32.29 -82.24
C LYS C 192 21.01 -31.12 -81.30
N TYR C 193 19.72 -30.93 -81.00
CA TYR C 193 19.28 -29.82 -80.15
C TYR C 193 19.30 -30.25 -78.70
N LEU C 194 19.86 -29.39 -77.84
CA LEU C 194 19.92 -29.66 -76.41
C LEU C 194 19.81 -28.38 -75.60
N VAL C 195 18.87 -28.36 -74.65
CA VAL C 195 18.73 -27.23 -73.74
C VAL C 195 19.71 -27.43 -72.60
N LEU C 196 20.72 -26.56 -72.51
CA LEU C 196 21.70 -26.62 -71.43
C LEU C 196 21.08 -26.26 -70.08
N PRO C 197 21.61 -26.81 -68.98
CA PRO C 197 21.13 -26.50 -67.63
C PRO C 197 21.01 -25.01 -67.35
N SER C 198 22.00 -24.24 -67.80
CA SER C 198 22.05 -22.80 -67.60
C SER C 198 21.09 -22.01 -68.51
N GLY C 199 20.24 -22.71 -69.27
CA GLY C 199 19.14 -22.06 -69.99
C GLY C 199 19.32 -21.91 -71.49
N GLU C 200 20.56 -21.98 -71.95
CA GLU C 200 20.87 -21.80 -73.38
C GLU C 200 20.32 -22.95 -74.22
N LEU C 201 20.16 -22.69 -75.51
CA LEU C 201 19.83 -23.74 -76.47
C LEU C 201 21.06 -24.09 -77.27
N HIS C 202 21.56 -25.31 -77.08
CA HIS C 202 22.79 -25.77 -77.69
C HIS C 202 22.48 -26.57 -78.95
N ILE C 203 22.78 -25.96 -80.10
CA ILE C 203 22.57 -26.59 -81.39
C ILE C 203 23.88 -27.23 -81.84
N ARG C 204 23.87 -28.56 -81.93
CA ARG C 204 25.07 -29.31 -82.29
C ARG C 204 25.28 -29.28 -83.81
N GLU C 205 26.50 -28.95 -84.23
CA GLU C 205 26.89 -29.01 -85.64
C GLU C 205 25.89 -28.28 -86.56
N VAL C 206 26.00 -26.96 -86.60
CA VAL C 206 25.04 -26.12 -87.34
C VAL C 206 25.25 -26.26 -88.83
N GLY C 207 24.16 -26.50 -89.56
CA GLY C 207 24.18 -26.57 -91.02
C GLY C 207 23.05 -25.74 -91.62
N PRO C 208 23.16 -25.40 -92.92
CA PRO C 208 22.20 -24.56 -93.64
C PRO C 208 20.74 -24.80 -93.24
N GLU C 209 20.37 -26.08 -93.13
CA GLU C 209 19.01 -26.49 -92.77
C GLU C 209 18.50 -25.93 -91.43
N ASP C 210 19.30 -25.10 -90.76
CA ASP C 210 18.94 -24.55 -89.45
C ASP C 210 19.02 -23.02 -89.34
N GLY C 211 19.56 -22.31 -90.35
CA GLY C 211 19.58 -20.83 -90.41
C GLY C 211 18.21 -20.32 -90.81
N TYR C 212 17.24 -21.20 -90.60
CA TYR C 212 15.90 -21.12 -91.11
C TYR C 212 14.98 -20.78 -89.96
N LYS C 213 15.10 -21.59 -88.91
CA LYS C 213 14.23 -21.56 -87.76
C LYS C 213 14.56 -20.35 -86.89
N SER C 214 13.54 -19.73 -86.53
CA SER C 214 13.69 -18.61 -85.62
C SER C 214 13.43 -19.14 -84.22
N TYR C 215 14.43 -19.03 -83.34
CA TYR C 215 14.33 -19.55 -81.99
C TYR C 215 13.99 -18.45 -81.01
N GLN C 216 13.14 -18.78 -80.02
CA GLN C 216 12.81 -17.83 -78.96
C GLN C 216 12.53 -18.55 -77.64
N CYS C 217 12.98 -17.95 -76.54
CA CYS C 217 12.95 -18.59 -75.22
C CYS C 217 11.69 -18.21 -74.44
N ARG C 218 11.32 -19.09 -73.52
CA ARG C 218 10.19 -18.91 -72.63
C ARG C 218 10.72 -18.91 -71.20
N THR C 219 10.54 -17.79 -70.50
CA THR C 219 11.07 -17.61 -69.16
C THR C 219 9.97 -17.72 -68.11
N LYS C 220 10.35 -18.14 -66.89
CA LYS C 220 9.44 -18.10 -65.75
C LYS C 220 10.00 -17.25 -64.63
N HIS C 221 9.14 -16.38 -64.08
CA HIS C 221 9.48 -15.59 -62.91
C HIS C 221 9.14 -16.40 -61.66
N ARG C 222 10.16 -16.74 -60.87
CA ARG C 222 9.97 -17.63 -59.73
C ARG C 222 9.27 -16.99 -58.52
N LEU C 223 8.94 -15.69 -58.58
CA LEU C 223 8.16 -15.08 -57.52
C LEU C 223 6.72 -14.78 -57.96
N THR C 224 6.58 -14.20 -59.16
CA THR C 224 5.23 -13.88 -59.67
C THR C 224 4.52 -15.12 -60.24
N GLY C 225 5.30 -16.07 -60.75
CA GLY C 225 4.76 -17.32 -61.27
C GLY C 225 4.21 -17.22 -62.69
N GLU C 226 4.65 -16.20 -63.42
CA GLU C 226 4.27 -16.04 -64.83
C GLU C 226 5.38 -16.53 -65.73
N THR C 227 5.00 -17.24 -66.79
CA THR C 227 5.92 -17.65 -67.84
C THR C 227 5.62 -16.82 -69.09
N ARG C 228 6.63 -16.09 -69.56
CA ARG C 228 6.47 -15.23 -70.72
C ARG C 228 7.53 -15.51 -71.77
N LEU C 229 7.13 -15.40 -73.04
CA LEU C 229 8.04 -15.58 -74.16
C LEU C 229 8.91 -14.34 -74.36
N SER C 230 10.04 -14.55 -75.03
CA SER C 230 10.93 -13.44 -75.38
C SER C 230 10.28 -12.49 -76.36
N ALA C 231 10.51 -11.19 -76.17
CA ALA C 231 9.97 -10.15 -77.04
C ALA C 231 10.69 -10.12 -78.40
N THR C 232 11.88 -10.70 -78.47
CA THR C 232 12.67 -10.73 -79.71
C THR C 232 13.11 -12.15 -80.05
N LYS C 233 12.81 -12.58 -81.28
CA LYS C 233 13.19 -13.91 -81.77
C LYS C 233 14.59 -13.87 -82.36
N GLY C 234 15.43 -14.80 -81.94
CA GLY C 234 16.77 -14.93 -82.51
C GLY C 234 16.78 -15.89 -83.69
N ARG C 235 17.87 -15.86 -84.43
CA ARG C 235 18.08 -16.78 -85.54
C ARG C 235 19.57 -17.05 -85.73
N LEU C 236 19.86 -18.11 -86.48
CA LEU C 236 21.24 -18.50 -86.77
C LEU C 236 21.69 -17.99 -88.13
N VAL C 237 22.55 -16.98 -88.12
CA VAL C 237 23.19 -16.52 -89.34
C VAL C 237 24.34 -17.47 -89.66
N ILE C 238 24.11 -18.36 -90.61
CA ILE C 238 25.11 -19.36 -91.00
C ILE C 238 25.95 -18.80 -92.15
N THR C 239 27.26 -18.70 -91.95
CA THR C 239 28.15 -18.21 -93.00
C THR C 239 29.00 -19.36 -93.54
N GLU C 240 29.16 -19.37 -94.87
CA GLU C 240 29.97 -20.36 -95.56
C GLU C 240 31.44 -20.16 -95.21
N PRO C 241 32.20 -21.27 -95.11
CA PRO C 241 33.63 -21.13 -94.86
C PRO C 241 34.44 -21.12 -96.16
N ILE C 242 35.31 -20.12 -96.30
CA ILE C 242 36.24 -20.05 -97.43
C ILE C 242 37.66 -19.92 -96.89
N SER C 243 37.92 -18.84 -96.16
CA SER C 243 39.22 -18.61 -95.54
C SER C 243 39.35 -19.48 -94.30
N SER C 244 40.54 -20.04 -94.09
CA SER C 244 40.80 -20.89 -92.92
C SER C 244 40.96 -20.02 -91.68
N ALA C 245 39.90 -19.95 -90.87
CA ALA C 245 39.86 -19.07 -89.70
C ALA C 245 40.36 -19.77 -88.44
N VAL C 246 41.30 -19.12 -87.75
CA VAL C 246 41.83 -19.65 -86.49
C VAL C 246 40.72 -19.69 -85.46
N PRO C 247 40.68 -20.73 -84.62
CA PRO C 247 39.66 -20.75 -83.58
C PRO C 247 39.77 -19.54 -82.66
N LYS C 248 38.67 -18.83 -82.48
CA LYS C 248 38.66 -17.64 -81.65
C LYS C 248 37.55 -17.71 -80.60
N VAL C 249 37.87 -17.15 -79.43
CA VAL C 249 36.94 -17.01 -78.31
C VAL C 249 36.65 -15.53 -78.11
N VAL C 250 35.61 -15.22 -77.35
CA VAL C 250 35.12 -13.84 -77.20
C VAL C 250 35.92 -13.05 -76.14
N SER C 251 37.22 -12.93 -76.35
CA SER C 251 38.12 -12.18 -75.46
C SER C 251 37.80 -12.40 -73.96
N LEU C 252 36.92 -11.56 -73.42
CA LEU C 252 36.48 -11.63 -72.02
C LEU C 252 36.01 -13.03 -71.62
N ALA C 253 35.25 -13.67 -72.53
CA ALA C 253 34.74 -15.03 -72.31
C ALA C 253 35.83 -16.10 -72.18
N LYS C 254 37.10 -15.68 -72.23
CA LYS C 254 38.21 -16.60 -72.01
C LYS C 254 38.32 -17.04 -70.54
N PHE C 255 37.80 -16.24 -69.60
CA PHE C 255 37.90 -16.62 -68.18
C PHE C 255 36.69 -16.25 -67.32
N ASP C 256 36.26 -17.20 -66.48
CA ASP C 256 35.02 -17.10 -65.71
C ASP C 256 35.04 -17.98 -64.45
N MET C 257 34.37 -17.52 -63.39
CA MET C 257 34.19 -18.28 -62.16
C MET C 257 32.70 -18.57 -61.95
N LYS C 258 32.36 -19.83 -61.71
CA LYS C 258 30.97 -20.21 -61.43
C LYS C 258 30.84 -20.88 -60.07
N THR C 259 29.68 -20.66 -59.44
CA THR C 259 29.36 -21.26 -58.15
C THR C 259 28.02 -21.97 -58.27
N TYR C 260 28.08 -23.28 -58.48
CA TYR C 260 26.87 -24.06 -58.67
C TYR C 260 26.39 -24.65 -57.35
N SER C 261 25.07 -24.81 -57.23
CA SER C 261 24.48 -25.46 -56.07
C SER C 261 24.79 -26.96 -56.08
N GLY C 262 24.76 -27.57 -54.90
CA GLY C 262 25.11 -28.99 -54.76
C GLY C 262 24.17 -29.93 -55.49
N SER C 263 24.73 -31.06 -55.94
CA SER C 263 23.97 -32.13 -56.61
C SER C 263 22.99 -31.63 -57.69
N SER C 264 23.49 -30.75 -58.55
CA SER C 264 22.74 -30.27 -59.69
C SER C 264 23.48 -30.70 -60.96
N THR C 265 23.01 -30.21 -62.12
CA THR C 265 23.69 -30.46 -63.38
C THR C 265 24.40 -29.20 -63.84
N MET C 266 25.73 -29.25 -63.88
CA MET C 266 26.56 -28.09 -64.19
C MET C 266 26.91 -28.06 -65.68
N ALA C 267 26.97 -26.86 -66.25
CA ALA C 267 27.16 -26.69 -67.69
C ALA C 267 28.36 -25.81 -67.98
N LEU C 268 29.49 -26.43 -68.30
CA LEU C 268 30.69 -25.69 -68.66
C LEU C 268 30.77 -25.51 -70.18
N LEU C 269 30.90 -24.26 -70.62
CA LEU C 269 30.95 -23.94 -72.05
C LEU C 269 32.36 -23.54 -72.48
N CYS C 270 32.63 -23.68 -73.77
CA CYS C 270 33.94 -23.36 -74.36
C CYS C 270 33.75 -22.58 -75.66
N PRO C 271 33.16 -21.37 -75.59
CA PRO C 271 32.79 -20.64 -76.80
C PRO C 271 33.97 -20.44 -77.74
N ALA C 272 33.98 -21.19 -78.83
CA ALA C 272 35.05 -21.11 -79.80
C ALA C 272 34.56 -21.49 -81.18
N GLN C 273 34.64 -20.54 -82.11
CA GLN C 273 34.34 -20.83 -83.51
C GLN C 273 35.64 -20.90 -84.28
N GLY C 274 35.57 -21.41 -85.51
CA GLY C 274 36.74 -21.45 -86.39
C GLY C 274 36.55 -22.40 -87.55
N TYR C 275 37.47 -22.34 -88.52
CA TYR C 275 37.44 -23.25 -89.65
C TYR C 275 38.87 -23.61 -90.09
N PRO C 276 39.13 -24.91 -90.34
CA PRO C 276 38.21 -26.05 -90.23
C PRO C 276 37.64 -26.25 -88.84
N VAL C 277 36.53 -27.01 -88.78
CA VAL C 277 35.81 -27.27 -87.53
C VAL C 277 36.76 -27.79 -86.47
N PRO C 278 36.93 -27.05 -85.36
CA PRO C 278 37.92 -27.38 -84.33
C PRO C 278 37.49 -28.53 -83.42
N VAL C 279 38.43 -28.99 -82.60
CA VAL C 279 38.18 -30.07 -81.64
C VAL C 279 38.43 -29.60 -80.21
N PHE C 280 37.54 -29.99 -79.30
CA PHE C 280 37.56 -29.52 -77.92
C PHE C 280 38.00 -30.60 -76.94
N ARG C 281 39.03 -30.30 -76.16
CA ARG C 281 39.55 -31.19 -75.13
C ARG C 281 39.40 -30.51 -73.77
N TRP C 282 38.91 -31.24 -72.77
CA TRP C 282 38.76 -30.69 -71.42
C TRP C 282 39.74 -31.29 -70.42
N TYR C 283 40.29 -30.43 -69.57
CA TYR C 283 41.23 -30.82 -68.54
C TYR C 283 40.83 -30.19 -67.21
N LYS C 284 41.16 -30.86 -66.12
CA LYS C 284 40.99 -30.32 -64.77
C LYS C 284 42.37 -30.20 -64.14
N PHE C 285 42.67 -29.02 -63.60
CA PHE C 285 43.95 -28.81 -62.91
C PHE C 285 43.95 -29.54 -61.58
N ILE C 286 45.13 -30.01 -61.16
CA ILE C 286 45.28 -30.69 -59.87
C ILE C 286 45.35 -29.63 -58.77
N GLU C 287 44.52 -29.81 -57.75
CA GLU C 287 44.36 -28.86 -56.64
C GLU C 287 45.55 -27.91 -56.45
N GLY C 288 45.42 -26.68 -56.96
CA GLY C 288 46.38 -25.61 -56.71
C GLY C 288 47.62 -25.58 -57.61
N THR C 289 47.99 -26.73 -58.18
CA THR C 289 49.24 -26.85 -58.93
C THR C 289 49.08 -26.44 -60.39
N THR C 290 50.20 -26.41 -61.11
CA THR C 290 50.22 -26.12 -62.54
C THR C 290 50.03 -27.39 -63.39
N ARG C 291 49.91 -28.55 -62.73
CA ARG C 291 49.72 -29.82 -63.41
C ARG C 291 48.23 -30.00 -63.71
N LYS C 292 47.92 -30.61 -64.84
CA LYS C 292 46.53 -30.85 -65.25
C LYS C 292 46.29 -32.30 -65.68
N GLN C 293 45.12 -32.83 -65.33
CA GLN C 293 44.68 -34.14 -65.76
C GLN C 293 43.58 -33.98 -66.79
N ALA C 294 43.52 -34.91 -67.76
CA ALA C 294 42.46 -34.91 -68.76
C ALA C 294 41.14 -35.33 -68.11
N VAL C 295 40.05 -34.66 -68.48
CA VAL C 295 38.75 -34.96 -67.89
C VAL C 295 38.27 -36.35 -68.33
N VAL C 296 37.73 -37.11 -67.39
CA VAL C 296 37.30 -38.48 -67.65
C VAL C 296 35.80 -38.50 -68.00
N LEU C 297 35.51 -38.81 -69.27
CA LEU C 297 34.14 -38.91 -69.75
C LEU C 297 33.53 -40.25 -69.35
N ASN C 298 32.24 -40.23 -69.01
CA ASN C 298 31.54 -41.44 -68.57
C ASN C 298 30.01 -41.25 -68.64
N ASP C 299 29.29 -41.79 -67.66
CA ASP C 299 27.84 -41.61 -67.56
C ASP C 299 27.47 -40.34 -66.78
N ARG C 300 28.21 -40.04 -65.72
CA ARG C 300 27.93 -38.87 -64.90
C ARG C 300 28.39 -37.57 -65.56
N VAL C 301 29.61 -37.57 -66.09
CA VAL C 301 30.15 -36.43 -66.82
C VAL C 301 30.24 -36.75 -68.30
N LYS C 302 29.61 -35.92 -69.12
CA LYS C 302 29.58 -36.12 -70.57
C LYS C 302 29.96 -34.83 -71.31
N GLN C 303 30.46 -34.98 -72.54
CA GLN C 303 30.86 -33.84 -73.36
C GLN C 303 30.01 -33.76 -74.63
N VAL C 304 29.16 -32.73 -74.70
CA VAL C 304 28.38 -32.46 -75.91
C VAL C 304 29.13 -31.42 -76.73
N SER C 305 29.72 -31.86 -77.83
CA SER C 305 30.53 -31.00 -78.70
C SER C 305 31.67 -30.36 -77.88
N GLY C 306 31.64 -29.05 -77.70
CA GLY C 306 32.64 -28.36 -76.89
C GLY C 306 32.21 -28.09 -75.46
N THR C 307 30.91 -28.23 -75.19
CA THR C 307 30.37 -27.98 -73.86
C THR C 307 30.43 -29.23 -73.01
N LEU C 308 31.01 -29.09 -71.82
CA LEU C 308 31.08 -30.17 -70.85
C LEU C 308 29.88 -30.07 -69.91
N ILE C 309 29.13 -31.16 -69.82
CA ILE C 309 28.00 -31.27 -68.89
C ILE C 309 28.38 -32.21 -67.77
N ILE C 310 28.21 -31.76 -66.53
CA ILE C 310 28.51 -32.59 -65.36
C ILE C 310 27.23 -32.81 -64.57
N LYS C 311 26.76 -34.06 -64.51
CA LYS C 311 25.54 -34.38 -63.78
C LYS C 311 25.85 -34.68 -62.31
N ASP C 312 24.84 -34.49 -61.46
CA ASP C 312 24.90 -34.86 -60.05
C ASP C 312 26.17 -34.33 -59.37
N ALA C 313 26.25 -33.00 -59.25
CA ALA C 313 27.47 -32.33 -58.78
C ALA C 313 27.82 -32.68 -57.34
N VAL C 314 29.11 -32.77 -57.07
CA VAL C 314 29.62 -32.92 -55.70
C VAL C 314 30.74 -31.94 -55.46
N VAL C 315 31.07 -31.71 -54.19
CA VAL C 315 32.10 -30.75 -53.82
C VAL C 315 33.45 -31.12 -54.45
N GLU C 316 33.69 -32.43 -54.56
CA GLU C 316 34.91 -32.95 -55.20
C GLU C 316 35.07 -32.48 -56.65
N ASP C 317 33.95 -32.14 -57.30
CA ASP C 317 33.99 -31.60 -58.66
C ASP C 317 34.47 -30.15 -58.72
N SER C 318 34.61 -29.50 -57.56
CA SER C 318 35.11 -28.13 -57.52
C SER C 318 36.56 -28.08 -58.00
N GLY C 319 36.94 -26.98 -58.65
CA GLY C 319 38.30 -26.77 -59.12
C GLY C 319 38.44 -25.85 -60.32
N LYS C 320 39.64 -25.79 -60.88
CA LYS C 320 39.94 -24.99 -62.06
C LYS C 320 39.93 -25.90 -63.28
N TYR C 321 38.95 -25.69 -64.16
CA TYR C 321 38.81 -26.47 -65.38
C TYR C 321 39.33 -25.70 -66.58
N LEU C 322 40.06 -26.40 -67.45
CA LEU C 322 40.63 -25.80 -68.66
C LEU C 322 40.13 -26.53 -69.90
N CYS C 323 39.55 -25.76 -70.83
CA CYS C 323 39.16 -26.28 -72.13
C CYS C 323 40.14 -25.80 -73.18
N VAL C 324 40.68 -26.74 -73.95
CA VAL C 324 41.59 -26.46 -75.04
C VAL C 324 40.86 -26.73 -76.36
N VAL C 325 40.96 -25.79 -77.30
CA VAL C 325 40.32 -25.94 -78.60
C VAL C 325 41.36 -25.79 -79.71
N ASN C 326 41.60 -26.88 -80.44
CA ASN C 326 42.59 -26.90 -81.52
C ASN C 326 41.96 -27.10 -82.89
N ASN C 327 42.66 -26.66 -83.93
CA ASN C 327 42.38 -27.09 -85.30
C ASN C 327 43.64 -27.03 -86.16
N SER C 328 43.53 -27.32 -87.45
CA SER C 328 44.69 -27.38 -88.34
C SER C 328 45.47 -26.05 -88.43
N VAL C 329 44.80 -24.93 -88.17
CA VAL C 329 45.45 -23.61 -88.23
C VAL C 329 46.07 -23.21 -86.89
N GLY C 330 45.25 -23.22 -85.83
CA GLY C 330 45.71 -22.77 -84.52
C GLY C 330 44.98 -23.38 -83.33
N GLY C 331 45.25 -22.83 -82.14
CA GLY C 331 44.64 -23.31 -80.90
C GLY C 331 44.40 -22.22 -79.87
N GLU C 332 43.21 -22.25 -79.27
CA GLU C 332 42.80 -21.28 -78.25
C GLU C 332 42.39 -22.04 -76.99
N SER C 333 42.33 -21.36 -75.85
CA SER C 333 41.95 -22.01 -74.59
C SER C 333 41.16 -21.12 -73.64
N VAL C 334 40.19 -21.71 -72.94
CA VAL C 334 39.40 -21.00 -71.93
C VAL C 334 39.43 -21.76 -70.59
N GLU C 335 39.18 -21.05 -69.50
CA GLU C 335 39.21 -21.66 -68.16
C GLU C 335 37.93 -21.37 -67.37
N THR C 336 37.69 -22.19 -66.35
CA THR C 336 36.52 -22.03 -65.48
C THR C 336 36.86 -22.38 -64.03
N VAL C 337 36.64 -21.45 -63.12
CA VAL C 337 36.80 -21.71 -61.69
C VAL C 337 35.47 -22.18 -61.12
N LEU C 338 35.33 -23.49 -60.99
CA LEU C 338 34.06 -24.10 -60.62
C LEU C 338 34.02 -24.42 -59.12
N THR C 339 32.96 -23.99 -58.46
CA THR C 339 32.77 -24.26 -57.02
C THR C 339 31.38 -24.82 -56.74
N VAL C 340 31.33 -26.07 -56.29
CA VAL C 340 30.06 -26.74 -55.97
C VAL C 340 29.75 -26.56 -54.48
N THR C 341 28.52 -26.18 -54.16
CA THR C 341 28.16 -25.84 -52.79
C THR C 341 27.77 -27.06 -51.95
N ALA C 342 27.61 -26.84 -50.65
CA ALA C 342 27.15 -27.86 -49.71
C ALA C 342 26.53 -27.16 -48.50
N PRO C 343 25.25 -27.46 -48.19
CA PRO C 343 24.54 -26.75 -47.11
C PRO C 343 25.30 -26.67 -45.80
N LEU C 344 25.33 -25.49 -45.19
CA LEU C 344 25.99 -25.29 -43.91
C LEU C 344 25.10 -25.79 -42.77
N SER C 345 25.71 -26.50 -41.82
CA SER C 345 24.99 -26.98 -40.64
C SER C 345 25.97 -27.13 -39.47
N ALA C 346 25.59 -26.61 -38.31
CA ALA C 346 26.47 -26.59 -37.13
C ALA C 346 25.87 -27.34 -35.95
N LYS C 347 26.74 -27.74 -35.03
CA LYS C 347 26.36 -28.49 -33.83
C LYS C 347 27.47 -28.38 -32.79
N ILE C 348 27.13 -27.95 -31.58
CA ILE C 348 28.12 -27.82 -30.51
C ILE C 348 28.08 -29.02 -29.57
N ASP C 349 29.25 -29.56 -29.26
CA ASP C 349 29.37 -30.66 -28.30
C ASP C 349 30.11 -30.14 -27.07
N PRO C 350 29.47 -30.22 -25.89
CA PRO C 350 28.13 -30.72 -25.58
C PRO C 350 27.06 -29.62 -25.62
N PRO C 351 25.76 -30.01 -25.69
CA PRO C 351 24.66 -29.03 -25.71
C PRO C 351 24.52 -28.23 -24.42
N THR C 352 24.79 -28.88 -23.28
CA THR C 352 24.81 -28.20 -22.00
C THR C 352 25.77 -28.92 -21.05
N GLN C 353 26.52 -28.14 -20.25
CA GLN C 353 27.43 -28.74 -19.27
C GLN C 353 27.55 -27.91 -17.99
N THR C 354 27.78 -28.60 -16.89
CA THR C 354 27.89 -27.97 -15.58
C THR C 354 29.31 -28.12 -15.06
N VAL C 355 30.02 -27.00 -14.93
CA VAL C 355 31.42 -27.03 -14.50
C VAL C 355 31.62 -26.30 -13.17
N ASP C 356 32.53 -26.84 -12.36
CA ASP C 356 32.82 -26.28 -11.04
C ASP C 356 33.77 -25.09 -11.15
N PHE C 357 33.61 -24.13 -10.24
CA PHE C 357 34.38 -22.89 -10.27
C PHE C 357 35.87 -23.21 -10.34
N GLY C 358 36.59 -22.47 -11.16
CA GLY C 358 38.04 -22.66 -11.32
C GLY C 358 38.42 -23.67 -12.37
N ARG C 359 37.52 -24.60 -12.69
CA ARG C 359 37.82 -25.68 -13.62
C ARG C 359 37.57 -25.26 -15.06
N PRO C 360 38.20 -25.95 -16.03
CA PRO C 360 38.05 -25.56 -17.43
C PRO C 360 36.74 -26.05 -18.05
N ALA C 361 36.24 -25.29 -19.03
CA ALA C 361 35.03 -25.65 -19.78
C ALA C 361 35.35 -25.68 -21.27
N VAL C 362 34.99 -26.79 -21.93
CA VAL C 362 35.32 -27.01 -23.33
C VAL C 362 34.07 -27.06 -24.20
N PHE C 363 34.06 -26.25 -25.25
CA PHE C 363 33.03 -26.32 -26.28
C PHE C 363 33.67 -26.69 -27.61
N THR C 364 33.11 -27.68 -28.30
CA THR C 364 33.60 -28.10 -29.61
C THR C 364 32.54 -27.82 -30.67
N CYS C 365 32.88 -27.02 -31.67
CA CYS C 365 31.94 -26.77 -32.78
C CYS C 365 32.16 -27.77 -33.92
N GLN C 366 31.16 -28.61 -34.15
CA GLN C 366 31.15 -29.55 -35.28
C GLN C 366 30.27 -28.96 -36.38
N TYR C 367 30.84 -28.82 -37.59
CA TYR C 367 30.12 -28.22 -38.71
C TYR C 367 30.32 -28.98 -40.02
N THR C 368 29.32 -28.89 -40.89
CA THR C 368 29.38 -29.45 -42.23
C THR C 368 28.91 -28.41 -43.23
N GLY C 369 29.40 -28.52 -44.47
CA GLY C 369 29.03 -27.60 -45.54
C GLY C 369 30.23 -27.04 -46.28
N ASN C 370 30.00 -26.55 -47.49
CA ASN C 370 31.06 -26.02 -48.34
C ASN C 370 30.56 -24.88 -49.23
N PRO C 371 31.34 -23.79 -49.34
CA PRO C 371 32.58 -23.50 -48.63
C PRO C 371 32.30 -22.81 -47.30
N ILE C 372 33.29 -22.85 -46.41
CA ILE C 372 33.22 -22.16 -45.13
C ILE C 372 34.16 -20.98 -45.18
N LYS C 373 33.66 -19.76 -44.96
CA LYS C 373 34.48 -18.57 -45.04
C LYS C 373 34.90 -18.09 -43.66
N THR C 374 34.02 -18.29 -42.68
CA THR C 374 34.21 -17.75 -41.35
C THR C 374 33.54 -18.59 -40.27
N VAL C 375 34.36 -19.24 -39.45
CA VAL C 375 33.90 -19.93 -38.24
C VAL C 375 34.19 -19.03 -37.05
N SER C 376 33.14 -18.49 -36.44
CA SER C 376 33.29 -17.51 -35.36
C SER C 376 32.40 -17.85 -34.17
N TRP C 377 32.91 -17.58 -32.96
CA TRP C 377 32.16 -17.87 -31.74
C TRP C 377 31.41 -16.64 -31.22
N MET C 378 30.51 -16.88 -30.26
CA MET C 378 29.62 -15.83 -29.72
C MET C 378 29.17 -16.22 -28.30
N LYS C 379 28.74 -15.23 -27.52
CA LYS C 379 28.29 -15.48 -26.14
C LYS C 379 27.10 -14.59 -25.77
N ASP C 380 25.99 -15.21 -25.36
CA ASP C 380 24.78 -14.48 -24.97
C ASP C 380 24.52 -13.23 -25.81
N GLY C 381 24.50 -13.40 -27.13
CA GLY C 381 24.24 -12.29 -28.05
C GLY C 381 25.48 -11.62 -28.57
N LYS C 382 26.28 -11.06 -27.67
CA LYS C 382 27.51 -10.34 -28.05
C LYS C 382 28.63 -11.33 -28.42
N ALA C 383 29.41 -10.97 -29.42
CA ALA C 383 30.46 -11.85 -29.94
C ALA C 383 31.71 -11.85 -29.05
N ILE C 384 32.52 -12.89 -29.21
CA ILE C 384 33.82 -12.98 -28.55
C ILE C 384 34.92 -13.00 -29.62
N GLY C 385 36.18 -13.00 -29.18
CA GLY C 385 37.31 -12.93 -30.10
C GLY C 385 37.71 -14.25 -30.76
N HIS C 386 37.19 -15.36 -30.23
CA HIS C 386 37.58 -16.69 -30.69
C HIS C 386 36.97 -17.04 -32.07
N SER C 387 37.84 -17.43 -33.00
CA SER C 387 37.44 -17.76 -34.37
C SER C 387 37.96 -19.15 -34.79
N GLU C 388 38.11 -20.04 -33.81
CA GLU C 388 38.53 -21.42 -34.06
C GLU C 388 37.48 -22.38 -33.53
N SER C 389 37.42 -23.58 -34.10
CA SER C 389 36.37 -24.56 -33.80
C SER C 389 36.16 -24.80 -32.30
N VAL C 390 37.25 -25.07 -31.60
CA VAL C 390 37.20 -25.43 -30.17
C VAL C 390 37.37 -24.20 -29.27
N LEU C 391 36.30 -23.83 -28.58
CA LEU C 391 36.35 -22.75 -27.60
C LEU C 391 36.70 -23.36 -26.24
N ARG C 392 37.73 -22.83 -25.58
CA ARG C 392 38.24 -23.39 -24.34
C ARG C 392 38.35 -22.32 -23.24
N ILE C 393 37.50 -22.44 -22.22
CA ILE C 393 37.64 -21.64 -21.01
C ILE C 393 38.63 -22.34 -20.10
N GLU C 394 39.73 -21.66 -19.75
CA GLU C 394 40.80 -22.25 -18.95
C GLU C 394 40.42 -22.38 -17.48
N SER C 395 39.67 -21.41 -16.96
CA SER C 395 39.26 -21.41 -15.56
C SER C 395 37.92 -20.67 -15.40
N VAL C 396 36.84 -21.43 -15.21
CA VAL C 396 35.50 -20.87 -15.15
C VAL C 396 35.26 -20.05 -13.88
N LYS C 397 34.47 -18.99 -14.02
CA LYS C 397 33.97 -18.22 -12.88
C LYS C 397 32.57 -17.68 -13.16
N LYS C 398 31.92 -17.13 -12.13
CA LYS C 398 30.50 -16.75 -12.18
C LYS C 398 30.05 -16.19 -13.54
N GLU C 399 30.73 -15.14 -14.00
CA GLU C 399 30.37 -14.43 -15.23
C GLU C 399 30.42 -15.29 -16.51
N ASP C 400 31.06 -16.46 -16.43
CA ASP C 400 31.10 -17.41 -17.56
C ASP C 400 29.79 -18.21 -17.72
N LYS C 401 28.85 -18.11 -16.79
CA LYS C 401 27.57 -18.81 -16.93
C LYS C 401 26.81 -18.32 -18.15
N GLY C 402 25.98 -19.17 -18.74
CA GLY C 402 25.13 -18.76 -19.86
C GLY C 402 25.44 -19.42 -21.19
N MET C 403 24.94 -18.82 -22.27
CA MET C 403 24.92 -19.47 -23.59
C MET C 403 26.11 -19.08 -24.45
N TYR C 404 26.71 -20.07 -25.10
CA TYR C 404 27.84 -19.85 -26.02
C TYR C 404 27.50 -20.36 -27.42
N GLN C 405 27.24 -19.44 -28.35
CA GLN C 405 26.88 -19.82 -29.71
C GLN C 405 28.09 -19.96 -30.63
N CYS C 406 28.00 -20.87 -31.60
CA CYS C 406 29.00 -21.01 -32.65
C CYS C 406 28.39 -20.77 -34.03
N PHE C 407 29.01 -19.87 -34.79
CA PHE C 407 28.56 -19.50 -36.13
C PHE C 407 29.52 -20.03 -37.19
N VAL C 408 28.96 -20.59 -38.25
CA VAL C 408 29.72 -20.96 -39.45
C VAL C 408 29.05 -20.33 -40.66
N ARG C 409 29.69 -19.32 -41.23
CA ARG C 409 29.08 -18.54 -42.32
C ARG C 409 29.99 -18.34 -43.53
N ASN C 410 29.36 -18.04 -44.66
CA ASN C 410 30.05 -17.72 -45.90
C ASN C 410 29.34 -16.57 -46.64
N ASP C 411 29.46 -16.51 -47.96
CA ASP C 411 28.87 -15.43 -48.74
C ASP C 411 27.35 -15.51 -48.82
N ARG C 412 26.82 -16.72 -49.04
CA ARG C 412 25.39 -16.92 -49.30
C ARG C 412 24.63 -17.62 -48.16
N GLU C 413 25.36 -18.17 -47.20
CA GLU C 413 24.76 -18.96 -46.11
C GLU C 413 25.36 -18.66 -44.74
N SER C 414 24.63 -19.07 -43.70
CA SER C 414 25.06 -18.91 -42.32
C SER C 414 24.38 -19.95 -41.43
N ALA C 415 25.19 -20.84 -40.85
CA ALA C 415 24.68 -21.89 -39.96
C ALA C 415 25.09 -21.59 -38.52
N GLU C 416 24.16 -21.78 -37.59
CA GLU C 416 24.42 -21.52 -36.17
C GLU C 416 24.27 -22.79 -35.34
N ALA C 417 24.95 -22.80 -34.19
CA ALA C 417 24.84 -23.89 -33.23
C ALA C 417 24.93 -23.31 -31.82
N SER C 418 24.09 -23.82 -30.91
CA SER C 418 23.98 -23.26 -29.56
C SER C 418 24.48 -24.23 -28.49
N ALA C 419 24.78 -23.69 -27.32
CA ALA C 419 25.26 -24.47 -26.17
C ALA C 419 25.17 -23.67 -24.86
N GLU C 420 25.10 -24.37 -23.73
CA GLU C 420 24.97 -23.71 -22.43
C GLU C 420 26.03 -24.14 -21.41
N LEU C 421 26.40 -23.19 -20.55
CA LEU C 421 27.28 -23.44 -19.42
C LEU C 421 26.56 -23.14 -18.11
N LYS C 422 26.36 -24.20 -17.32
CA LYS C 422 25.84 -24.08 -15.96
C LYS C 422 27.01 -24.05 -14.97
N LEU C 423 26.89 -23.19 -13.95
CA LEU C 423 27.88 -23.13 -12.88
C LEU C 423 27.49 -24.12 -11.80
N GLY C 424 28.17 -25.27 -11.77
CA GLY C 424 27.83 -26.32 -10.84
C GLY C 424 28.39 -26.03 -9.48
N GLY C 425 29.55 -26.61 -9.20
CA GLY C 425 30.32 -26.31 -8.02
C GLY C 425 29.82 -26.95 -6.74
N ARG C 426 28.95 -26.24 -6.04
CA ARG C 426 28.83 -26.35 -4.59
C ARG C 426 30.27 -26.18 -4.08
N PHE C 427 30.81 -25.01 -4.39
CA PHE C 427 32.25 -24.79 -4.50
C PHE C 427 32.46 -23.27 -4.53
N ASP C 428 31.99 -22.62 -3.47
CA ASP C 428 31.76 -21.16 -3.48
C ASP C 428 33.04 -20.32 -3.58
N PRO C 429 33.02 -19.28 -4.45
CA PRO C 429 34.19 -18.48 -4.75
C PRO C 429 34.52 -17.45 -3.65
N PRO C 430 35.69 -16.78 -3.74
CA PRO C 430 36.08 -15.82 -2.71
C PRO C 430 35.23 -14.56 -2.71
N VAL C 431 34.80 -14.15 -1.51
CA VAL C 431 34.06 -12.91 -1.31
C VAL C 431 34.63 -12.18 -0.10
N ILE C 432 34.52 -10.86 -0.08
CA ILE C 432 35.10 -10.04 1.00
C ILE C 432 34.00 -9.45 1.89
N ARG C 433 34.03 -9.81 3.18
CA ARG C 433 32.96 -9.44 4.11
C ARG C 433 33.28 -8.12 4.82
N GLN C 434 33.99 -8.20 5.95
CA GLN C 434 34.38 -7.02 6.70
C GLN C 434 35.62 -6.46 6.02
N ALA C 435 35.45 -5.40 5.25
CA ALA C 435 36.54 -4.80 4.48
C ALA C 435 36.70 -3.33 4.84
N PHE C 436 37.94 -2.86 4.84
CA PHE C 436 38.22 -1.46 5.17
C PHE C 436 37.60 -0.51 4.15
N GLN C 437 37.26 0.68 4.60
CA GLN C 437 36.60 1.69 3.77
C GLN C 437 37.47 2.95 3.63
N GLU C 438 37.05 3.90 2.78
CA GLU C 438 37.84 5.10 2.51
C GLU C 438 38.12 5.90 3.78
N GLU C 439 39.29 6.52 3.81
CA GLU C 439 39.68 7.35 4.95
C GLU C 439 40.63 8.48 4.53
N THR C 440 40.65 9.54 5.32
CA THR C 440 41.62 10.63 5.17
C THR C 440 42.16 11.00 6.54
N MET C 441 43.43 11.39 6.60
CA MET C 441 44.07 11.69 7.87
C MET C 441 45.35 12.46 7.69
N GLU C 442 45.89 12.95 8.81
CA GLU C 442 47.18 13.61 8.84
C GLU C 442 48.22 12.61 9.30
N PRO C 443 49.46 12.79 8.87
CA PRO C 443 50.45 11.75 9.12
C PRO C 443 50.75 11.65 10.60
N GLY C 444 51.27 10.50 11.02
CA GLY C 444 51.60 10.25 12.42
C GLY C 444 51.02 8.96 12.93
N PRO C 445 49.69 8.91 13.10
CA PRO C 445 49.04 7.80 13.75
C PRO C 445 49.17 6.48 13.02
N SER C 446 48.98 5.40 13.79
CA SER C 446 49.09 4.06 13.27
C SER C 446 47.79 3.77 12.57
N VAL C 447 47.88 3.12 11.41
CA VAL C 447 46.69 2.77 10.62
C VAL C 447 46.56 1.27 10.51
N PHE C 448 45.33 0.81 10.65
CA PHE C 448 45.06 -0.63 10.64
C PHE C 448 43.96 -0.96 9.65
N LEU C 449 44.35 -1.42 8.46
CA LEU C 449 43.39 -1.83 7.44
C LEU C 449 43.11 -3.31 7.59
N LYS C 450 41.84 -3.70 7.51
CA LYS C 450 41.43 -5.08 7.64
C LYS C 450 40.60 -5.55 6.43
N CYS C 451 41.03 -6.67 5.84
CA CYS C 451 40.23 -7.40 4.85
C CYS C 451 39.94 -8.80 5.36
N VAL C 452 38.71 -9.02 5.77
CA VAL C 452 38.25 -10.35 6.15
C VAL C 452 37.49 -10.92 4.96
N ALA C 453 38.13 -11.90 4.31
CA ALA C 453 37.57 -12.55 3.12
C ALA C 453 37.15 -13.96 3.47
N GLY C 454 36.03 -14.38 2.89
CA GLY C 454 35.54 -15.74 3.03
C GLY C 454 35.47 -16.43 1.67
N GLY C 455 35.24 -17.74 1.70
CA GLY C 455 35.13 -18.52 0.48
C GLY C 455 35.47 -19.98 0.70
N ASN C 456 35.28 -20.78 -0.35
CA ASN C 456 35.54 -22.22 -0.32
C ASN C 456 36.22 -22.67 -1.61
N PRO C 457 37.53 -22.97 -1.55
CA PRO C 457 38.39 -23.03 -0.38
C PRO C 457 38.71 -21.66 0.22
N THR C 458 39.36 -21.68 1.37
CA THR C 458 39.77 -20.46 2.06
C THR C 458 40.87 -19.76 1.26
N PRO C 459 40.63 -18.52 0.82
CA PRO C 459 41.57 -17.85 -0.08
C PRO C 459 42.78 -17.25 0.63
N GLU C 460 43.78 -16.85 -0.16
CA GLU C 460 44.89 -16.03 0.34
C GLU C 460 44.58 -14.57 0.06
N ILE C 461 44.89 -13.70 1.02
CA ILE C 461 44.69 -12.26 0.85
C ILE C 461 46.02 -11.55 0.71
N SER C 462 46.23 -10.96 -0.47
CA SER C 462 47.44 -10.17 -0.72
C SER C 462 47.06 -8.70 -0.75
N TRP C 463 47.97 -7.83 -0.34
CA TRP C 463 47.72 -6.39 -0.32
C TRP C 463 48.45 -5.67 -1.44
N GLU C 464 47.80 -4.66 -2.00
CA GLU C 464 48.37 -3.85 -3.07
C GLU C 464 48.16 -2.36 -2.80
N LEU C 465 49.14 -1.57 -3.21
CA LEU C 465 49.04 -0.11 -3.16
C LEU C 465 49.36 0.48 -4.54
N ASP C 466 48.35 1.10 -5.15
CA ASP C 466 48.48 1.71 -6.48
C ASP C 466 49.12 0.77 -7.51
N GLY C 467 48.78 -0.52 -7.43
CA GLY C 467 49.34 -1.52 -8.36
C GLY C 467 50.62 -2.21 -7.90
N LYS C 468 51.28 -1.65 -6.89
CA LYS C 468 52.50 -2.24 -6.33
C LYS C 468 52.13 -3.12 -5.13
N LYS C 469 52.65 -4.34 -5.12
CA LYS C 469 52.47 -5.24 -3.98
C LYS C 469 53.48 -4.85 -2.91
N ILE C 470 52.99 -4.54 -1.72
CA ILE C 470 53.87 -4.23 -0.58
C ILE C 470 53.75 -5.35 0.45
N ALA C 471 54.89 -5.68 1.06
CA ALA C 471 54.97 -6.77 2.03
C ALA C 471 55.42 -6.21 3.37
N ASN C 472 56.08 -7.03 4.18
CA ASN C 472 56.68 -6.56 5.43
C ASN C 472 57.92 -5.69 5.12
N ASN C 473 57.67 -4.56 4.46
CA ASN C 473 58.69 -3.61 4.06
C ASN C 473 58.60 -2.35 4.91
N ASP C 474 59.74 -1.75 5.22
CA ASP C 474 59.77 -0.50 5.98
C ASP C 474 59.01 -0.67 7.32
N ARG C 475 57.91 0.05 7.50
CA ARG C 475 57.10 -0.03 8.71
C ARG C 475 55.67 -0.49 8.37
N TYR C 476 55.53 -1.11 7.21
CA TYR C 476 54.31 -1.84 6.89
C TYR C 476 54.47 -3.23 7.47
N GLN C 477 53.49 -3.67 8.22
CA GLN C 477 53.42 -5.03 8.70
C GLN C 477 52.16 -5.61 8.09
N VAL C 478 52.24 -6.81 7.52
CA VAL C 478 51.08 -7.43 6.88
C VAL C 478 50.87 -8.82 7.45
N GLY C 479 49.66 -9.08 7.91
CA GLY C 479 49.33 -10.35 8.54
C GLY C 479 48.12 -11.03 7.93
N GLN C 480 47.95 -12.32 8.27
CA GLN C 480 46.85 -13.12 7.77
C GLN C 480 46.69 -14.39 8.60
N TYR C 481 45.55 -14.54 9.27
CA TYR C 481 45.19 -15.81 9.94
C TYR C 481 43.83 -16.29 9.46
N VAL C 482 43.42 -17.47 9.94
CA VAL C 482 42.13 -18.04 9.56
C VAL C 482 41.26 -18.25 10.80
N THR C 483 40.01 -17.79 10.69
CA THR C 483 39.04 -17.91 11.78
C THR C 483 38.50 -19.33 11.90
N VAL C 484 37.94 -19.63 13.07
CA VAL C 484 37.33 -20.94 13.35
C VAL C 484 36.29 -21.34 12.30
N ASN C 485 35.59 -20.34 11.77
CA ASN C 485 34.54 -20.54 10.78
C ASN C 485 35.08 -20.81 9.37
N GLY C 486 36.36 -20.50 9.14
CA GLY C 486 37.01 -20.74 7.85
C GLY C 486 37.13 -19.52 6.96
N ASP C 487 37.08 -18.33 7.57
CA ASP C 487 37.30 -17.08 6.83
C ASP C 487 38.72 -16.59 7.11
N VAL C 488 39.32 -15.97 6.10
CA VAL C 488 40.66 -15.40 6.26
C VAL C 488 40.56 -13.96 6.73
N VAL C 489 41.22 -13.68 7.84
CA VAL C 489 41.32 -12.33 8.38
C VAL C 489 42.73 -11.83 8.11
N SER C 490 42.85 -10.93 7.14
CA SER C 490 44.15 -10.36 6.82
C SER C 490 44.21 -8.90 7.22
N TYR C 491 45.25 -8.55 7.96
CA TYR C 491 45.45 -7.18 8.40
C TYR C 491 46.62 -6.56 7.65
N LEU C 492 46.50 -5.25 7.40
CA LEU C 492 47.63 -4.42 6.96
C LEU C 492 47.83 -3.28 7.95
N ASN C 493 48.85 -3.43 8.79
CA ASN C 493 49.16 -2.44 9.80
C ASN C 493 50.29 -1.56 9.34
N ILE C 494 50.05 -0.26 9.32
CA ILE C 494 51.08 0.71 9.00
C ILE C 494 51.45 1.39 10.32
N THR C 495 52.72 1.29 10.69
CA THR C 495 53.21 1.73 12.01
C THR C 495 52.89 3.18 12.33
N SER C 496 53.20 4.06 11.39
CA SER C 496 52.98 5.49 11.57
C SER C 496 52.81 6.13 10.20
N VAL C 497 51.59 6.15 9.70
CA VAL C 497 51.35 6.59 8.31
C VAL C 497 52.11 7.88 8.01
N HIS C 498 52.90 7.85 6.95
CA HIS C 498 53.74 8.97 6.59
C HIS C 498 53.08 9.84 5.53
N ALA C 499 53.60 11.06 5.46
CA ALA C 499 53.18 12.05 4.47
C ALA C 499 52.65 11.44 3.17
N ASN C 500 53.39 10.50 2.62
CA ASN C 500 53.07 9.99 1.30
C ASN C 500 52.93 8.48 1.25
N ASP C 501 52.39 7.89 2.30
CA ASP C 501 51.94 6.50 2.23
C ASP C 501 50.58 6.44 1.56
N GLY C 502 49.88 7.58 1.57
CA GLY C 502 48.54 7.65 1.05
C GLY C 502 48.46 7.35 -0.44
N GLY C 503 47.32 6.83 -0.85
CA GLY C 503 47.05 6.48 -2.23
C GLY C 503 45.82 5.58 -2.30
N LEU C 504 45.83 4.68 -3.27
CA LEU C 504 44.76 3.71 -3.43
C LEU C 504 45.23 2.36 -2.95
N TYR C 505 44.77 1.95 -1.78
CA TYR C 505 45.07 0.64 -1.24
C TYR C 505 44.00 -0.33 -1.69
N LYS C 506 44.39 -1.56 -2.00
CA LYS C 506 43.42 -2.61 -2.24
C LYS C 506 43.90 -3.97 -1.76
N CYS C 507 42.97 -4.74 -1.22
CA CYS C 507 43.25 -6.12 -0.86
C CYS C 507 42.72 -7.01 -1.97
N ILE C 508 43.46 -8.07 -2.26
CA ILE C 508 43.09 -9.04 -3.27
C ILE C 508 42.89 -10.41 -2.64
N ALA C 509 41.63 -10.83 -2.55
CA ALA C 509 41.27 -12.14 -2.05
C ALA C 509 41.33 -13.12 -3.20
N LYS C 510 42.47 -13.79 -3.32
CA LYS C 510 42.71 -14.71 -4.43
C LYS C 510 42.55 -16.16 -3.97
N SER C 511 41.76 -16.92 -4.71
CA SER C 511 41.63 -18.36 -4.50
C SER C 511 41.93 -19.09 -5.80
N LYS C 512 42.40 -20.33 -5.68
CA LYS C 512 42.64 -21.16 -6.86
C LYS C 512 41.32 -21.59 -7.51
N VAL C 513 40.19 -21.09 -7.00
CA VAL C 513 38.88 -21.29 -7.62
C VAL C 513 38.32 -19.97 -8.18
N GLY C 514 39.17 -18.94 -8.27
CA GLY C 514 38.72 -17.62 -8.72
C GLY C 514 39.23 -16.53 -7.80
N VAL C 515 38.99 -15.28 -8.18
CA VAL C 515 39.53 -14.14 -7.44
C VAL C 515 38.44 -13.13 -7.11
N ALA C 516 38.69 -12.30 -6.10
CA ALA C 516 37.81 -11.19 -5.76
C ALA C 516 38.57 -10.14 -4.96
N GLU C 517 38.47 -8.88 -5.39
CA GLU C 517 39.29 -7.82 -4.81
C GLU C 517 38.42 -6.68 -4.26
N HIS C 518 39.02 -5.91 -3.35
CA HIS C 518 38.39 -4.72 -2.78
C HIS C 518 39.37 -3.56 -2.63
N SER C 519 39.07 -2.45 -3.30
CA SER C 519 39.91 -1.26 -3.28
C SER C 519 39.32 -0.20 -2.38
N ALA C 520 40.17 0.72 -1.94
CA ALA C 520 39.74 1.84 -1.12
C ALA C 520 40.84 2.87 -0.97
N LYS C 521 40.43 4.11 -0.73
CA LYS C 521 41.35 5.24 -0.76
C LYS C 521 41.82 5.63 0.65
N LEU C 522 43.14 5.79 0.81
CA LEU C 522 43.70 6.34 2.02
C LEU C 522 44.38 7.66 1.70
N ASN C 523 43.90 8.76 2.29
CA ASN C 523 44.45 10.07 2.02
C ASN C 523 45.32 10.55 3.15
N VAL C 524 46.51 11.05 2.82
CA VAL C 524 47.34 11.68 3.82
C VAL C 524 47.60 13.11 3.44
N TYR C 525 47.25 14.03 4.34
CA TYR C 525 47.50 15.45 4.11
C TYR C 525 49.01 15.64 3.99
N GLY C 526 49.45 16.03 2.80
CA GLY C 526 50.88 16.31 2.57
C GLY C 526 51.10 16.96 1.22
N LEU C 527 52.29 17.53 0.98
CA LEU C 527 52.52 18.17 -0.31
C LEU C 527 52.42 17.13 -1.42
N PRO C 528 52.09 17.57 -2.64
CA PRO C 528 51.92 16.60 -3.70
C PRO C 528 53.22 15.85 -3.88
N TYR C 529 53.09 14.54 -4.11
CA TYR C 529 54.26 13.67 -4.25
C TYR C 529 53.91 12.44 -5.08
N ILE C 530 54.55 12.32 -6.22
CA ILE C 530 54.27 11.22 -7.14
C ILE C 530 55.32 10.15 -6.95
N ARG C 531 54.88 8.89 -6.93
CA ARG C 531 55.80 7.79 -6.68
C ARG C 531 56.63 7.48 -7.91
N GLN C 532 57.52 6.49 -7.78
CA GLN C 532 58.24 5.96 -8.93
C GLN C 532 57.35 5.02 -9.71
N MET C 533 57.62 4.97 -11.02
CA MET C 533 56.88 4.11 -11.93
C MET C 533 57.90 3.34 -12.75
N GLU C 534 57.98 2.02 -12.54
CA GLU C 534 58.90 1.18 -13.31
C GLU C 534 58.43 1.08 -14.76
N LYS C 535 59.38 0.97 -15.68
CA LYS C 535 59.07 0.99 -17.11
C LYS C 535 57.91 0.04 -17.43
N LYS C 536 56.91 0.56 -18.14
CA LYS C 536 55.75 -0.23 -18.53
C LYS C 536 56.02 -0.85 -19.90
N ALA C 537 56.24 -2.16 -19.91
CA ALA C 537 56.53 -2.90 -21.13
C ALA C 537 55.23 -3.45 -21.72
N ILE C 538 54.80 -2.86 -22.82
CA ILE C 538 53.56 -3.26 -23.50
C ILE C 538 53.87 -3.75 -24.90
N VAL C 539 53.04 -4.67 -25.42
CA VAL C 539 53.23 -5.22 -26.76
C VAL C 539 52.16 -4.72 -27.73
N ALA C 540 52.53 -4.71 -29.01
CA ALA C 540 51.69 -4.16 -30.08
C ALA C 540 50.20 -4.43 -29.88
N GLY C 541 49.42 -3.36 -29.94
CA GLY C 541 47.96 -3.46 -29.98
C GLY C 541 47.31 -3.67 -28.64
N GLU C 542 48.10 -3.98 -27.61
CA GLU C 542 47.54 -4.12 -26.27
C GLU C 542 47.11 -2.75 -25.76
N THR C 543 46.22 -2.76 -24.77
CA THR C 543 45.72 -1.55 -24.16
C THR C 543 46.48 -1.25 -22.89
N LEU C 544 47.24 -0.15 -22.91
CA LEU C 544 47.99 0.30 -21.74
C LEU C 544 47.07 1.09 -20.82
N ILE C 545 46.90 0.61 -19.60
CA ILE C 545 46.13 1.33 -18.57
C ILE C 545 47.08 1.62 -17.42
N VAL C 546 47.24 2.90 -17.09
CA VAL C 546 48.20 3.31 -16.08
C VAL C 546 47.64 4.44 -15.22
N THR C 547 47.86 4.38 -13.91
CA THR C 547 47.34 5.39 -12.98
C THR C 547 48.46 6.13 -12.28
N CYS C 548 48.47 7.46 -12.41
CA CYS C 548 49.54 8.29 -11.84
C CYS C 548 49.51 8.29 -10.32
N PRO C 549 50.42 7.53 -9.68
CA PRO C 549 50.34 7.30 -8.24
C PRO C 549 50.77 8.53 -7.44
N VAL C 550 49.79 9.38 -7.13
CA VAL C 550 50.00 10.58 -6.34
C VAL C 550 49.88 10.29 -4.85
N ALA C 551 50.44 11.19 -4.05
CA ALA C 551 50.35 11.11 -2.60
C ALA C 551 50.28 12.53 -2.04
N GLY C 552 49.65 12.65 -0.88
CA GLY C 552 49.27 13.97 -0.33
C GLY C 552 47.81 14.20 -0.70
N TYR C 553 47.02 14.76 0.23
CA TYR C 553 45.55 14.85 0.03
C TYR C 553 44.94 16.17 -0.46
N PRO C 554 45.58 17.32 -0.18
CA PRO C 554 44.96 18.51 -0.75
C PRO C 554 45.18 18.61 -2.27
N ILE C 555 45.52 17.50 -2.93
CA ILE C 555 45.81 17.43 -4.36
C ILE C 555 44.65 17.94 -5.23
N ASP C 556 44.96 18.84 -6.16
CA ASP C 556 43.94 19.53 -6.94
C ASP C 556 43.85 18.95 -8.34
N SER C 557 44.99 18.88 -9.02
CA SER C 557 45.02 18.60 -10.45
C SER C 557 46.09 17.58 -10.83
N ILE C 558 45.65 16.43 -11.33
CA ILE C 558 46.54 15.38 -11.85
C ILE C 558 46.39 15.34 -13.37
N VAL C 559 47.38 15.88 -14.08
CA VAL C 559 47.34 15.93 -15.54
C VAL C 559 48.52 15.17 -16.14
N TRP C 560 48.24 14.35 -17.16
CA TRP C 560 49.26 13.61 -17.89
C TRP C 560 49.77 14.43 -19.08
N GLU C 561 51.09 14.41 -19.27
CA GLU C 561 51.74 15.15 -20.35
C GLU C 561 52.72 14.28 -21.11
N ARG C 562 52.78 14.50 -22.43
CA ARG C 562 53.81 13.91 -23.27
C ARG C 562 54.60 15.06 -23.91
N ASP C 563 55.91 15.08 -23.66
CA ASP C 563 56.80 16.12 -24.19
C ASP C 563 56.22 17.54 -24.03
N ASN C 564 55.61 17.78 -22.87
CA ASN C 564 55.03 19.08 -22.50
C ASN C 564 53.59 19.30 -22.98
N ARG C 565 53.23 18.70 -24.12
CA ARG C 565 51.88 18.82 -24.63
C ARG C 565 50.94 17.87 -23.91
N ALA C 566 49.73 18.35 -23.62
CA ALA C 566 48.74 17.60 -22.85
C ALA C 566 48.53 16.25 -23.51
N LEU C 567 48.60 15.19 -22.70
CA LEU C 567 48.65 13.82 -23.24
C LEU C 567 47.57 13.49 -24.27
N PRO C 568 46.31 13.91 -24.03
CA PRO C 568 45.36 13.59 -25.09
C PRO C 568 45.71 14.36 -26.36
N ILE C 569 46.27 13.67 -27.36
CA ILE C 569 46.43 14.25 -28.70
C ILE C 569 45.99 13.34 -29.85
N ASN C 570 45.67 12.07 -29.54
CA ASN C 570 45.28 11.11 -30.57
C ASN C 570 44.16 10.16 -30.15
N ARG C 571 43.50 9.58 -31.16
CA ARG C 571 42.36 8.67 -30.98
C ARG C 571 42.56 7.69 -29.82
N LYS C 572 43.69 6.99 -29.84
CA LYS C 572 43.94 5.88 -28.90
C LYS C 572 44.16 6.32 -27.46
N GLN C 573 44.61 7.57 -27.26
CA GLN C 573 44.88 8.07 -25.92
C GLN C 573 43.61 8.58 -25.25
N LYS C 574 43.36 8.09 -24.03
CA LYS C 574 42.31 8.63 -23.18
C LYS C 574 42.89 8.93 -21.80
N VAL C 575 42.41 10.01 -21.19
CA VAL C 575 42.89 10.44 -19.87
C VAL C 575 41.72 10.94 -19.02
N PHE C 576 41.76 10.64 -17.72
CA PHE C 576 40.67 10.98 -16.81
C PHE C 576 41.16 11.82 -15.63
N PRO C 577 40.29 12.70 -15.09
CA PRO C 577 40.66 13.60 -13.99
C PRO C 577 41.05 12.87 -12.71
N ASN C 578 40.71 11.59 -12.61
CA ASN C 578 41.16 10.75 -11.49
C ASN C 578 42.67 10.49 -11.51
N GLY C 579 43.31 10.78 -12.64
CA GLY C 579 44.76 10.66 -12.78
C GLY C 579 45.20 9.40 -13.51
N THR C 580 44.24 8.71 -14.15
CA THR C 580 44.57 7.51 -14.87
C THR C 580 44.56 7.79 -16.39
N LEU C 581 45.60 7.27 -17.04
CA LEU C 581 45.76 7.32 -18.49
C LEU C 581 45.45 5.95 -19.05
N ILE C 582 44.98 5.91 -20.30
CA ILE C 582 44.71 4.66 -20.97
C ILE C 582 44.86 4.77 -22.50
N ILE C 583 45.82 4.02 -23.05
CA ILE C 583 46.04 3.96 -24.49
C ILE C 583 45.43 2.67 -25.02
N GLU C 584 44.66 2.76 -26.12
CA GLU C 584 43.93 1.60 -26.65
C GLU C 584 44.78 0.62 -27.48
N ASN C 585 45.23 1.07 -28.65
CA ASN C 585 46.00 0.22 -29.55
C ASN C 585 47.45 0.69 -29.54
N VAL C 586 48.30 -0.01 -28.78
CA VAL C 586 49.70 0.39 -28.65
C VAL C 586 50.50 0.11 -29.93
N GLU C 587 51.29 1.08 -30.36
CA GLU C 587 52.16 0.94 -31.54
C GLU C 587 53.46 1.71 -31.33
N ARG C 588 54.56 1.16 -31.83
CA ARG C 588 55.90 1.55 -31.38
C ARG C 588 56.26 3.02 -31.60
N ASN C 589 56.64 3.39 -32.83
CA ASN C 589 57.01 4.79 -33.11
C ASN C 589 55.89 5.79 -32.83
N SER C 590 54.65 5.31 -32.73
CA SER C 590 53.51 6.14 -32.33
C SER C 590 53.53 6.53 -30.84
N ASP C 591 53.57 5.53 -29.95
CA ASP C 591 53.43 5.78 -28.49
C ASP C 591 54.50 5.16 -27.58
N GLN C 592 55.55 4.56 -28.15
CA GLN C 592 56.72 4.17 -27.34
C GLN C 592 57.45 5.44 -26.94
N ALA C 593 57.48 5.72 -25.64
CA ALA C 593 58.10 6.97 -25.16
C ALA C 593 58.16 7.03 -23.64
N THR C 594 58.68 8.14 -23.13
CA THR C 594 58.65 8.44 -21.69
C THR C 594 57.56 9.46 -21.41
N TYR C 595 56.46 9.00 -20.82
CA TYR C 595 55.32 9.85 -20.49
C TYR C 595 55.57 10.49 -19.13
N THR C 596 54.88 11.59 -18.83
CA THR C 596 54.98 12.23 -17.53
C THR C 596 53.60 12.54 -16.97
N CYS C 597 53.46 12.44 -15.65
CA CYS C 597 52.24 12.90 -14.99
C CYS C 597 52.58 13.94 -13.93
N VAL C 598 51.88 15.06 -13.98
CA VAL C 598 52.09 16.15 -13.05
C VAL C 598 50.90 16.19 -12.10
N ALA C 599 51.20 16.26 -10.81
CA ALA C 599 50.17 16.41 -9.78
C ALA C 599 50.48 17.65 -8.97
N LYS C 600 49.52 18.58 -8.92
CA LYS C 600 49.70 19.80 -8.15
C LYS C 600 48.46 20.15 -7.33
N ASN C 601 48.70 20.66 -6.13
CA ASN C 601 47.61 21.06 -5.25
C ASN C 601 47.22 22.50 -5.52
N GLN C 602 46.12 22.92 -4.92
CA GLN C 602 45.74 24.33 -4.95
C GLN C 602 46.92 25.13 -4.43
N GLU C 603 47.07 26.34 -4.98
CA GLU C 603 48.15 27.26 -4.62
C GLU C 603 49.56 26.67 -4.67
N GLY C 604 50.06 26.51 -5.89
CA GLY C 604 51.50 26.36 -6.12
C GLY C 604 52.09 24.96 -6.20
N TYR C 605 52.14 24.27 -5.07
CA TYR C 605 52.96 23.04 -4.95
C TYR C 605 52.60 21.98 -5.99
N SER C 606 53.63 21.38 -6.55
CA SER C 606 53.48 20.38 -7.61
C SER C 606 54.53 19.27 -7.50
N ALA C 607 54.26 18.15 -8.17
CA ALA C 607 55.18 17.02 -8.20
C ALA C 607 55.11 16.35 -9.56
N ARG C 608 56.25 15.83 -10.01
CA ARG C 608 56.39 15.23 -11.35
C ARG C 608 56.70 13.73 -11.30
N GLY C 609 56.05 12.97 -12.17
CA GLY C 609 56.33 11.54 -12.32
C GLY C 609 56.62 11.19 -13.77
N SER C 610 57.63 10.35 -13.99
CA SER C 610 58.07 9.96 -15.33
C SER C 610 57.89 8.46 -15.55
N LEU C 611 56.97 8.12 -16.45
CA LEU C 611 56.72 6.72 -16.84
C LEU C 611 57.46 6.43 -18.15
N GLU C 612 58.04 5.24 -18.25
CA GLU C 612 58.73 4.82 -19.47
C GLU C 612 57.92 3.71 -20.17
N VAL C 613 57.03 4.11 -21.07
CA VAL C 613 56.20 3.16 -21.82
C VAL C 613 56.96 2.59 -23.02
N GLN C 614 57.36 1.32 -22.89
CA GLN C 614 58.05 0.60 -23.95
C GLN C 614 57.01 -0.15 -24.79
N VAL C 615 57.23 -0.20 -26.10
CA VAL C 615 56.30 -0.89 -27.01
C VAL C 615 56.95 -2.04 -27.77
N MET C 616 56.61 -3.25 -27.34
CA MET C 616 56.99 -4.49 -28.02
C MET C 616 55.98 -4.71 -29.16
N VAL C 617 55.75 -5.96 -29.56
CA VAL C 617 55.06 -6.27 -30.81
C VAL C 617 54.69 -7.76 -30.94
N LEU C 618 53.44 -8.04 -31.29
CA LEU C 618 52.94 -9.41 -31.42
C LEU C 618 53.46 -10.01 -32.73
N PRO C 619 53.98 -11.27 -32.69
CA PRO C 619 54.68 -11.86 -33.84
C PRO C 619 53.82 -12.05 -35.09
N ARG C 620 54.35 -11.69 -36.25
CA ARG C 620 53.64 -11.83 -37.51
C ARG C 620 54.25 -12.96 -38.34
N ILE C 621 53.52 -14.04 -38.50
CA ILE C 621 54.01 -15.22 -39.23
C ILE C 621 53.65 -15.14 -40.72
N ILE C 622 54.65 -15.36 -41.58
CA ILE C 622 54.42 -15.33 -43.03
C ILE C 622 53.90 -16.71 -43.47
N PRO C 623 53.07 -16.77 -44.54
CA PRO C 623 52.57 -18.09 -44.99
C PRO C 623 53.66 -19.03 -45.53
N PHE C 624 53.28 -20.30 -45.73
CA PHE C 624 54.20 -21.32 -46.26
C PHE C 624 53.76 -21.88 -47.61
N ALA C 625 54.59 -22.72 -48.18
CA ALA C 625 54.30 -23.37 -49.45
C ALA C 625 55.30 -24.47 -49.78
N PHE C 626 54.81 -25.71 -49.86
CA PHE C 626 55.59 -26.82 -50.40
C PHE C 626 55.76 -26.58 -51.91
N GLU C 627 56.40 -27.51 -52.61
CA GLU C 627 56.35 -27.51 -54.08
C GLU C 627 54.95 -27.94 -54.51
N GLU C 628 53.97 -27.09 -54.20
CA GLU C 628 52.56 -27.40 -54.43
C GLU C 628 52.42 -28.53 -55.44
N GLY C 629 52.08 -29.71 -54.93
CA GLY C 629 51.91 -30.91 -55.74
C GLY C 629 50.58 -31.58 -55.43
N PRO C 630 50.41 -32.09 -54.21
CA PRO C 630 51.42 -32.32 -53.17
C PRO C 630 52.34 -33.51 -53.48
N ALA C 631 53.12 -33.95 -52.49
CA ALA C 631 54.19 -34.93 -52.70
C ALA C 631 53.71 -36.35 -53.01
N GLN C 632 54.55 -37.10 -53.72
CA GLN C 632 54.38 -38.52 -53.97
C GLN C 632 55.26 -39.32 -53.00
N VAL C 633 54.78 -40.48 -52.56
CA VAL C 633 55.52 -41.31 -51.57
C VAL C 633 56.98 -41.48 -51.98
N GLY C 634 57.90 -41.22 -51.05
CA GLY C 634 59.33 -41.18 -51.36
C GLY C 634 59.70 -39.85 -51.98
N GLN C 635 59.59 -38.80 -51.17
CA GLN C 635 59.84 -37.42 -51.61
C GLN C 635 60.72 -36.66 -50.64
N TYR C 636 61.08 -35.44 -51.03
CA TYR C 636 61.83 -34.51 -50.21
C TYR C 636 61.06 -33.19 -50.10
N LEU C 637 60.44 -32.96 -48.94
CA LEU C 637 59.60 -31.77 -48.72
C LEU C 637 60.26 -30.81 -47.73
N THR C 638 60.27 -29.53 -48.09
CA THR C 638 60.90 -28.49 -47.27
C THR C 638 59.92 -27.34 -47.00
N LEU C 639 59.56 -27.15 -45.73
CA LEU C 639 58.60 -26.15 -45.31
C LEU C 639 59.33 -25.08 -44.48
N HIS C 640 59.00 -23.82 -44.69
CA HIS C 640 59.75 -22.69 -44.11
C HIS C 640 58.88 -21.73 -43.30
N CYS C 641 59.09 -21.69 -41.98
CA CYS C 641 58.33 -20.80 -41.09
C CYS C 641 59.15 -19.57 -40.71
N SER C 642 58.82 -18.43 -41.31
CA SER C 642 59.48 -17.15 -41.04
C SER C 642 58.54 -16.17 -40.33
N VAL C 643 59.06 -15.48 -39.32
CA VAL C 643 58.28 -14.61 -38.47
C VAL C 643 59.13 -13.45 -37.94
N PRO C 644 58.87 -12.22 -38.40
CA PRO C 644 59.33 -11.04 -37.67
C PRO C 644 58.32 -10.55 -36.61
N GLY C 645 58.83 -9.95 -35.53
CA GLY C 645 57.97 -9.48 -34.44
C GLY C 645 58.74 -9.18 -33.17
N GLY C 646 58.19 -9.63 -32.03
CA GLY C 646 58.80 -9.37 -30.73
C GLY C 646 60.25 -9.83 -30.68
N ASP C 647 61.17 -8.85 -30.72
CA ASP C 647 62.61 -9.10 -30.60
C ASP C 647 62.92 -10.07 -29.47
N LEU C 648 64.11 -10.66 -29.49
CA LEU C 648 64.62 -11.51 -28.39
C LEU C 648 63.84 -12.85 -28.23
N PRO C 649 62.88 -12.95 -27.27
CA PRO C 649 62.31 -14.29 -27.08
C PRO C 649 61.46 -14.76 -28.26
N LEU C 650 61.80 -15.91 -28.82
CA LEU C 650 61.05 -16.50 -29.93
C LEU C 650 61.01 -18.02 -29.79
N ASN C 651 59.88 -18.54 -29.32
CA ASN C 651 59.69 -19.98 -29.17
C ASN C 651 58.90 -20.54 -30.35
N ILE C 652 59.61 -21.20 -31.28
CA ILE C 652 58.98 -21.78 -32.47
C ILE C 652 58.91 -23.30 -32.36
N ASP C 653 57.70 -23.84 -32.45
CA ASP C 653 57.48 -25.29 -32.45
C ASP C 653 56.69 -25.71 -33.67
N TRP C 654 56.75 -27.00 -33.99
CA TRP C 654 55.98 -27.59 -35.07
C TRP C 654 54.99 -28.60 -34.50
N THR C 655 53.78 -28.62 -35.05
CA THR C 655 52.72 -29.48 -34.55
C THR C 655 51.99 -30.18 -35.68
N LEU C 656 51.85 -31.50 -35.55
CA LEU C 656 51.04 -32.30 -36.46
C LEU C 656 49.76 -32.69 -35.73
N ASP C 657 48.61 -32.57 -36.40
CA ASP C 657 47.30 -32.79 -35.75
C ASP C 657 47.35 -33.71 -34.53
N GLY C 658 47.31 -33.13 -33.33
CA GLY C 658 47.23 -33.89 -32.07
C GLY C 658 48.48 -33.88 -31.22
N GLN C 659 49.65 -33.86 -31.84
CA GLN C 659 50.93 -34.02 -31.14
C GLN C 659 52.04 -33.18 -31.81
N ALA C 660 53.27 -33.33 -31.32
CA ALA C 660 54.42 -32.60 -31.86
C ALA C 660 55.63 -33.52 -32.05
N ILE C 661 55.97 -33.77 -33.32
CA ILE C 661 57.21 -34.46 -33.74
C ILE C 661 57.95 -35.30 -32.70
N SER C 662 57.84 -36.62 -32.81
CA SER C 662 58.79 -37.53 -32.19
C SER C 662 59.82 -37.86 -33.26
N GLU C 663 61.07 -37.46 -33.02
CA GLU C 663 62.15 -37.54 -34.02
C GLU C 663 62.27 -38.91 -34.70
N ASP C 664 62.03 -39.97 -33.92
CA ASP C 664 61.99 -41.35 -34.44
C ASP C 664 61.22 -41.47 -35.76
N LEU C 665 60.10 -40.74 -35.86
CA LEU C 665 59.25 -40.78 -37.05
C LEU C 665 59.99 -40.46 -38.35
N GLY C 666 61.00 -39.59 -38.27
CA GLY C 666 61.78 -39.19 -39.44
C GLY C 666 61.32 -37.88 -40.02
N ILE C 667 61.45 -36.81 -39.22
CA ILE C 667 61.15 -35.44 -39.64
C ILE C 667 62.19 -34.49 -39.02
N THR C 668 62.93 -33.80 -39.87
CA THR C 668 64.05 -32.97 -39.41
C THR C 668 63.62 -31.52 -39.24
N THR C 669 63.50 -31.09 -37.99
CA THR C 669 63.13 -29.71 -37.66
C THR C 669 64.40 -28.91 -37.37
N SER C 670 64.65 -27.87 -38.17
CA SER C 670 65.79 -26.98 -37.96
C SER C 670 65.35 -25.54 -37.77
N ARG C 671 66.23 -24.74 -37.16
CA ARG C 671 66.01 -23.31 -37.01
C ARG C 671 66.86 -22.55 -38.02
N VAL C 672 66.58 -21.26 -38.15
CA VAL C 672 67.37 -20.34 -38.97
C VAL C 672 67.90 -19.20 -38.10
N GLY C 673 69.13 -18.80 -38.36
CA GLY C 673 69.88 -17.82 -37.55
C GLY C 673 69.08 -16.92 -36.62
N ARG C 674 68.35 -15.98 -37.21
CA ARG C 674 67.59 -14.97 -36.45
C ARG C 674 66.20 -15.52 -36.07
N ARG C 675 66.21 -16.65 -35.35
CA ARG C 675 65.02 -17.40 -34.97
C ARG C 675 63.98 -17.58 -36.09
N GLY C 676 64.43 -18.05 -37.25
CA GLY C 676 63.53 -18.53 -38.29
C GLY C 676 63.42 -20.03 -38.13
N SER C 677 62.68 -20.68 -39.03
CA SER C 677 62.53 -22.14 -38.96
C SER C 677 62.38 -22.81 -40.33
N VAL C 678 62.97 -24.00 -40.45
CA VAL C 678 62.83 -24.83 -41.64
C VAL C 678 62.55 -26.29 -41.26
N LEU C 679 61.37 -26.76 -41.62
CA LEU C 679 60.99 -28.15 -41.43
C LEU C 679 61.31 -28.94 -42.69
N THR C 680 62.31 -29.81 -42.61
CA THR C 680 62.71 -30.66 -43.73
C THR C 680 62.24 -32.08 -43.49
N ILE C 681 61.62 -32.66 -44.51
CA ILE C 681 61.18 -34.05 -44.49
C ILE C 681 61.71 -34.75 -45.73
N GLU C 682 62.88 -35.38 -45.60
CA GLU C 682 63.38 -36.28 -46.65
C GLU C 682 62.73 -37.65 -46.46
N ALA C 683 62.53 -38.36 -47.56
CA ALA C 683 61.86 -39.67 -47.52
C ALA C 683 60.43 -39.56 -46.98
N VAL C 684 59.58 -38.84 -47.70
CA VAL C 684 58.17 -38.70 -47.34
C VAL C 684 57.46 -40.06 -47.27
N GLU C 685 56.70 -40.27 -46.20
CA GLU C 685 55.93 -41.50 -46.00
C GLU C 685 54.46 -41.19 -45.78
N ALA C 686 53.62 -42.22 -45.91
CA ALA C 686 52.17 -42.08 -45.69
C ALA C 686 51.86 -41.52 -44.31
N SER C 687 52.63 -41.97 -43.31
CA SER C 687 52.52 -41.48 -41.94
C SER C 687 52.69 -39.96 -41.83
N HIS C 688 53.41 -39.36 -42.77
CA HIS C 688 53.63 -37.91 -42.80
C HIS C 688 52.43 -37.14 -43.36
N ALA C 689 51.40 -37.85 -43.82
CA ALA C 689 50.20 -37.21 -44.36
C ALA C 689 49.34 -36.62 -43.25
N GLY C 690 48.76 -35.44 -43.49
CA GLY C 690 47.84 -34.81 -42.56
C GLY C 690 47.99 -33.30 -42.42
N ASN C 691 47.47 -32.77 -41.32
CA ASN C 691 47.47 -31.33 -41.06
C ASN C 691 48.73 -30.89 -40.32
N PHE C 692 49.53 -30.06 -40.98
CA PHE C 692 50.79 -29.53 -40.42
C PHE C 692 50.61 -28.09 -39.98
N THR C 693 51.20 -27.73 -38.85
CA THR C 693 51.04 -26.37 -38.28
C THR C 693 52.30 -25.86 -37.58
N CYS C 694 52.77 -24.69 -37.99
CA CYS C 694 53.86 -23.99 -37.30
C CYS C 694 53.25 -23.19 -36.17
N HIS C 695 53.50 -23.62 -34.92
CA HIS C 695 53.01 -22.94 -33.73
C HIS C 695 54.18 -22.16 -33.11
N ALA C 696 54.15 -20.83 -33.27
CA ALA C 696 55.25 -19.97 -32.83
C ALA C 696 54.76 -18.86 -31.89
N ARG C 697 55.30 -18.83 -30.67
CA ARG C 697 54.89 -17.81 -29.69
C ARG C 697 56.04 -16.94 -29.22
N ASN C 698 55.69 -15.72 -28.80
CA ASN C 698 56.65 -14.68 -28.41
C ASN C 698 56.10 -13.89 -27.23
N LEU C 699 56.95 -13.67 -26.23
CA LEU C 699 56.60 -12.88 -25.04
C LEU C 699 55.39 -11.97 -25.29
N ALA C 700 54.28 -12.31 -24.64
CA ALA C 700 53.02 -11.55 -24.76
C ALA C 700 52.30 -11.80 -26.09
N GLY C 701 52.30 -13.05 -26.53
CA GLY C 701 51.56 -13.42 -27.74
C GLY C 701 51.90 -14.79 -28.28
N HIS C 702 50.98 -15.33 -29.09
CA HIS C 702 51.14 -16.66 -29.70
C HIS C 702 50.42 -16.74 -31.05
N GLN C 703 51.19 -16.94 -32.12
CA GLN C 703 50.63 -17.00 -33.46
C GLN C 703 51.06 -18.27 -34.21
N GLN C 704 50.24 -18.70 -35.15
CA GLN C 704 50.48 -19.96 -35.84
C GLN C 704 49.90 -19.96 -37.24
N PHE C 705 50.42 -20.87 -38.08
CA PHE C 705 49.87 -21.09 -39.42
C PHE C 705 49.86 -22.57 -39.81
N THR C 706 48.79 -22.96 -40.49
CA THR C 706 48.54 -24.35 -40.86
C THR C 706 48.59 -24.55 -42.36
N THR C 707 49.20 -25.65 -42.79
CA THR C 707 49.22 -26.06 -44.20
C THR C 707 48.88 -27.55 -44.29
N PRO C 708 48.09 -27.94 -45.31
CA PRO C 708 47.78 -29.36 -45.50
C PRO C 708 48.90 -30.11 -46.22
N LEU C 709 49.11 -31.36 -45.84
CA LEU C 709 50.10 -32.24 -46.49
C LEU C 709 49.45 -33.55 -46.94
N ASN C 710 49.16 -33.65 -48.23
CA ASN C 710 48.57 -34.86 -48.80
C ASN C 710 49.61 -35.67 -49.56
N VAL C 711 49.37 -36.98 -49.69
CA VAL C 711 50.33 -37.86 -50.37
C VAL C 711 49.69 -39.17 -50.85
#